data_1Z1S
# 
_entry.id   1Z1S 
# 
_audit_conform.dict_name       mmcif_pdbx.dic 
_audit_conform.dict_version    5.387 
_audit_conform.dict_location   http://mmcif.pdb.org/dictionaries/ascii/mmcif_pdbx.dic 
# 
loop_
_database_2.database_id 
_database_2.database_code 
_database_2.pdbx_database_accession 
_database_2.pdbx_DOI 
PDB   1Z1S         pdb_00001z1s 10.2210/pdb1z1s/pdb 
RCSB  RCSB032189   ?            ?                   
WWPDB D_1000032189 ?            ?                   
# 
loop_
_pdbx_audit_revision_history.ordinal 
_pdbx_audit_revision_history.data_content_type 
_pdbx_audit_revision_history.major_revision 
_pdbx_audit_revision_history.minor_revision 
_pdbx_audit_revision_history.revision_date 
1 'Structure model' 1 0 2005-04-19 
2 'Structure model' 1 1 2008-04-30 
3 'Structure model' 1 2 2011-07-13 
4 'Structure model' 1 3 2024-02-14 
# 
_pdbx_audit_revision_details.ordinal             1 
_pdbx_audit_revision_details.revision_ordinal    1 
_pdbx_audit_revision_details.data_content_type   'Structure model' 
_pdbx_audit_revision_details.provider            repository 
_pdbx_audit_revision_details.type                'Initial release' 
_pdbx_audit_revision_details.description         ? 
_pdbx_audit_revision_details.details             ? 
# 
loop_
_pdbx_audit_revision_group.ordinal 
_pdbx_audit_revision_group.revision_ordinal 
_pdbx_audit_revision_group.data_content_type 
_pdbx_audit_revision_group.group 
1 2 'Structure model' 'Version format compliance' 
2 3 'Structure model' 'Version format compliance' 
3 4 'Structure model' 'Data collection'           
4 4 'Structure model' 'Database references'       
5 4 'Structure model' 'Derived calculations'      
# 
loop_
_pdbx_audit_revision_category.ordinal 
_pdbx_audit_revision_category.revision_ordinal 
_pdbx_audit_revision_category.data_content_type 
_pdbx_audit_revision_category.category 
1 4 'Structure model' chem_comp_atom         
2 4 'Structure model' chem_comp_bond         
3 4 'Structure model' database_2             
4 4 'Structure model' pdbx_struct_conn_angle 
5 4 'Structure model' struct_conn            
6 4 'Structure model' struct_ref_seq_dif     
7 4 'Structure model' struct_site            
# 
loop_
_pdbx_audit_revision_item.ordinal 
_pdbx_audit_revision_item.revision_ordinal 
_pdbx_audit_revision_item.data_content_type 
_pdbx_audit_revision_item.item 
1  4 'Structure model' '_database_2.pdbx_DOI'                      
2  4 'Structure model' '_database_2.pdbx_database_accession'       
3  4 'Structure model' '_pdbx_struct_conn_angle.ptnr1_auth_seq_id' 
4  4 'Structure model' '_pdbx_struct_conn_angle.ptnr3_auth_seq_id' 
5  4 'Structure model' '_pdbx_struct_conn_angle.value'             
6  4 'Structure model' '_struct_conn.pdbx_dist_value'              
7  4 'Structure model' '_struct_conn.ptnr2_auth_seq_id'            
8  4 'Structure model' '_struct_ref_seq_dif.details'               
9  4 'Structure model' '_struct_site.pdbx_auth_asym_id'            
10 4 'Structure model' '_struct_site.pdbx_auth_comp_id'            
11 4 'Structure model' '_struct_site.pdbx_auth_seq_id'             
# 
_pdbx_database_status.status_code                     REL 
_pdbx_database_status.entry_id                        1Z1S 
_pdbx_database_status.recvd_initial_deposition_date   2005-03-06 
_pdbx_database_status.deposit_site                    RCSB 
_pdbx_database_status.process_site                    RCSB 
_pdbx_database_status.status_code_sf                  REL 
_pdbx_database_status.status_code_mr                  ? 
_pdbx_database_status.SG_entry                        Y 
_pdbx_database_status.pdb_format_compatible           Y 
_pdbx_database_status.status_code_cs                  ? 
_pdbx_database_status.status_code_nmr_data            ? 
_pdbx_database_status.methods_development_category    ? 
# 
_pdbx_database_related.db_name        TargetDB 
_pdbx_database_related.db_id          APC5612 
_pdbx_database_related.details        . 
_pdbx_database_related.content_type   unspecified 
# 
loop_
_audit_author.name 
_audit_author.pdbx_ordinal 
'Kim, Y.'                                       1 
'Joachimiak, A.'                                2 
'Xu, X.'                                        3 
'Savchenko, A.'                                 4 
'Edwards, A.'                                   5 
'Midwest Center for Structural Genomics (MCSG)' 6 
# 
_citation.id                        primary 
_citation.title                     'Crystal Structure of the Conserved Hypothetical Protein PA3332 from Pseudomonas aeruginosa' 
_citation.journal_abbrev            'To be Published' 
_citation.journal_volume            ? 
_citation.page_first                ? 
_citation.page_last                 ? 
_citation.year                      ? 
_citation.journal_id_ASTM           ? 
_citation.country                   ? 
_citation.journal_id_ISSN           ? 
_citation.journal_id_CSD            0353 
_citation.book_publisher            ? 
_citation.pdbx_database_id_PubMed   ? 
_citation.pdbx_database_id_DOI      ? 
# 
loop_
_citation_author.citation_id 
_citation_author.name 
_citation_author.ordinal 
_citation_author.identifier_ORCID 
primary 'Kim, Y.'        1 ? 
primary 'Joachimiak, A.' 2 ? 
primary 'Xu, X.'         3 ? 
primary 'Savchenko, A.'  4 ? 
primary 'Edwards, A.'    5 ? 
# 
loop_
_entity.id 
_entity.type 
_entity.src_method 
_entity.pdbx_description 
_entity.formula_weight 
_entity.pdbx_number_of_molecules 
_entity.pdbx_ec 
_entity.pdbx_mutation 
_entity.pdbx_fragment 
_entity.details 
1 polymer     man 'Hypothetical Protein PA3332' 18509.775 1   ? ? ? ? 
2 non-polymer syn 'MAGNESIUM ION'               24.305    1   ? ? ? ? 
3 non-polymer syn 'TRIETHYLENE GLYCOL'          150.173   1   ? ? ? ? 
4 water       nat water                         18.015    213 ? ? ? ? 
# 
_entity_poly.entity_id                      1 
_entity_poly.type                           'polypeptide(L)' 
_entity_poly.nstd_linkage                   no 
_entity_poly.nstd_monomer                   no 
_entity_poly.pdbx_seq_one_letter_code       
;MGSSHHHHHHSSGRENLYFQGHMNAKEILVHSLRLLENGDARGWCDLFHPEGVLEFPYAPPGWKTRFEGRETIWAHMRLF
PEHLTVRFTDVQFYETADPDLAIGEFHGDGVATVSGGKLAQDYISVLRTRDGQILLYRDFWNPLRHLEALGGVEAAAKIV
QGA
;
_entity_poly.pdbx_seq_one_letter_code_can   
;MGSSHHHHHHSSGRENLYFQGHMNAKEILVHSLRLLENGDARGWCDLFHPEGVLEFPYAPPGWKTRFEGRETIWAHMRLF
PEHLTVRFTDVQFYETADPDLAIGEFHGDGVATVSGGKLAQDYISVLRTRDGQILLYRDFWNPLRHLEALGGVEAAAKIV
QGA
;
_entity_poly.pdbx_strand_id                 A 
_entity_poly.pdbx_target_identifier         APC5612 
# 
loop_
_pdbx_entity_nonpoly.entity_id 
_pdbx_entity_nonpoly.name 
_pdbx_entity_nonpoly.comp_id 
2 'MAGNESIUM ION'      MG  
3 'TRIETHYLENE GLYCOL' PGE 
4 water                HOH 
# 
loop_
_entity_poly_seq.entity_id 
_entity_poly_seq.num 
_entity_poly_seq.mon_id 
_entity_poly_seq.hetero 
1 1   MET n 
1 2   GLY n 
1 3   SER n 
1 4   SER n 
1 5   HIS n 
1 6   HIS n 
1 7   HIS n 
1 8   HIS n 
1 9   HIS n 
1 10  HIS n 
1 11  SER n 
1 12  SER n 
1 13  GLY n 
1 14  ARG n 
1 15  GLU n 
1 16  ASN n 
1 17  LEU n 
1 18  TYR n 
1 19  PHE n 
1 20  GLN n 
1 21  GLY n 
1 22  HIS n 
1 23  MET n 
1 24  ASN n 
1 25  ALA n 
1 26  LYS n 
1 27  GLU n 
1 28  ILE n 
1 29  LEU n 
1 30  VAL n 
1 31  HIS n 
1 32  SER n 
1 33  LEU n 
1 34  ARG n 
1 35  LEU n 
1 36  LEU n 
1 37  GLU n 
1 38  ASN n 
1 39  GLY n 
1 40  ASP n 
1 41  ALA n 
1 42  ARG n 
1 43  GLY n 
1 44  TRP n 
1 45  CYS n 
1 46  ASP n 
1 47  LEU n 
1 48  PHE n 
1 49  HIS n 
1 50  PRO n 
1 51  GLU n 
1 52  GLY n 
1 53  VAL n 
1 54  LEU n 
1 55  GLU n 
1 56  PHE n 
1 57  PRO n 
1 58  TYR n 
1 59  ALA n 
1 60  PRO n 
1 61  PRO n 
1 62  GLY n 
1 63  TRP n 
1 64  LYS n 
1 65  THR n 
1 66  ARG n 
1 67  PHE n 
1 68  GLU n 
1 69  GLY n 
1 70  ARG n 
1 71  GLU n 
1 72  THR n 
1 73  ILE n 
1 74  TRP n 
1 75  ALA n 
1 76  HIS n 
1 77  MET n 
1 78  ARG n 
1 79  LEU n 
1 80  PHE n 
1 81  PRO n 
1 82  GLU n 
1 83  HIS n 
1 84  LEU n 
1 85  THR n 
1 86  VAL n 
1 87  ARG n 
1 88  PHE n 
1 89  THR n 
1 90  ASP n 
1 91  VAL n 
1 92  GLN n 
1 93  PHE n 
1 94  TYR n 
1 95  GLU n 
1 96  THR n 
1 97  ALA n 
1 98  ASP n 
1 99  PRO n 
1 100 ASP n 
1 101 LEU n 
1 102 ALA n 
1 103 ILE n 
1 104 GLY n 
1 105 GLU n 
1 106 PHE n 
1 107 HIS n 
1 108 GLY n 
1 109 ASP n 
1 110 GLY n 
1 111 VAL n 
1 112 ALA n 
1 113 THR n 
1 114 VAL n 
1 115 SER n 
1 116 GLY n 
1 117 GLY n 
1 118 LYS n 
1 119 LEU n 
1 120 ALA n 
1 121 GLN n 
1 122 ASP n 
1 123 TYR n 
1 124 ILE n 
1 125 SER n 
1 126 VAL n 
1 127 LEU n 
1 128 ARG n 
1 129 THR n 
1 130 ARG n 
1 131 ASP n 
1 132 GLY n 
1 133 GLN n 
1 134 ILE n 
1 135 LEU n 
1 136 LEU n 
1 137 TYR n 
1 138 ARG n 
1 139 ASP n 
1 140 PHE n 
1 141 TRP n 
1 142 ASN n 
1 143 PRO n 
1 144 LEU n 
1 145 ARG n 
1 146 HIS n 
1 147 LEU n 
1 148 GLU n 
1 149 ALA n 
1 150 LEU n 
1 151 GLY n 
1 152 GLY n 
1 153 VAL n 
1 154 GLU n 
1 155 ALA n 
1 156 ALA n 
1 157 ALA n 
1 158 LYS n 
1 159 ILE n 
1 160 VAL n 
1 161 GLN n 
1 162 GLY n 
1 163 ALA n 
# 
_entity_src_gen.entity_id                          1 
_entity_src_gen.pdbx_src_id                        1 
_entity_src_gen.pdbx_alt_source_flag               sample 
_entity_src_gen.pdbx_seq_type                      ? 
_entity_src_gen.pdbx_beg_seq_num                   ? 
_entity_src_gen.pdbx_end_seq_num                   ? 
_entity_src_gen.gene_src_common_name               ? 
_entity_src_gen.gene_src_genus                     Pseudomonas 
_entity_src_gen.pdbx_gene_src_gene                 PA3332 
_entity_src_gen.gene_src_species                   'Pseudomonas aeruginosa' 
_entity_src_gen.gene_src_strain                    PA01 
_entity_src_gen.gene_src_tissue                    ? 
_entity_src_gen.gene_src_tissue_fraction           ? 
_entity_src_gen.gene_src_details                   ? 
_entity_src_gen.pdbx_gene_src_fragment             ? 
_entity_src_gen.pdbx_gene_src_scientific_name      'Pseudomonas aeruginosa PAO1' 
_entity_src_gen.pdbx_gene_src_ncbi_taxonomy_id     208964 
_entity_src_gen.pdbx_gene_src_variant              ? 
_entity_src_gen.pdbx_gene_src_cell_line            ? 
_entity_src_gen.pdbx_gene_src_atcc                 ? 
_entity_src_gen.pdbx_gene_src_organ                ? 
_entity_src_gen.pdbx_gene_src_organelle            ? 
_entity_src_gen.pdbx_gene_src_cell                 ? 
_entity_src_gen.pdbx_gene_src_cellular_location    ? 
_entity_src_gen.host_org_common_name               ? 
_entity_src_gen.pdbx_host_org_scientific_name      'Escherichia coli BL21(DE3)' 
_entity_src_gen.pdbx_host_org_ncbi_taxonomy_id     469008 
_entity_src_gen.host_org_genus                     Escherichia 
_entity_src_gen.pdbx_host_org_gene                 ? 
_entity_src_gen.pdbx_host_org_organ                ? 
_entity_src_gen.host_org_species                   'Escherichia coli' 
_entity_src_gen.pdbx_host_org_tissue               ? 
_entity_src_gen.pdbx_host_org_tissue_fraction      ? 
_entity_src_gen.pdbx_host_org_strain               BL21DE3 
_entity_src_gen.pdbx_host_org_variant              ? 
_entity_src_gen.pdbx_host_org_cell_line            ? 
_entity_src_gen.pdbx_host_org_atcc                 ? 
_entity_src_gen.pdbx_host_org_culture_collection   ? 
_entity_src_gen.pdbx_host_org_cell                 ? 
_entity_src_gen.pdbx_host_org_organelle            ? 
_entity_src_gen.pdbx_host_org_cellular_location    ? 
_entity_src_gen.pdbx_host_org_vector_type          Plasmid 
_entity_src_gen.pdbx_host_org_vector               ? 
_entity_src_gen.host_org_details                   ? 
_entity_src_gen.expression_system_id               ? 
_entity_src_gen.plasmid_name                       ? 
_entity_src_gen.plasmid_details                    ? 
_entity_src_gen.pdbx_description                   ? 
# 
loop_
_chem_comp.id 
_chem_comp.type 
_chem_comp.mon_nstd_flag 
_chem_comp.name 
_chem_comp.pdbx_synonyms 
_chem_comp.formula 
_chem_comp.formula_weight 
ALA 'L-peptide linking' y ALANINE              ? 'C3 H7 N O2'     89.093  
ARG 'L-peptide linking' y ARGININE             ? 'C6 H15 N4 O2 1' 175.209 
ASN 'L-peptide linking' y ASPARAGINE           ? 'C4 H8 N2 O3'    132.118 
ASP 'L-peptide linking' y 'ASPARTIC ACID'      ? 'C4 H7 N O4'     133.103 
CYS 'L-peptide linking' y CYSTEINE             ? 'C3 H7 N O2 S'   121.158 
GLN 'L-peptide linking' y GLUTAMINE            ? 'C5 H10 N2 O3'   146.144 
GLU 'L-peptide linking' y 'GLUTAMIC ACID'      ? 'C5 H9 N O4'     147.129 
GLY 'peptide linking'   y GLYCINE              ? 'C2 H5 N O2'     75.067  
HIS 'L-peptide linking' y HISTIDINE            ? 'C6 H10 N3 O2 1' 156.162 
HOH non-polymer         . WATER                ? 'H2 O'           18.015  
ILE 'L-peptide linking' y ISOLEUCINE           ? 'C6 H13 N O2'    131.173 
LEU 'L-peptide linking' y LEUCINE              ? 'C6 H13 N O2'    131.173 
LYS 'L-peptide linking' y LYSINE               ? 'C6 H15 N2 O2 1' 147.195 
MET 'L-peptide linking' y METHIONINE           ? 'C5 H11 N O2 S'  149.211 
MG  non-polymer         . 'MAGNESIUM ION'      ? 'Mg 2'           24.305  
PGE non-polymer         . 'TRIETHYLENE GLYCOL' ? 'C6 H14 O4'      150.173 
PHE 'L-peptide linking' y PHENYLALANINE        ? 'C9 H11 N O2'    165.189 
PRO 'L-peptide linking' y PROLINE              ? 'C5 H9 N O2'     115.130 
SER 'L-peptide linking' y SERINE               ? 'C3 H7 N O3'     105.093 
THR 'L-peptide linking' y THREONINE            ? 'C4 H9 N O3'     119.119 
TRP 'L-peptide linking' y TRYPTOPHAN           ? 'C11 H12 N2 O2'  204.225 
TYR 'L-peptide linking' y TYROSINE             ? 'C9 H11 N O3'    181.189 
VAL 'L-peptide linking' y VALINE               ? 'C5 H11 N O2'    117.146 
# 
loop_
_pdbx_poly_seq_scheme.asym_id 
_pdbx_poly_seq_scheme.entity_id 
_pdbx_poly_seq_scheme.seq_id 
_pdbx_poly_seq_scheme.mon_id 
_pdbx_poly_seq_scheme.ndb_seq_num 
_pdbx_poly_seq_scheme.pdb_seq_num 
_pdbx_poly_seq_scheme.auth_seq_num 
_pdbx_poly_seq_scheme.pdb_mon_id 
_pdbx_poly_seq_scheme.auth_mon_id 
_pdbx_poly_seq_scheme.pdb_strand_id 
_pdbx_poly_seq_scheme.pdb_ins_code 
_pdbx_poly_seq_scheme.hetero 
A 1 1   MET 1   -21 ?   ?   ?   A . n 
A 1 2   GLY 2   -20 ?   ?   ?   A . n 
A 1 3   SER 3   -19 ?   ?   ?   A . n 
A 1 4   SER 4   -18 ?   ?   ?   A . n 
A 1 5   HIS 5   -17 ?   ?   ?   A . n 
A 1 6   HIS 6   -16 ?   ?   ?   A . n 
A 1 7   HIS 7   -15 ?   ?   ?   A . n 
A 1 8   HIS 8   -14 ?   ?   ?   A . n 
A 1 9   HIS 9   -13 ?   ?   ?   A . n 
A 1 10  HIS 10  -12 ?   ?   ?   A . n 
A 1 11  SER 11  -11 ?   ?   ?   A . n 
A 1 12  SER 12  -10 ?   ?   ?   A . n 
A 1 13  GLY 13  -9  ?   ?   ?   A . n 
A 1 14  ARG 14  -8  ?   ?   ?   A . n 
A 1 15  GLU 15  -7  ?   ?   ?   A . n 
A 1 16  ASN 16  -6  -6  ASN ASN A . n 
A 1 17  LEU 17  -5  -5  LEU LEU A . n 
A 1 18  TYR 18  -4  -4  TYR TYR A . n 
A 1 19  PHE 19  -3  -3  PHE PHE A . n 
A 1 20  GLN 20  -2  -2  GLN GLN A . n 
A 1 21  GLY 21  -1  -1  GLY GLY A . n 
A 1 22  HIS 22  0   0   HIS HIS A . n 
A 1 23  MET 23  1   1   MET MET A . n 
A 1 24  ASN 24  2   2   ASN ASN A . n 
A 1 25  ALA 25  3   3   ALA ALA A . n 
A 1 26  LYS 26  4   4   LYS LYS A . n 
A 1 27  GLU 27  5   5   GLU GLU A . n 
A 1 28  ILE 28  6   6   ILE ILE A . n 
A 1 29  LEU 29  7   7   LEU LEU A . n 
A 1 30  VAL 30  8   8   VAL VAL A . n 
A 1 31  HIS 31  9   9   HIS HIS A . n 
A 1 32  SER 32  10  10  SER SER A . n 
A 1 33  LEU 33  11  11  LEU LEU A . n 
A 1 34  ARG 34  12  12  ARG ARG A . n 
A 1 35  LEU 35  13  13  LEU LEU A . n 
A 1 36  LEU 36  14  14  LEU LEU A . n 
A 1 37  GLU 37  15  15  GLU GLU A . n 
A 1 38  ASN 38  16  16  ASN ASN A . n 
A 1 39  GLY 39  17  17  GLY GLY A . n 
A 1 40  ASP 40  18  18  ASP ASP A . n 
A 1 41  ALA 41  19  19  ALA ALA A . n 
A 1 42  ARG 42  20  20  ARG ARG A . n 
A 1 43  GLY 43  21  21  GLY GLY A . n 
A 1 44  TRP 44  22  22  TRP TRP A . n 
A 1 45  CYS 45  23  23  CYS CYS A . n 
A 1 46  ASP 46  24  24  ASP ASP A . n 
A 1 47  LEU 47  25  25  LEU LEU A . n 
A 1 48  PHE 48  26  26  PHE PHE A . n 
A 1 49  HIS 49  27  27  HIS HIS A . n 
A 1 50  PRO 50  28  28  PRO PRO A . n 
A 1 51  GLU 51  29  29  GLU GLU A . n 
A 1 52  GLY 52  30  30  GLY GLY A . n 
A 1 53  VAL 53  31  31  VAL VAL A . n 
A 1 54  LEU 54  32  32  LEU LEU A . n 
A 1 55  GLU 55  33  33  GLU GLU A . n 
A 1 56  PHE 56  34  34  PHE PHE A . n 
A 1 57  PRO 57  35  35  PRO PRO A . n 
A 1 58  TYR 58  36  36  TYR TYR A . n 
A 1 59  ALA 59  37  37  ALA ALA A . n 
A 1 60  PRO 60  38  38  PRO PRO A . n 
A 1 61  PRO 61  39  39  PRO PRO A . n 
A 1 62  GLY 62  40  40  GLY GLY A . n 
A 1 63  TRP 63  41  41  TRP TRP A . n 
A 1 64  LYS 64  42  42  LYS LYS A . n 
A 1 65  THR 65  43  43  THR THR A . n 
A 1 66  ARG 66  44  44  ARG ARG A . n 
A 1 67  PHE 67  45  45  PHE PHE A . n 
A 1 68  GLU 68  46  46  GLU GLU A . n 
A 1 69  GLY 69  47  47  GLY GLY A . n 
A 1 70  ARG 70  48  48  ARG ARG A . n 
A 1 71  GLU 71  49  49  GLU GLU A . n 
A 1 72  THR 72  50  50  THR THR A . n 
A 1 73  ILE 73  51  51  ILE ILE A . n 
A 1 74  TRP 74  52  52  TRP TRP A . n 
A 1 75  ALA 75  53  53  ALA ALA A . n 
A 1 76  HIS 76  54  54  HIS HIS A . n 
A 1 77  MET 77  55  55  MET MET A . n 
A 1 78  ARG 78  56  56  ARG ARG A . n 
A 1 79  LEU 79  57  57  LEU LEU A . n 
A 1 80  PHE 80  58  58  PHE PHE A . n 
A 1 81  PRO 81  59  59  PRO PRO A . n 
A 1 82  GLU 82  60  60  GLU GLU A . n 
A 1 83  HIS 83  61  61  HIS HIS A . n 
A 1 84  LEU 84  62  62  LEU LEU A . n 
A 1 85  THR 85  63  63  THR THR A . n 
A 1 86  VAL 86  64  64  VAL VAL A . n 
A 1 87  ARG 87  65  65  ARG ARG A . n 
A 1 88  PHE 88  66  66  PHE PHE A . n 
A 1 89  THR 89  67  67  THR THR A . n 
A 1 90  ASP 90  68  68  ASP ASP A . n 
A 1 91  VAL 91  69  69  VAL VAL A . n 
A 1 92  GLN 92  70  70  GLN GLN A . n 
A 1 93  PHE 93  71  71  PHE PHE A . n 
A 1 94  TYR 94  72  72  TYR TYR A . n 
A 1 95  GLU 95  73  73  GLU GLU A . n 
A 1 96  THR 96  74  74  THR THR A . n 
A 1 97  ALA 97  75  75  ALA ALA A . n 
A 1 98  ASP 98  76  76  ASP ASP A . n 
A 1 99  PRO 99  77  77  PRO PRO A . n 
A 1 100 ASP 100 78  78  ASP ASP A . n 
A 1 101 LEU 101 79  79  LEU LEU A . n 
A 1 102 ALA 102 80  80  ALA ALA A . n 
A 1 103 ILE 103 81  81  ILE ILE A . n 
A 1 104 GLY 104 82  82  GLY GLY A . n 
A 1 105 GLU 105 83  83  GLU GLU A . n 
A 1 106 PHE 106 84  84  PHE PHE A . n 
A 1 107 HIS 107 85  85  HIS HIS A . n 
A 1 108 GLY 108 86  86  GLY GLY A . n 
A 1 109 ASP 109 87  87  ASP ASP A . n 
A 1 110 GLY 110 88  88  GLY GLY A . n 
A 1 111 VAL 111 89  89  VAL VAL A . n 
A 1 112 ALA 112 90  90  ALA ALA A . n 
A 1 113 THR 113 91  91  THR THR A . n 
A 1 114 VAL 114 92  92  VAL VAL A . n 
A 1 115 SER 115 93  93  SER SER A . n 
A 1 116 GLY 116 94  94  GLY GLY A . n 
A 1 117 GLY 117 95  95  GLY GLY A . n 
A 1 118 LYS 118 96  96  LYS LYS A . n 
A 1 119 LEU 119 97  97  LEU LEU A . n 
A 1 120 ALA 120 98  98  ALA ALA A . n 
A 1 121 GLN 121 99  99  GLN GLN A . n 
A 1 122 ASP 122 100 100 ASP ASP A . n 
A 1 123 TYR 123 101 101 TYR TYR A . n 
A 1 124 ILE 124 102 102 ILE ILE A . n 
A 1 125 SER 125 103 103 SER SER A . n 
A 1 126 VAL 126 104 104 VAL VAL A . n 
A 1 127 LEU 127 105 105 LEU LEU A . n 
A 1 128 ARG 128 106 106 ARG ARG A . n 
A 1 129 THR 129 107 107 THR THR A . n 
A 1 130 ARG 130 108 108 ARG ARG A . n 
A 1 131 ASP 131 109 109 ASP ASP A . n 
A 1 132 GLY 132 110 110 GLY GLY A . n 
A 1 133 GLN 133 111 111 GLN GLN A . n 
A 1 134 ILE 134 112 112 ILE ILE A . n 
A 1 135 LEU 135 113 113 LEU LEU A . n 
A 1 136 LEU 136 114 114 LEU LEU A . n 
A 1 137 TYR 137 115 115 TYR TYR A . n 
A 1 138 ARG 138 116 116 ARG ARG A . n 
A 1 139 ASP 139 117 117 ASP ASP A . n 
A 1 140 PHE 140 118 118 PHE PHE A . n 
A 1 141 TRP 141 119 119 TRP TRP A . n 
A 1 142 ASN 142 120 120 ASN ASN A . n 
A 1 143 PRO 143 121 121 PRO PRO A . n 
A 1 144 LEU 144 122 122 LEU LEU A . n 
A 1 145 ARG 145 123 123 ARG ARG A . n 
A 1 146 HIS 146 124 124 HIS HIS A . n 
A 1 147 LEU 147 125 125 LEU LEU A . n 
A 1 148 GLU 148 126 126 GLU GLU A . n 
A 1 149 ALA 149 127 127 ALA ALA A . n 
A 1 150 LEU 150 128 128 LEU LEU A . n 
A 1 151 GLY 151 129 129 GLY GLY A . n 
A 1 152 GLY 152 130 ?   ?   ?   A . n 
A 1 153 VAL 153 131 ?   ?   ?   A . n 
A 1 154 GLU 154 132 ?   ?   ?   A . n 
A 1 155 ALA 155 133 ?   ?   ?   A . n 
A 1 156 ALA 156 134 ?   ?   ?   A . n 
A 1 157 ALA 157 135 ?   ?   ?   A . n 
A 1 158 LYS 158 136 ?   ?   ?   A . n 
A 1 159 ILE 159 137 ?   ?   ?   A . n 
A 1 160 VAL 160 138 ?   ?   ?   A . n 
A 1 161 GLN 161 139 ?   ?   ?   A . n 
A 1 162 GLY 162 140 ?   ?   ?   A . n 
A 1 163 ALA 163 141 ?   ?   ?   A . n 
# 
loop_
_pdbx_nonpoly_scheme.asym_id 
_pdbx_nonpoly_scheme.entity_id 
_pdbx_nonpoly_scheme.mon_id 
_pdbx_nonpoly_scheme.ndb_seq_num 
_pdbx_nonpoly_scheme.pdb_seq_num 
_pdbx_nonpoly_scheme.auth_seq_num 
_pdbx_nonpoly_scheme.pdb_mon_id 
_pdbx_nonpoly_scheme.auth_mon_id 
_pdbx_nonpoly_scheme.pdb_strand_id 
_pdbx_nonpoly_scheme.pdb_ins_code 
B 2 MG  1   302 302 MG  MG  A . 
C 3 PGE 1   301 301 PGE PGE A . 
D 4 HOH 1   303 1   HOH HOH A . 
D 4 HOH 2   304 2   HOH HOH A . 
D 4 HOH 3   305 3   HOH HOH A . 
D 4 HOH 4   306 4   HOH HOH A . 
D 4 HOH 5   307 5   HOH HOH A . 
D 4 HOH 6   308 6   HOH HOH A . 
D 4 HOH 7   309 7   HOH HOH A . 
D 4 HOH 8   310 8   HOH HOH A . 
D 4 HOH 9   311 9   HOH HOH A . 
D 4 HOH 10  312 10  HOH HOH A . 
D 4 HOH 11  313 11  HOH HOH A . 
D 4 HOH 12  314 12  HOH HOH A . 
D 4 HOH 13  315 13  HOH HOH A . 
D 4 HOH 14  316 14  HOH HOH A . 
D 4 HOH 15  317 15  HOH HOH A . 
D 4 HOH 16  318 16  HOH HOH A . 
D 4 HOH 17  319 17  HOH HOH A . 
D 4 HOH 18  320 18  HOH HOH A . 
D 4 HOH 19  321 19  HOH HOH A . 
D 4 HOH 20  322 20  HOH HOH A . 
D 4 HOH 21  323 21  HOH HOH A . 
D 4 HOH 22  324 22  HOH HOH A . 
D 4 HOH 23  325 23  HOH HOH A . 
D 4 HOH 24  326 24  HOH HOH A . 
D 4 HOH 25  327 25  HOH HOH A . 
D 4 HOH 26  328 26  HOH HOH A . 
D 4 HOH 27  329 27  HOH HOH A . 
D 4 HOH 28  330 28  HOH HOH A . 
D 4 HOH 29  331 29  HOH HOH A . 
D 4 HOH 30  332 30  HOH HOH A . 
D 4 HOH 31  333 31  HOH HOH A . 
D 4 HOH 32  334 32  HOH HOH A . 
D 4 HOH 33  335 33  HOH HOH A . 
D 4 HOH 34  336 34  HOH HOH A . 
D 4 HOH 35  337 35  HOH HOH A . 
D 4 HOH 36  338 36  HOH HOH A . 
D 4 HOH 37  339 37  HOH HOH A . 
D 4 HOH 38  340 38  HOH HOH A . 
D 4 HOH 39  341 39  HOH HOH A . 
D 4 HOH 40  342 40  HOH HOH A . 
D 4 HOH 41  343 41  HOH HOH A . 
D 4 HOH 42  344 42  HOH HOH A . 
D 4 HOH 43  345 43  HOH HOH A . 
D 4 HOH 44  346 44  HOH HOH A . 
D 4 HOH 45  347 45  HOH HOH A . 
D 4 HOH 46  348 46  HOH HOH A . 
D 4 HOH 47  349 47  HOH HOH A . 
D 4 HOH 48  350 48  HOH HOH A . 
D 4 HOH 49  351 49  HOH HOH A . 
D 4 HOH 50  352 50  HOH HOH A . 
D 4 HOH 51  353 51  HOH HOH A . 
D 4 HOH 52  354 52  HOH HOH A . 
D 4 HOH 53  355 53  HOH HOH A . 
D 4 HOH 54  356 54  HOH HOH A . 
D 4 HOH 55  357 55  HOH HOH A . 
D 4 HOH 56  358 56  HOH HOH A . 
D 4 HOH 57  359 57  HOH HOH A . 
D 4 HOH 58  360 58  HOH HOH A . 
D 4 HOH 59  361 59  HOH HOH A . 
D 4 HOH 60  362 60  HOH HOH A . 
D 4 HOH 61  363 61  HOH HOH A . 
D 4 HOH 62  364 62  HOH HOH A . 
D 4 HOH 63  365 63  HOH HOH A . 
D 4 HOH 64  366 64  HOH HOH A . 
D 4 HOH 65  367 65  HOH HOH A . 
D 4 HOH 66  368 66  HOH HOH A . 
D 4 HOH 67  369 67  HOH HOH A . 
D 4 HOH 68  370 68  HOH HOH A . 
D 4 HOH 69  371 69  HOH HOH A . 
D 4 HOH 70  372 70  HOH HOH A . 
D 4 HOH 71  373 71  HOH HOH A . 
D 4 HOH 72  374 72  HOH HOH A . 
D 4 HOH 73  375 73  HOH HOH A . 
D 4 HOH 74  376 74  HOH HOH A . 
D 4 HOH 75  377 75  HOH HOH A . 
D 4 HOH 76  378 76  HOH HOH A . 
D 4 HOH 77  379 77  HOH HOH A . 
D 4 HOH 78  380 78  HOH HOH A . 
D 4 HOH 79  381 79  HOH HOH A . 
D 4 HOH 80  382 80  HOH HOH A . 
D 4 HOH 81  383 81  HOH HOH A . 
D 4 HOH 82  384 82  HOH HOH A . 
D 4 HOH 83  385 83  HOH HOH A . 
D 4 HOH 84  386 84  HOH HOH A . 
D 4 HOH 85  387 85  HOH HOH A . 
D 4 HOH 86  388 86  HOH HOH A . 
D 4 HOH 87  389 87  HOH HOH A . 
D 4 HOH 88  390 88  HOH HOH A . 
D 4 HOH 89  391 89  HOH HOH A . 
D 4 HOH 90  392 90  HOH HOH A . 
D 4 HOH 91  393 91  HOH HOH A . 
D 4 HOH 92  394 92  HOH HOH A . 
D 4 HOH 93  395 93  HOH HOH A . 
D 4 HOH 94  396 94  HOH HOH A . 
D 4 HOH 95  397 95  HOH HOH A . 
D 4 HOH 96  398 96  HOH HOH A . 
D 4 HOH 97  399 97  HOH HOH A . 
D 4 HOH 98  400 98  HOH HOH A . 
D 4 HOH 99  401 99  HOH HOH A . 
D 4 HOH 100 402 100 HOH HOH A . 
D 4 HOH 101 403 101 HOH HOH A . 
D 4 HOH 102 404 102 HOH HOH A . 
D 4 HOH 103 405 103 HOH HOH A . 
D 4 HOH 104 406 104 HOH HOH A . 
D 4 HOH 105 407 105 HOH HOH A . 
D 4 HOH 106 408 106 HOH HOH A . 
D 4 HOH 107 409 107 HOH HOH A . 
D 4 HOH 108 410 108 HOH HOH A . 
D 4 HOH 109 411 109 HOH HOH A . 
D 4 HOH 110 412 110 HOH HOH A . 
D 4 HOH 111 413 111 HOH HOH A . 
D 4 HOH 112 414 112 HOH HOH A . 
D 4 HOH 113 415 113 HOH HOH A . 
D 4 HOH 114 416 114 HOH HOH A . 
D 4 HOH 115 417 115 HOH HOH A . 
D 4 HOH 116 418 116 HOH HOH A . 
D 4 HOH 117 419 117 HOH HOH A . 
D 4 HOH 118 420 118 HOH HOH A . 
D 4 HOH 119 421 119 HOH HOH A . 
D 4 HOH 120 422 120 HOH HOH A . 
D 4 HOH 121 423 121 HOH HOH A . 
D 4 HOH 122 424 122 HOH HOH A . 
D 4 HOH 123 425 123 HOH HOH A . 
D 4 HOH 124 426 124 HOH HOH A . 
D 4 HOH 125 427 125 HOH HOH A . 
D 4 HOH 126 428 126 HOH HOH A . 
D 4 HOH 127 429 127 HOH HOH A . 
D 4 HOH 128 430 128 HOH HOH A . 
D 4 HOH 129 431 129 HOH HOH A . 
D 4 HOH 130 432 130 HOH HOH A . 
D 4 HOH 131 433 131 HOH HOH A . 
D 4 HOH 132 434 132 HOH HOH A . 
D 4 HOH 133 435 133 HOH HOH A . 
D 4 HOH 134 436 134 HOH HOH A . 
D 4 HOH 135 437 135 HOH HOH A . 
D 4 HOH 136 438 136 HOH HOH A . 
D 4 HOH 137 439 137 HOH HOH A . 
D 4 HOH 138 440 138 HOH HOH A . 
D 4 HOH 139 441 139 HOH HOH A . 
D 4 HOH 140 442 140 HOH HOH A . 
D 4 HOH 141 443 141 HOH HOH A . 
D 4 HOH 142 444 142 HOH HOH A . 
D 4 HOH 143 445 143 HOH HOH A . 
D 4 HOH 144 446 144 HOH HOH A . 
D 4 HOH 145 447 145 HOH HOH A . 
D 4 HOH 146 448 146 HOH HOH A . 
D 4 HOH 147 449 147 HOH HOH A . 
D 4 HOH 148 450 148 HOH HOH A . 
D 4 HOH 149 451 149 HOH HOH A . 
D 4 HOH 150 452 150 HOH HOH A . 
D 4 HOH 151 453 151 HOH HOH A . 
D 4 HOH 152 454 152 HOH HOH A . 
D 4 HOH 153 455 153 HOH HOH A . 
D 4 HOH 154 456 154 HOH HOH A . 
D 4 HOH 155 457 155 HOH HOH A . 
D 4 HOH 156 458 156 HOH HOH A . 
D 4 HOH 157 459 157 HOH HOH A . 
D 4 HOH 158 460 158 HOH HOH A . 
D 4 HOH 159 461 159 HOH HOH A . 
D 4 HOH 160 462 160 HOH HOH A . 
D 4 HOH 161 463 161 HOH HOH A . 
D 4 HOH 162 464 162 HOH HOH A . 
D 4 HOH 163 465 163 HOH HOH A . 
D 4 HOH 164 466 164 HOH HOH A . 
D 4 HOH 165 467 165 HOH HOH A . 
D 4 HOH 166 468 166 HOH HOH A . 
D 4 HOH 167 469 167 HOH HOH A . 
D 4 HOH 168 470 168 HOH HOH A . 
D 4 HOH 169 471 169 HOH HOH A . 
D 4 HOH 170 472 170 HOH HOH A . 
D 4 HOH 171 473 171 HOH HOH A . 
D 4 HOH 172 474 172 HOH HOH A . 
D 4 HOH 173 475 173 HOH HOH A . 
D 4 HOH 174 476 174 HOH HOH A . 
D 4 HOH 175 477 175 HOH HOH A . 
D 4 HOH 176 478 176 HOH HOH A . 
D 4 HOH 177 479 177 HOH HOH A . 
D 4 HOH 178 480 178 HOH HOH A . 
D 4 HOH 179 481 179 HOH HOH A . 
D 4 HOH 180 482 180 HOH HOH A . 
D 4 HOH 181 483 181 HOH HOH A . 
D 4 HOH 182 484 182 HOH HOH A . 
D 4 HOH 183 485 183 HOH HOH A . 
D 4 HOH 184 486 184 HOH HOH A . 
D 4 HOH 185 487 185 HOH HOH A . 
D 4 HOH 186 488 186 HOH HOH A . 
D 4 HOH 187 489 187 HOH HOH A . 
D 4 HOH 188 490 188 HOH HOH A . 
D 4 HOH 189 491 189 HOH HOH A . 
D 4 HOH 190 492 190 HOH HOH A . 
D 4 HOH 191 493 191 HOH HOH A . 
D 4 HOH 192 494 192 HOH HOH A . 
D 4 HOH 193 495 193 HOH HOH A . 
D 4 HOH 194 496 194 HOH HOH A . 
D 4 HOH 195 497 195 HOH HOH A . 
D 4 HOH 196 498 196 HOH HOH A . 
D 4 HOH 197 499 197 HOH HOH A . 
D 4 HOH 198 500 198 HOH HOH A . 
D 4 HOH 199 501 199 HOH HOH A . 
D 4 HOH 200 502 200 HOH HOH A . 
D 4 HOH 201 503 201 HOH HOH A . 
D 4 HOH 202 504 202 HOH HOH A . 
D 4 HOH 203 505 203 HOH HOH A . 
D 4 HOH 204 506 204 HOH HOH A . 
D 4 HOH 205 507 205 HOH HOH A . 
D 4 HOH 206 508 206 HOH HOH A . 
D 4 HOH 207 509 207 HOH HOH A . 
D 4 HOH 208 510 208 HOH HOH A . 
D 4 HOH 209 511 209 HOH HOH A . 
D 4 HOH 210 512 210 HOH HOH A . 
D 4 HOH 211 513 211 HOH HOH A . 
D 4 HOH 212 514 212 HOH HOH A . 
D 4 HOH 213 515 213 HOH HOH A . 
# 
loop_
_software.name 
_software.classification 
_software.version 
_software.citation_id 
_software.pdbx_ordinal 
REFMAC      refinement        5.2.0000 ? 1 
SBC-Collect 'data collection' .        ? 2 
HKL-2000    'data scaling'    .        ? 3 
HKL-3000    phasing           .        ? 4 
# 
_cell.entry_id           1Z1S 
_cell.length_a           54.713 
_cell.length_b           54.713 
_cell.length_c           92.121 
_cell.angle_alpha        90.00 
_cell.angle_beta         90.00 
_cell.angle_gamma        120.00 
_cell.Z_PDB              6 
_cell.pdbx_unique_axis   ? 
# 
_symmetry.entry_id                         1Z1S 
_symmetry.space_group_name_H-M             'P 32 2 1' 
_symmetry.pdbx_full_space_group_name_H-M   ? 
_symmetry.cell_setting                     ? 
_symmetry.Int_Tables_number                154 
_symmetry.space_group_name_Hall            ? 
# 
_exptl.entry_id          1Z1S 
_exptl.method            'X-RAY DIFFRACTION' 
_exptl.crystals_number   1 
# 
_exptl_crystal.id                    1 
_exptl_crystal.density_meas          ? 
_exptl_crystal.density_Matthews      2.25 
_exptl_crystal.density_percent_sol   45.3 
_exptl_crystal.description           ? 
_exptl_crystal.F_000                 ? 
_exptl_crystal.preparation           ? 
# 
_exptl_crystal_grow.crystal_id      1 
_exptl_crystal_grow.method          'VAPOR DIFFUSION, HANGING DROP' 
_exptl_crystal_grow.temp            295 
_exptl_crystal_grow.temp_details    ? 
_exptl_crystal_grow.pH              7.4 
_exptl_crystal_grow.pdbx_details    'BIS-TRIS, Magnesium acetate, PEG3350, pH 7.4, VAPOR DIFFUSION, HANGING DROP, temperature 295K' 
_exptl_crystal_grow.pdbx_pH_range   . 
# 
_diffrn.id                     1 
_diffrn.ambient_temp           100 
_diffrn.ambient_temp_details   ? 
_diffrn.crystal_id             1 
# 
_diffrn_detector.diffrn_id              1 
_diffrn_detector.detector               CCD 
_diffrn_detector.type                   'ADSC QUANTUM 315' 
_diffrn_detector.pdbx_collection_date   2005-03-04 
_diffrn_detector.details                mirrors 
# 
_diffrn_radiation.diffrn_id                        1 
_diffrn_radiation.wavelength_id                    1 
_diffrn_radiation.pdbx_monochromatic_or_laue_m_l   M 
_diffrn_radiation.monochromator                    'double crystal monochromator' 
_diffrn_radiation.pdbx_diffrn_protocol             'SINGLE WAVELENGTH' 
_diffrn_radiation.pdbx_scattering_type             x-ray 
# 
_diffrn_radiation_wavelength.id           1 
_diffrn_radiation_wavelength.wavelength   0.9793 
_diffrn_radiation_wavelength.wt           1.0 
# 
_diffrn_source.diffrn_id                   1 
_diffrn_source.source                      SYNCHROTRON 
_diffrn_source.type                        'APS BEAMLINE 19-ID' 
_diffrn_source.pdbx_synchrotron_site       APS 
_diffrn_source.pdbx_synchrotron_beamline   19-ID 
_diffrn_source.pdbx_wavelength             ? 
_diffrn_source.pdbx_wavelength_list        0.9793 
# 
_reflns.entry_id                     1Z1S 
_reflns.observed_criterion_sigma_F   0.0 
_reflns.observed_criterion_sigma_I   0.0 
_reflns.d_resolution_high            1.49 
_reflns.d_resolution_low             47.4 
_reflns.number_all                   26280 
_reflns.number_obs                   25574 
_reflns.percent_possible_obs         95.7 
_reflns.pdbx_Rmerge_I_obs            0.066 
_reflns.pdbx_Rsym_value              ? 
_reflns.pdbx_netI_over_sigmaI        10 
_reflns.B_iso_Wilson_estimate        ? 
_reflns.pdbx_redundancy              16.1 
_reflns.R_free_details               ? 
_reflns.limit_h_max                  ? 
_reflns.limit_h_min                  ? 
_reflns.limit_k_max                  ? 
_reflns.limit_k_min                  ? 
_reflns.limit_l_max                  ? 
_reflns.limit_l_min                  ? 
_reflns.observed_criterion_F_max     ? 
_reflns.observed_criterion_F_min     ? 
_reflns.pdbx_chi_squared             ? 
_reflns.pdbx_scaling_rejects         ? 
_reflns.pdbx_diffrn_id               1 
_reflns.pdbx_ordinal                 1 
# 
_reflns_shell.d_res_high             1.49 
_reflns_shell.d_res_low              1.54 
_reflns_shell.percent_possible_all   66.4 
_reflns_shell.Rmerge_I_obs           0.385 
_reflns_shell.pdbx_Rsym_value        ? 
_reflns_shell.meanI_over_sigI_obs    2.1 
_reflns_shell.pdbx_redundancy        7.2 
_reflns_shell.percent_possible_obs   ? 
_reflns_shell.number_unique_all      1721 
_reflns_shell.number_measured_all    ? 
_reflns_shell.number_measured_obs    ? 
_reflns_shell.number_unique_obs      ? 
_reflns_shell.pdbx_chi_squared       ? 
_reflns_shell.pdbx_diffrn_id         ? 
_reflns_shell.pdbx_ordinal           1 
# 
_refine.entry_id                                 1Z1S 
_refine.ls_number_reflns_obs                     22607 
_refine.ls_number_reflns_all                     22607 
_refine.pdbx_ls_sigma_I                          ? 
_refine.pdbx_ls_sigma_F                          0.0 
_refine.pdbx_data_cutoff_high_absF               ? 
_refine.pdbx_data_cutoff_low_absF                ? 
_refine.pdbx_data_cutoff_high_rms_absF           ? 
_refine.ls_d_res_low                             47.40 
_refine.ls_d_res_high                            1.49 
_refine.ls_percent_reflns_obs                    94.10 
_refine.ls_R_factor_obs                          0.17152 
_refine.ls_R_factor_all                          0.17152 
_refine.ls_R_factor_R_work                       0.16778 
_refine.ls_R_factor_R_free                       0.20492 
_refine.ls_R_factor_R_free_error                 ? 
_refine.ls_R_factor_R_free_error_details         ? 
_refine.ls_percent_reflns_R_free                 10.0 
_refine.ls_number_reflns_R_free                  2516 
_refine.ls_number_parameters                     ? 
_refine.ls_number_restraints                     ? 
_refine.occupancy_min                            ? 
_refine.occupancy_max                            ? 
_refine.correlation_coeff_Fo_to_Fc               0.971 
_refine.correlation_coeff_Fo_to_Fc_free          0.954 
_refine.B_iso_mean                               23.987 
_refine.aniso_B[1][1]                            0.67 
_refine.aniso_B[2][2]                            0.67 
_refine.aniso_B[3][3]                            -1.01 
_refine.aniso_B[1][2]                            0.34 
_refine.aniso_B[1][3]                            0.00 
_refine.aniso_B[2][3]                            0.00 
_refine.solvent_model_details                    MASK 
_refine.solvent_model_param_ksol                 ? 
_refine.solvent_model_param_bsol                 ? 
_refine.pdbx_solvent_vdw_probe_radii             1.20 
_refine.pdbx_solvent_ion_probe_radii             0.80 
_refine.pdbx_solvent_shrinkage_radii             0.80 
_refine.pdbx_ls_cross_valid_method               THROUGHOUT 
_refine.details                                  'HYDROGENS HAVE BEEN ADDED IN THE RIDING POSITIONS' 
_refine.pdbx_starting_model                      ? 
_refine.pdbx_method_to_determine_struct          SAD 
_refine.pdbx_isotropic_thermal_model             ? 
_refine.pdbx_stereochemistry_target_values       'MAXIMUM LIKELIHOOD' 
_refine.pdbx_stereochem_target_val_spec_case     ? 
_refine.pdbx_R_Free_selection_details            RANDOM 
_refine.pdbx_overall_ESU_R                       0.078 
_refine.pdbx_overall_ESU_R_Free                  0.082 
_refine.overall_SU_ML                            0.047 
_refine.overall_SU_B                             2.414 
_refine.ls_redundancy_reflns_obs                 ? 
_refine.B_iso_min                                ? 
_refine.B_iso_max                                ? 
_refine.overall_SU_R_Cruickshank_DPI             ? 
_refine.overall_SU_R_free                        ? 
_refine.ls_wR_factor_R_free                      ? 
_refine.ls_wR_factor_R_work                      ? 
_refine.overall_FOM_free_R_set                   ? 
_refine.overall_FOM_work_R_set                   ? 
_refine.pdbx_refine_id                           'X-RAY DIFFRACTION' 
_refine.pdbx_diffrn_id                           1 
_refine.pdbx_TLS_residual_ADP_flag               ? 
_refine.pdbx_overall_phase_error                 ? 
_refine.pdbx_overall_SU_R_free_Cruickshank_DPI   ? 
_refine.pdbx_overall_SU_R_Blow_DPI               ? 
_refine.pdbx_overall_SU_R_free_Blow_DPI          ? 
# 
_refine_hist.pdbx_refine_id                   'X-RAY DIFFRACTION' 
_refine_hist.cycle_id                         LAST 
_refine_hist.pdbx_number_atoms_protein        1216 
_refine_hist.pdbx_number_atoms_nucleic_acid   0 
_refine_hist.pdbx_number_atoms_ligand         21 
_refine_hist.number_atoms_solvent             213 
_refine_hist.number_atoms_total               1450 
_refine_hist.d_res_high                       1.49 
_refine_hist.d_res_low                        47.40 
# 
loop_
_refine_ls_restr.type 
_refine_ls_restr.dev_ideal 
_refine_ls_restr.dev_ideal_target 
_refine_ls_restr.weight 
_refine_ls_restr.number 
_refine_ls_restr.pdbx_refine_id 
_refine_ls_restr.pdbx_restraint_function 
r_bond_refined_d             0.011  0.021  ? 1280 'X-RAY DIFFRACTION' ? 
r_bond_other_d               ?      ?      ? ?    'X-RAY DIFFRACTION' ? 
r_angle_refined_deg          1.423  1.941  ? 1740 'X-RAY DIFFRACTION' ? 
r_angle_other_deg            ?      ?      ? ?    'X-RAY DIFFRACTION' ? 
r_dihedral_angle_1_deg       6.675  5.000  ? 156  'X-RAY DIFFRACTION' ? 
r_dihedral_angle_2_deg       32.959 22.571 ? 70   'X-RAY DIFFRACTION' ? 
r_dihedral_angle_3_deg       13.688 15.000 ? 204  'X-RAY DIFFRACTION' ? 
r_dihedral_angle_4_deg       21.782 15.000 ? 13   'X-RAY DIFFRACTION' ? 
r_chiral_restr               0.099  0.200  ? 170  'X-RAY DIFFRACTION' ? 
r_gen_planes_refined         0.007  0.020  ? 1032 'X-RAY DIFFRACTION' ? 
r_gen_planes_other           ?      ?      ? ?    'X-RAY DIFFRACTION' ? 
r_nbd_refined                0.222  0.200  ? 603  'X-RAY DIFFRACTION' ? 
r_nbd_other                  ?      ?      ? ?    'X-RAY DIFFRACTION' ? 
r_nbtor_refined              ?      ?      ? ?    'X-RAY DIFFRACTION' ? 
r_nbtor_other                ?      ?      ? ?    'X-RAY DIFFRACTION' ? 
r_xyhbond_nbd_refined        0.167  0.200  ? 173  'X-RAY DIFFRACTION' ? 
r_xyhbond_nbd_other          ?      ?      ? ?    'X-RAY DIFFRACTION' ? 
r_metal_ion_refined          0.087  0.200  ? 1    'X-RAY DIFFRACTION' ? 
r_metal_ion_other            ?      ?      ? ?    'X-RAY DIFFRACTION' ? 
r_symmetry_vdw_refined       0.260  0.200  ? 62   'X-RAY DIFFRACTION' ? 
r_symmetry_vdw_other         ?      ?      ? ?    'X-RAY DIFFRACTION' ? 
r_symmetry_hbond_refined     0.191  0.200  ? 45   'X-RAY DIFFRACTION' ? 
r_symmetry_hbond_other       ?      ?      ? ?    'X-RAY DIFFRACTION' ? 
r_symmetry_metal_ion_refined ?      ?      ? ?    'X-RAY DIFFRACTION' ? 
r_symmetry_metal_ion_other   ?      ?      ? ?    'X-RAY DIFFRACTION' ? 
r_mcbond_it                  0.798  1.500  ? 757  'X-RAY DIFFRACTION' ? 
r_mcbond_other               ?      ?      ? ?    'X-RAY DIFFRACTION' ? 
r_mcangle_it                 1.319  2.000  ? 1195 'X-RAY DIFFRACTION' ? 
r_scbond_it                  2.141  3.000  ? 596  'X-RAY DIFFRACTION' ? 
r_scangle_it                 3.121  4.500  ? 545  'X-RAY DIFFRACTION' ? 
r_rigid_bond_restr           ?      ?      ? ?    'X-RAY DIFFRACTION' ? 
r_sphericity_free            ?      ?      ? ?    'X-RAY DIFFRACTION' ? 
r_sphericity_bonded          ?      ?      ? ?    'X-RAY DIFFRACTION' ? 
# 
_refine_ls_shell.pdbx_total_number_of_bins_used   20 
_refine_ls_shell.d_res_high                       1.490 
_refine_ls_shell.d_res_low                        1.529 
_refine_ls_shell.number_reflns_R_work             926 
_refine_ls_shell.R_factor_R_work                  0.234 
_refine_ls_shell.percent_reflns_obs               ? 
_refine_ls_shell.R_factor_R_free                  0.318 
_refine_ls_shell.R_factor_R_free_error            ? 
_refine_ls_shell.percent_reflns_R_free            ? 
_refine_ls_shell.number_reflns_R_free             109 
_refine_ls_shell.number_reflns_obs                926 
_refine_ls_shell.redundancy_reflns_obs            ? 
_refine_ls_shell.number_reflns_all                ? 
_refine_ls_shell.pdbx_refine_id                   'X-RAY DIFFRACTION' 
_refine_ls_shell.R_factor_all                     ? 
# 
_struct.entry_id                  1Z1S 
_struct.title                     'Crystal Structure of Putative Isomerase PA3332 from Pseudomonas aeruginosa' 
_struct.pdbx_model_details        ? 
_struct.pdbx_CASP_flag            ? 
_struct.pdbx_model_type_details   ? 
# 
_struct_keywords.entry_id        1Z1S 
_struct_keywords.pdbx_keywords   'STRUCTURAL GENOMICS, UNKNOWN FUNCTION' 
_struct_keywords.text            
;beta barrel, conserved hypothetical protein, Structural Genomics, PSI, Protein Structure Initiative, Midwest Center for Structural Genomics, MCSG, UNKNOWN FUNCTION
;
# 
loop_
_struct_asym.id 
_struct_asym.pdbx_blank_PDB_chainid_flag 
_struct_asym.pdbx_modified 
_struct_asym.entity_id 
_struct_asym.details 
A N N 1 ? 
B N N 2 ? 
C N N 3 ? 
D N N 4 ? 
# 
_struct_ref.id                         1 
_struct_ref.db_name                    UNP 
_struct_ref.db_code                    Q9HYR3_PSEAE 
_struct_ref.pdbx_db_accession          Q9HYR3 
_struct_ref.entity_id                  1 
_struct_ref.pdbx_seq_one_letter_code   
;MNAKEILVHSLRLLENGDARGWCDLFHPEGVLEFPYAPPGWKTRFEGRETIWAHMRLFPEHLTVRFTDVQFYETADPDLA
IGEFHGDGVATVSGGKLAQDYISVLRTRDGQILLYRDFWNPLRHLEALGGVEAAAKIVQGA
;
_struct_ref.pdbx_align_begin           1 
_struct_ref.pdbx_db_isoform            ? 
# 
_struct_ref_seq.align_id                      1 
_struct_ref_seq.ref_id                        1 
_struct_ref_seq.pdbx_PDB_id_code              1Z1S 
_struct_ref_seq.pdbx_strand_id                A 
_struct_ref_seq.seq_align_beg                 23 
_struct_ref_seq.pdbx_seq_align_beg_ins_code   ? 
_struct_ref_seq.seq_align_end                 163 
_struct_ref_seq.pdbx_seq_align_end_ins_code   ? 
_struct_ref_seq.pdbx_db_accession             Q9HYR3 
_struct_ref_seq.db_align_beg                  1 
_struct_ref_seq.pdbx_db_align_beg_ins_code    ? 
_struct_ref_seq.db_align_end                  141 
_struct_ref_seq.pdbx_db_align_end_ins_code    ? 
_struct_ref_seq.pdbx_auth_seq_align_beg       1 
_struct_ref_seq.pdbx_auth_seq_align_end       141 
# 
loop_
_struct_ref_seq_dif.align_id 
_struct_ref_seq_dif.pdbx_pdb_id_code 
_struct_ref_seq_dif.mon_id 
_struct_ref_seq_dif.pdbx_pdb_strand_id 
_struct_ref_seq_dif.seq_num 
_struct_ref_seq_dif.pdbx_pdb_ins_code 
_struct_ref_seq_dif.pdbx_seq_db_name 
_struct_ref_seq_dif.pdbx_seq_db_accession_code 
_struct_ref_seq_dif.db_mon_id 
_struct_ref_seq_dif.pdbx_seq_db_seq_num 
_struct_ref_seq_dif.details 
_struct_ref_seq_dif.pdbx_auth_seq_num 
_struct_ref_seq_dif.pdbx_ordinal 
1 1Z1S MET A 1  ? UNP Q9HYR3 ? ? 'cloning artifact' -21 1  
1 1Z1S GLY A 2  ? UNP Q9HYR3 ? ? 'cloning artifact' -20 2  
1 1Z1S SER A 3  ? UNP Q9HYR3 ? ? 'cloning artifact' -19 3  
1 1Z1S SER A 4  ? UNP Q9HYR3 ? ? 'cloning artifact' -18 4  
1 1Z1S HIS A 5  ? UNP Q9HYR3 ? ? 'cloning artifact' -17 5  
1 1Z1S HIS A 6  ? UNP Q9HYR3 ? ? 'cloning artifact' -16 6  
1 1Z1S HIS A 7  ? UNP Q9HYR3 ? ? 'cloning artifact' -15 7  
1 1Z1S HIS A 8  ? UNP Q9HYR3 ? ? 'cloning artifact' -14 8  
1 1Z1S HIS A 9  ? UNP Q9HYR3 ? ? 'cloning artifact' -13 9  
1 1Z1S HIS A 10 ? UNP Q9HYR3 ? ? 'cloning artifact' -12 10 
1 1Z1S SER A 11 ? UNP Q9HYR3 ? ? 'cloning artifact' -11 11 
1 1Z1S SER A 12 ? UNP Q9HYR3 ? ? 'cloning artifact' -10 12 
1 1Z1S GLY A 13 ? UNP Q9HYR3 ? ? 'cloning artifact' -9  13 
1 1Z1S ARG A 14 ? UNP Q9HYR3 ? ? 'cloning artifact' -8  14 
1 1Z1S GLU A 15 ? UNP Q9HYR3 ? ? 'cloning artifact' -7  15 
1 1Z1S ASN A 16 ? UNP Q9HYR3 ? ? 'cloning artifact' -6  16 
1 1Z1S LEU A 17 ? UNP Q9HYR3 ? ? 'cloning artifact' -5  17 
1 1Z1S TYR A 18 ? UNP Q9HYR3 ? ? 'cloning artifact' -4  18 
1 1Z1S PHE A 19 ? UNP Q9HYR3 ? ? 'cloning artifact' -3  19 
1 1Z1S GLN A 20 ? UNP Q9HYR3 ? ? 'cloning artifact' -2  20 
1 1Z1S GLY A 21 ? UNP Q9HYR3 ? ? 'cloning artifact' -1  21 
1 1Z1S HIS A 22 ? UNP Q9HYR3 ? ? 'cloning artifact' 0   22 
# 
_pdbx_struct_assembly.id                   1 
_pdbx_struct_assembly.details              author_defined_assembly 
_pdbx_struct_assembly.method_details       ? 
_pdbx_struct_assembly.oligomeric_details   monomeric 
_pdbx_struct_assembly.oligomeric_count     1 
# 
_pdbx_struct_assembly_gen.assembly_id       1 
_pdbx_struct_assembly_gen.oper_expression   1 
_pdbx_struct_assembly_gen.asym_id_list      A,B,C,D 
# 
_pdbx_struct_oper_list.id                   1 
_pdbx_struct_oper_list.type                 'identity operation' 
_pdbx_struct_oper_list.name                 1_555 
_pdbx_struct_oper_list.symmetry_operation   x,y,z 
_pdbx_struct_oper_list.matrix[1][1]         1.0000000000 
_pdbx_struct_oper_list.matrix[1][2]         0.0000000000 
_pdbx_struct_oper_list.matrix[1][3]         0.0000000000 
_pdbx_struct_oper_list.vector[1]            0.0000000000 
_pdbx_struct_oper_list.matrix[2][1]         0.0000000000 
_pdbx_struct_oper_list.matrix[2][2]         1.0000000000 
_pdbx_struct_oper_list.matrix[2][3]         0.0000000000 
_pdbx_struct_oper_list.vector[2]            0.0000000000 
_pdbx_struct_oper_list.matrix[3][1]         0.0000000000 
_pdbx_struct_oper_list.matrix[3][2]         0.0000000000 
_pdbx_struct_oper_list.matrix[3][3]         1.0000000000 
_pdbx_struct_oper_list.vector[3]            0.0000000000 
# 
loop_
_struct_conf.conf_type_id 
_struct_conf.id 
_struct_conf.pdbx_PDB_helix_id 
_struct_conf.beg_label_comp_id 
_struct_conf.beg_label_asym_id 
_struct_conf.beg_label_seq_id 
_struct_conf.pdbx_beg_PDB_ins_code 
_struct_conf.end_label_comp_id 
_struct_conf.end_label_asym_id 
_struct_conf.end_label_seq_id 
_struct_conf.pdbx_end_PDB_ins_code 
_struct_conf.beg_auth_comp_id 
_struct_conf.beg_auth_asym_id 
_struct_conf.beg_auth_seq_id 
_struct_conf.end_auth_comp_id 
_struct_conf.end_auth_asym_id 
_struct_conf.end_auth_seq_id 
_struct_conf.pdbx_PDB_helix_class 
_struct_conf.details 
_struct_conf.pdbx_PDB_helix_length 
HELX_P HELX_P1 1 ASN A 24  ? ASN A 38  ? ASN A 2   ASN A 16  1 ? 15 
HELX_P HELX_P2 2 ASP A 40  ? LEU A 47  ? ASP A 18  LEU A 25  1 ? 8  
HELX_P HELX_P3 3 GLY A 69  ? HIS A 76  ? GLY A 47  HIS A 54  1 ? 8  
HELX_P HELX_P4 4 LEU A 79  ? GLU A 82  ? LEU A 57  GLU A 60  5 ? 4  
HELX_P HELX_P5 5 ASN A 142 ? GLY A 151 ? ASN A 120 GLY A 129 1 ? 10 
# 
_struct_conf_type.id          HELX_P 
_struct_conf_type.criteria    ? 
_struct_conf_type.reference   ? 
# 
loop_
_struct_conn.id 
_struct_conn.conn_type_id 
_struct_conn.pdbx_leaving_atom_flag 
_struct_conn.pdbx_PDB_id 
_struct_conn.ptnr1_label_asym_id 
_struct_conn.ptnr1_label_comp_id 
_struct_conn.ptnr1_label_seq_id 
_struct_conn.ptnr1_label_atom_id 
_struct_conn.pdbx_ptnr1_label_alt_id 
_struct_conn.pdbx_ptnr1_PDB_ins_code 
_struct_conn.pdbx_ptnr1_standard_comp_id 
_struct_conn.ptnr1_symmetry 
_struct_conn.ptnr2_label_asym_id 
_struct_conn.ptnr2_label_comp_id 
_struct_conn.ptnr2_label_seq_id 
_struct_conn.ptnr2_label_atom_id 
_struct_conn.pdbx_ptnr2_label_alt_id 
_struct_conn.pdbx_ptnr2_PDB_ins_code 
_struct_conn.ptnr1_auth_asym_id 
_struct_conn.ptnr1_auth_comp_id 
_struct_conn.ptnr1_auth_seq_id 
_struct_conn.ptnr2_auth_asym_id 
_struct_conn.ptnr2_auth_comp_id 
_struct_conn.ptnr2_auth_seq_id 
_struct_conn.ptnr2_symmetry 
_struct_conn.pdbx_ptnr3_label_atom_id 
_struct_conn.pdbx_ptnr3_label_seq_id 
_struct_conn.pdbx_ptnr3_label_comp_id 
_struct_conn.pdbx_ptnr3_label_asym_id 
_struct_conn.pdbx_ptnr3_label_alt_id 
_struct_conn.pdbx_ptnr3_PDB_ins_code 
_struct_conn.details 
_struct_conn.pdbx_dist_value 
_struct_conn.pdbx_value_order 
_struct_conn.pdbx_role 
metalc1 metalc ? ? B MG . MG ? ? ? 1_555 D HOH . O ? ? A MG 302 A HOH 357 1_555 ? ? ? ? ? ? ? 2.092 ? ? 
metalc2 metalc ? ? B MG . MG ? ? ? 1_555 D HOH . O ? ? A MG 302 A HOH 371 1_555 ? ? ? ? ? ? ? 2.099 ? ? 
metalc3 metalc ? ? B MG . MG ? ? ? 1_555 D HOH . O ? ? A MG 302 A HOH 489 1_555 ? ? ? ? ? ? ? 1.904 ? ? 
metalc4 metalc ? ? B MG . MG ? ? ? 1_555 D HOH . O ? ? A MG 302 A HOH 498 1_555 ? ? ? ? ? ? ? 2.217 ? ? 
metalc5 metalc ? ? B MG . MG ? ? ? 1_555 D HOH . O ? ? A MG 302 A HOH 502 1_555 ? ? ? ? ? ? ? 2.052 ? ? 
metalc6 metalc ? ? B MG . MG ? ? ? 1_555 D HOH . O ? ? A MG 302 A HOH 507 1_555 ? ? ? ? ? ? ? 2.093 ? ? 
# 
_struct_conn_type.id          metalc 
_struct_conn_type.criteria    ? 
_struct_conn_type.reference   ? 
# 
loop_
_pdbx_struct_conn_angle.id 
_pdbx_struct_conn_angle.ptnr1_label_atom_id 
_pdbx_struct_conn_angle.ptnr1_label_alt_id 
_pdbx_struct_conn_angle.ptnr1_label_asym_id 
_pdbx_struct_conn_angle.ptnr1_label_comp_id 
_pdbx_struct_conn_angle.ptnr1_label_seq_id 
_pdbx_struct_conn_angle.ptnr1_auth_atom_id 
_pdbx_struct_conn_angle.ptnr1_auth_asym_id 
_pdbx_struct_conn_angle.ptnr1_auth_comp_id 
_pdbx_struct_conn_angle.ptnr1_auth_seq_id 
_pdbx_struct_conn_angle.ptnr1_PDB_ins_code 
_pdbx_struct_conn_angle.ptnr1_symmetry 
_pdbx_struct_conn_angle.ptnr2_label_atom_id 
_pdbx_struct_conn_angle.ptnr2_label_alt_id 
_pdbx_struct_conn_angle.ptnr2_label_asym_id 
_pdbx_struct_conn_angle.ptnr2_label_comp_id 
_pdbx_struct_conn_angle.ptnr2_label_seq_id 
_pdbx_struct_conn_angle.ptnr2_auth_atom_id 
_pdbx_struct_conn_angle.ptnr2_auth_asym_id 
_pdbx_struct_conn_angle.ptnr2_auth_comp_id 
_pdbx_struct_conn_angle.ptnr2_auth_seq_id 
_pdbx_struct_conn_angle.ptnr2_PDB_ins_code 
_pdbx_struct_conn_angle.ptnr2_symmetry 
_pdbx_struct_conn_angle.ptnr3_label_atom_id 
_pdbx_struct_conn_angle.ptnr3_label_alt_id 
_pdbx_struct_conn_angle.ptnr3_label_asym_id 
_pdbx_struct_conn_angle.ptnr3_label_comp_id 
_pdbx_struct_conn_angle.ptnr3_label_seq_id 
_pdbx_struct_conn_angle.ptnr3_auth_atom_id 
_pdbx_struct_conn_angle.ptnr3_auth_asym_id 
_pdbx_struct_conn_angle.ptnr3_auth_comp_id 
_pdbx_struct_conn_angle.ptnr3_auth_seq_id 
_pdbx_struct_conn_angle.ptnr3_PDB_ins_code 
_pdbx_struct_conn_angle.ptnr3_symmetry 
_pdbx_struct_conn_angle.value 
_pdbx_struct_conn_angle.value_esd 
1  O ? D HOH . ? A HOH 357 ? 1_555 MG ? B MG . ? A MG 302 ? 1_555 O ? D HOH . ? A HOH 371 ? 1_555 82.5  ? 
2  O ? D HOH . ? A HOH 357 ? 1_555 MG ? B MG . ? A MG 302 ? 1_555 O ? D HOH . ? A HOH 489 ? 1_555 90.4  ? 
3  O ? D HOH . ? A HOH 371 ? 1_555 MG ? B MG . ? A MG 302 ? 1_555 O ? D HOH . ? A HOH 489 ? 1_555 91.3  ? 
4  O ? D HOH . ? A HOH 357 ? 1_555 MG ? B MG . ? A MG 302 ? 1_555 O ? D HOH . ? A HOH 498 ? 1_555 175.7 ? 
5  O ? D HOH . ? A HOH 371 ? 1_555 MG ? B MG . ? A MG 302 ? 1_555 O ? D HOH . ? A HOH 498 ? 1_555 95.2  ? 
6  O ? D HOH . ? A HOH 489 ? 1_555 MG ? B MG . ? A MG 302 ? 1_555 O ? D HOH . ? A HOH 498 ? 1_555 93.3  ? 
7  O ? D HOH . ? A HOH 357 ? 1_555 MG ? B MG . ? A MG 302 ? 1_555 O ? D HOH . ? A HOH 502 ? 1_555 93.3  ? 
8  O ? D HOH . ? A HOH 371 ? 1_555 MG ? B MG . ? A MG 302 ? 1_555 O ? D HOH . ? A HOH 502 ? 1_555 90.8  ? 
9  O ? D HOH . ? A HOH 489 ? 1_555 MG ? B MG . ? A MG 302 ? 1_555 O ? D HOH . ? A HOH 502 ? 1_555 176.0 ? 
10 O ? D HOH . ? A HOH 498 ? 1_555 MG ? B MG . ? A MG 302 ? 1_555 O ? D HOH . ? A HOH 502 ? 1_555 83.1  ? 
11 O ? D HOH . ? A HOH 357 ? 1_555 MG ? B MG . ? A MG 302 ? 1_555 O ? D HOH . ? A HOH 507 ? 1_555 94.0  ? 
12 O ? D HOH . ? A HOH 371 ? 1_555 MG ? B MG . ? A MG 302 ? 1_555 O ? D HOH . ? A HOH 507 ? 1_555 175.8 ? 
13 O ? D HOH . ? A HOH 489 ? 1_555 MG ? B MG . ? A MG 302 ? 1_555 O ? D HOH . ? A HOH 507 ? 1_555 86.6  ? 
14 O ? D HOH . ? A HOH 498 ? 1_555 MG ? B MG . ? A MG 302 ? 1_555 O ? D HOH . ? A HOH 507 ? 1_555 88.5  ? 
15 O ? D HOH . ? A HOH 502 ? 1_555 MG ? B MG . ? A MG 302 ? 1_555 O ? D HOH . ? A HOH 507 ? 1_555 91.6  ? 
# 
loop_
_struct_sheet.id 
_struct_sheet.type 
_struct_sheet.number_strands 
_struct_sheet.details 
A ? 6 ? 
B ? 6 ? 
# 
loop_
_struct_sheet_order.sheet_id 
_struct_sheet_order.range_id_1 
_struct_sheet_order.range_id_2 
_struct_sheet_order.offset 
_struct_sheet_order.sense 
A 1 2 ? anti-parallel 
A 2 3 ? parallel      
A 3 4 ? anti-parallel 
A 4 5 ? anti-parallel 
A 5 6 ? anti-parallel 
B 1 2 ? anti-parallel 
B 2 3 ? parallel      
B 3 4 ? anti-parallel 
B 4 5 ? anti-parallel 
B 5 6 ? anti-parallel 
# 
loop_
_struct_sheet_range.sheet_id 
_struct_sheet_range.id 
_struct_sheet_range.beg_label_comp_id 
_struct_sheet_range.beg_label_asym_id 
_struct_sheet_range.beg_label_seq_id 
_struct_sheet_range.pdbx_beg_PDB_ins_code 
_struct_sheet_range.end_label_comp_id 
_struct_sheet_range.end_label_asym_id 
_struct_sheet_range.end_label_seq_id 
_struct_sheet_range.pdbx_end_PDB_ins_code 
_struct_sheet_range.beg_auth_comp_id 
_struct_sheet_range.beg_auth_asym_id 
_struct_sheet_range.beg_auth_seq_id 
_struct_sheet_range.end_auth_comp_id 
_struct_sheet_range.end_auth_asym_id 
_struct_sheet_range.end_auth_seq_id 
A 1 ARG A 66  ? GLU A 68  ? ARG A 44  GLU A 46  
A 2 PHE A 48  ? GLU A 55  ? PHE A 26  GLU A 33  
A 3 GLN A 133 ? TRP A 141 ? GLN A 111 TRP A 119 
A 4 LYS A 118 ? ARG A 130 ? LYS A 96  ARG A 108 
A 5 LEU A 101 ? ALA A 112 ? LEU A 79  ALA A 90  
A 6 LEU A 84  ? PHE A 88  ? LEU A 62  PHE A 66  
B 1 ARG A 66  ? GLU A 68  ? ARG A 44  GLU A 46  
B 2 PHE A 48  ? GLU A 55  ? PHE A 26  GLU A 33  
B 3 GLN A 133 ? TRP A 141 ? GLN A 111 TRP A 119 
B 4 LYS A 118 ? ARG A 130 ? LYS A 96  ARG A 108 
B 5 LEU A 101 ? ALA A 112 ? LEU A 79  ALA A 90  
B 6 GLN A 92  ? TYR A 94  ? GLN A 70  TYR A 72  
# 
loop_
_pdbx_struct_sheet_hbond.sheet_id 
_pdbx_struct_sheet_hbond.range_id_1 
_pdbx_struct_sheet_hbond.range_id_2 
_pdbx_struct_sheet_hbond.range_1_label_atom_id 
_pdbx_struct_sheet_hbond.range_1_label_comp_id 
_pdbx_struct_sheet_hbond.range_1_label_asym_id 
_pdbx_struct_sheet_hbond.range_1_label_seq_id 
_pdbx_struct_sheet_hbond.range_1_PDB_ins_code 
_pdbx_struct_sheet_hbond.range_1_auth_atom_id 
_pdbx_struct_sheet_hbond.range_1_auth_comp_id 
_pdbx_struct_sheet_hbond.range_1_auth_asym_id 
_pdbx_struct_sheet_hbond.range_1_auth_seq_id 
_pdbx_struct_sheet_hbond.range_2_label_atom_id 
_pdbx_struct_sheet_hbond.range_2_label_comp_id 
_pdbx_struct_sheet_hbond.range_2_label_asym_id 
_pdbx_struct_sheet_hbond.range_2_label_seq_id 
_pdbx_struct_sheet_hbond.range_2_PDB_ins_code 
_pdbx_struct_sheet_hbond.range_2_auth_atom_id 
_pdbx_struct_sheet_hbond.range_2_auth_comp_id 
_pdbx_struct_sheet_hbond.range_2_auth_asym_id 
_pdbx_struct_sheet_hbond.range_2_auth_seq_id 
A 1 2 O PHE A 67  ? O PHE A 45  N LEU A 54  ? N LEU A 32  
A 2 3 N GLU A 55  ? N GLU A 33  O ASP A 139 ? O ASP A 117 
A 3 4 O ARG A 138 ? O ARG A 116 N VAL A 126 ? N VAL A 104 
A 4 5 O LEU A 119 ? O LEU A 97  N GLY A 110 ? N GLY A 88  
A 5 6 O ASP A 109 ? O ASP A 87  N ARG A 87  ? N ARG A 65  
B 1 2 O PHE A 67  ? O PHE A 45  N LEU A 54  ? N LEU A 32  
B 2 3 N GLU A 55  ? N GLU A 33  O ASP A 139 ? O ASP A 117 
B 3 4 O ARG A 138 ? O ARG A 116 N VAL A 126 ? N VAL A 104 
B 4 5 O LEU A 119 ? O LEU A 97  N GLY A 110 ? N GLY A 88  
B 5 6 O GLU A 105 ? O GLU A 83  N GLN A 92  ? N GLN A 70  
# 
loop_
_struct_site.id 
_struct_site.pdbx_evidence_code 
_struct_site.pdbx_auth_asym_id 
_struct_site.pdbx_auth_comp_id 
_struct_site.pdbx_auth_seq_id 
_struct_site.pdbx_auth_ins_code 
_struct_site.pdbx_num_residues 
_struct_site.details 
AC1 Software A MG  302 ? 6  'BINDING SITE FOR RESIDUE MG A 302'  
AC2 Software A PGE 301 ? 12 'BINDING SITE FOR RESIDUE PGE A 301' 
# 
loop_
_struct_site_gen.id 
_struct_site_gen.site_id 
_struct_site_gen.pdbx_num_res 
_struct_site_gen.label_comp_id 
_struct_site_gen.label_asym_id 
_struct_site_gen.label_seq_id 
_struct_site_gen.pdbx_auth_ins_code 
_struct_site_gen.auth_comp_id 
_struct_site_gen.auth_asym_id 
_struct_site_gen.auth_seq_id 
_struct_site_gen.label_atom_id 
_struct_site_gen.label_alt_id 
_struct_site_gen.symmetry 
_struct_site_gen.details 
1  AC1 6  HOH D .   ? HOH A 357 . ? 1_555 ? 
2  AC1 6  HOH D .   ? HOH A 371 . ? 1_555 ? 
3  AC1 6  HOH D .   ? HOH A 489 . ? 1_555 ? 
4  AC1 6  HOH D .   ? HOH A 498 . ? 1_555 ? 
5  AC1 6  HOH D .   ? HOH A 502 . ? 1_555 ? 
6  AC1 6  HOH D .   ? HOH A 507 . ? 1_555 ? 
7  AC2 12 TYR A 18  ? TYR A -4  . ? 4_656 ? 
8  AC2 12 LEU A 36  ? LEU A 14  . ? 1_555 ? 
9  AC2 12 TRP A 44  ? TRP A 22  . ? 1_555 ? 
10 AC2 12 LEU A 84  ? LEU A 62  . ? 1_555 ? 
11 AC2 12 PHE A 88  ? PHE A 66  . ? 1_555 ? 
12 AC2 12 LEU A 119 ? LEU A 97  . ? 1_555 ? 
13 AC2 12 GLN A 121 ? GLN A 99  . ? 1_555 ? 
14 AC2 12 TYR A 123 ? TYR A 101 . ? 1_555 ? 
15 AC2 12 TYR A 137 ? TYR A 115 . ? 1_555 ? 
16 AC2 12 ASP A 139 ? ASP A 117 . ? 1_555 ? 
17 AC2 12 TRP A 141 ? TRP A 119 . ? 1_555 ? 
18 AC2 12 HIS A 146 ? HIS A 124 . ? 1_555 ? 
# 
loop_
_pdbx_validate_close_contact.id 
_pdbx_validate_close_contact.PDB_model_num 
_pdbx_validate_close_contact.auth_atom_id_1 
_pdbx_validate_close_contact.auth_asym_id_1 
_pdbx_validate_close_contact.auth_comp_id_1 
_pdbx_validate_close_contact.auth_seq_id_1 
_pdbx_validate_close_contact.PDB_ins_code_1 
_pdbx_validate_close_contact.label_alt_id_1 
_pdbx_validate_close_contact.auth_atom_id_2 
_pdbx_validate_close_contact.auth_asym_id_2 
_pdbx_validate_close_contact.auth_comp_id_2 
_pdbx_validate_close_contact.auth_seq_id_2 
_pdbx_validate_close_contact.PDB_ins_code_2 
_pdbx_validate_close_contact.label_alt_id_2 
_pdbx_validate_close_contact.dist 
1 1 N   A ASN -6 ? ? O A HOH 499 ? ? 2.07 
2 1 NH1 A ARG 12 ? B O A HOH 509 ? ? 2.15 
# 
_pdbx_validate_symm_contact.id                1 
_pdbx_validate_symm_contact.PDB_model_num     1 
_pdbx_validate_symm_contact.auth_atom_id_1    O 
_pdbx_validate_symm_contact.auth_asym_id_1    A 
_pdbx_validate_symm_contact.auth_comp_id_1    HOH 
_pdbx_validate_symm_contact.auth_seq_id_1     372 
_pdbx_validate_symm_contact.PDB_ins_code_1    ? 
_pdbx_validate_symm_contact.label_alt_id_1    ? 
_pdbx_validate_symm_contact.site_symmetry_1   1_555 
_pdbx_validate_symm_contact.auth_atom_id_2    O 
_pdbx_validate_symm_contact.auth_asym_id_2    A 
_pdbx_validate_symm_contact.auth_comp_id_2    HOH 
_pdbx_validate_symm_contact.auth_seq_id_2     380 
_pdbx_validate_symm_contact.PDB_ins_code_2    ? 
_pdbx_validate_symm_contact.label_alt_id_2    ? 
_pdbx_validate_symm_contact.site_symmetry_2   4_656 
_pdbx_validate_symm_contact.dist              1.76 
# 
_pdbx_SG_project.id                    1 
_pdbx_SG_project.project_name          'PSI, Protein Structure Initiative' 
_pdbx_SG_project.full_name_of_center   'Midwest Center for Structural Genomics' 
_pdbx_SG_project.initial_of_center     MCSG 
# 
loop_
_pdbx_unobs_or_zero_occ_residues.id 
_pdbx_unobs_or_zero_occ_residues.PDB_model_num 
_pdbx_unobs_or_zero_occ_residues.polymer_flag 
_pdbx_unobs_or_zero_occ_residues.occupancy_flag 
_pdbx_unobs_or_zero_occ_residues.auth_asym_id 
_pdbx_unobs_or_zero_occ_residues.auth_comp_id 
_pdbx_unobs_or_zero_occ_residues.auth_seq_id 
_pdbx_unobs_or_zero_occ_residues.PDB_ins_code 
_pdbx_unobs_or_zero_occ_residues.label_asym_id 
_pdbx_unobs_or_zero_occ_residues.label_comp_id 
_pdbx_unobs_or_zero_occ_residues.label_seq_id 
1  1 Y 1 A MET -21 ? A MET 1   
2  1 Y 1 A GLY -20 ? A GLY 2   
3  1 Y 1 A SER -19 ? A SER 3   
4  1 Y 1 A SER -18 ? A SER 4   
5  1 Y 1 A HIS -17 ? A HIS 5   
6  1 Y 1 A HIS -16 ? A HIS 6   
7  1 Y 1 A HIS -15 ? A HIS 7   
8  1 Y 1 A HIS -14 ? A HIS 8   
9  1 Y 1 A HIS -13 ? A HIS 9   
10 1 Y 1 A HIS -12 ? A HIS 10  
11 1 Y 1 A SER -11 ? A SER 11  
12 1 Y 1 A SER -10 ? A SER 12  
13 1 Y 1 A GLY -9  ? A GLY 13  
14 1 Y 1 A ARG -8  ? A ARG 14  
15 1 Y 1 A GLU -7  ? A GLU 15  
16 1 Y 1 A GLY 130 ? A GLY 152 
17 1 Y 1 A VAL 131 ? A VAL 153 
18 1 Y 1 A GLU 132 ? A GLU 154 
19 1 Y 1 A ALA 133 ? A ALA 155 
20 1 Y 1 A ALA 134 ? A ALA 156 
21 1 Y 1 A ALA 135 ? A ALA 157 
22 1 Y 1 A LYS 136 ? A LYS 158 
23 1 Y 1 A ILE 137 ? A ILE 159 
24 1 Y 1 A VAL 138 ? A VAL 160 
25 1 Y 1 A GLN 139 ? A GLN 161 
26 1 Y 1 A GLY 140 ? A GLY 162 
27 1 Y 1 A ALA 141 ? A ALA 163 
# 
loop_
_chem_comp_atom.comp_id 
_chem_comp_atom.atom_id 
_chem_comp_atom.type_symbol 
_chem_comp_atom.pdbx_aromatic_flag 
_chem_comp_atom.pdbx_stereo_config 
_chem_comp_atom.pdbx_ordinal 
ALA N    N  N N 1   
ALA CA   C  N S 2   
ALA C    C  N N 3   
ALA O    O  N N 4   
ALA CB   C  N N 5   
ALA OXT  O  N N 6   
ALA H    H  N N 7   
ALA H2   H  N N 8   
ALA HA   H  N N 9   
ALA HB1  H  N N 10  
ALA HB2  H  N N 11  
ALA HB3  H  N N 12  
ALA HXT  H  N N 13  
ARG N    N  N N 14  
ARG CA   C  N S 15  
ARG C    C  N N 16  
ARG O    O  N N 17  
ARG CB   C  N N 18  
ARG CG   C  N N 19  
ARG CD   C  N N 20  
ARG NE   N  N N 21  
ARG CZ   C  N N 22  
ARG NH1  N  N N 23  
ARG NH2  N  N N 24  
ARG OXT  O  N N 25  
ARG H    H  N N 26  
ARG H2   H  N N 27  
ARG HA   H  N N 28  
ARG HB2  H  N N 29  
ARG HB3  H  N N 30  
ARG HG2  H  N N 31  
ARG HG3  H  N N 32  
ARG HD2  H  N N 33  
ARG HD3  H  N N 34  
ARG HE   H  N N 35  
ARG HH11 H  N N 36  
ARG HH12 H  N N 37  
ARG HH21 H  N N 38  
ARG HH22 H  N N 39  
ARG HXT  H  N N 40  
ASN N    N  N N 41  
ASN CA   C  N S 42  
ASN C    C  N N 43  
ASN O    O  N N 44  
ASN CB   C  N N 45  
ASN CG   C  N N 46  
ASN OD1  O  N N 47  
ASN ND2  N  N N 48  
ASN OXT  O  N N 49  
ASN H    H  N N 50  
ASN H2   H  N N 51  
ASN HA   H  N N 52  
ASN HB2  H  N N 53  
ASN HB3  H  N N 54  
ASN HD21 H  N N 55  
ASN HD22 H  N N 56  
ASN HXT  H  N N 57  
ASP N    N  N N 58  
ASP CA   C  N S 59  
ASP C    C  N N 60  
ASP O    O  N N 61  
ASP CB   C  N N 62  
ASP CG   C  N N 63  
ASP OD1  O  N N 64  
ASP OD2  O  N N 65  
ASP OXT  O  N N 66  
ASP H    H  N N 67  
ASP H2   H  N N 68  
ASP HA   H  N N 69  
ASP HB2  H  N N 70  
ASP HB3  H  N N 71  
ASP HD2  H  N N 72  
ASP HXT  H  N N 73  
CYS N    N  N N 74  
CYS CA   C  N R 75  
CYS C    C  N N 76  
CYS O    O  N N 77  
CYS CB   C  N N 78  
CYS SG   S  N N 79  
CYS OXT  O  N N 80  
CYS H    H  N N 81  
CYS H2   H  N N 82  
CYS HA   H  N N 83  
CYS HB2  H  N N 84  
CYS HB3  H  N N 85  
CYS HG   H  N N 86  
CYS HXT  H  N N 87  
GLN N    N  N N 88  
GLN CA   C  N S 89  
GLN C    C  N N 90  
GLN O    O  N N 91  
GLN CB   C  N N 92  
GLN CG   C  N N 93  
GLN CD   C  N N 94  
GLN OE1  O  N N 95  
GLN NE2  N  N N 96  
GLN OXT  O  N N 97  
GLN H    H  N N 98  
GLN H2   H  N N 99  
GLN HA   H  N N 100 
GLN HB2  H  N N 101 
GLN HB3  H  N N 102 
GLN HG2  H  N N 103 
GLN HG3  H  N N 104 
GLN HE21 H  N N 105 
GLN HE22 H  N N 106 
GLN HXT  H  N N 107 
GLU N    N  N N 108 
GLU CA   C  N S 109 
GLU C    C  N N 110 
GLU O    O  N N 111 
GLU CB   C  N N 112 
GLU CG   C  N N 113 
GLU CD   C  N N 114 
GLU OE1  O  N N 115 
GLU OE2  O  N N 116 
GLU OXT  O  N N 117 
GLU H    H  N N 118 
GLU H2   H  N N 119 
GLU HA   H  N N 120 
GLU HB2  H  N N 121 
GLU HB3  H  N N 122 
GLU HG2  H  N N 123 
GLU HG3  H  N N 124 
GLU HE2  H  N N 125 
GLU HXT  H  N N 126 
GLY N    N  N N 127 
GLY CA   C  N N 128 
GLY C    C  N N 129 
GLY O    O  N N 130 
GLY OXT  O  N N 131 
GLY H    H  N N 132 
GLY H2   H  N N 133 
GLY HA2  H  N N 134 
GLY HA3  H  N N 135 
GLY HXT  H  N N 136 
HIS N    N  N N 137 
HIS CA   C  N S 138 
HIS C    C  N N 139 
HIS O    O  N N 140 
HIS CB   C  N N 141 
HIS CG   C  Y N 142 
HIS ND1  N  Y N 143 
HIS CD2  C  Y N 144 
HIS CE1  C  Y N 145 
HIS NE2  N  Y N 146 
HIS OXT  O  N N 147 
HIS H    H  N N 148 
HIS H2   H  N N 149 
HIS HA   H  N N 150 
HIS HB2  H  N N 151 
HIS HB3  H  N N 152 
HIS HD1  H  N N 153 
HIS HD2  H  N N 154 
HIS HE1  H  N N 155 
HIS HE2  H  N N 156 
HIS HXT  H  N N 157 
HOH O    O  N N 158 
HOH H1   H  N N 159 
HOH H2   H  N N 160 
ILE N    N  N N 161 
ILE CA   C  N S 162 
ILE C    C  N N 163 
ILE O    O  N N 164 
ILE CB   C  N S 165 
ILE CG1  C  N N 166 
ILE CG2  C  N N 167 
ILE CD1  C  N N 168 
ILE OXT  O  N N 169 
ILE H    H  N N 170 
ILE H2   H  N N 171 
ILE HA   H  N N 172 
ILE HB   H  N N 173 
ILE HG12 H  N N 174 
ILE HG13 H  N N 175 
ILE HG21 H  N N 176 
ILE HG22 H  N N 177 
ILE HG23 H  N N 178 
ILE HD11 H  N N 179 
ILE HD12 H  N N 180 
ILE HD13 H  N N 181 
ILE HXT  H  N N 182 
LEU N    N  N N 183 
LEU CA   C  N S 184 
LEU C    C  N N 185 
LEU O    O  N N 186 
LEU CB   C  N N 187 
LEU CG   C  N N 188 
LEU CD1  C  N N 189 
LEU CD2  C  N N 190 
LEU OXT  O  N N 191 
LEU H    H  N N 192 
LEU H2   H  N N 193 
LEU HA   H  N N 194 
LEU HB2  H  N N 195 
LEU HB3  H  N N 196 
LEU HG   H  N N 197 
LEU HD11 H  N N 198 
LEU HD12 H  N N 199 
LEU HD13 H  N N 200 
LEU HD21 H  N N 201 
LEU HD22 H  N N 202 
LEU HD23 H  N N 203 
LEU HXT  H  N N 204 
LYS N    N  N N 205 
LYS CA   C  N S 206 
LYS C    C  N N 207 
LYS O    O  N N 208 
LYS CB   C  N N 209 
LYS CG   C  N N 210 
LYS CD   C  N N 211 
LYS CE   C  N N 212 
LYS NZ   N  N N 213 
LYS OXT  O  N N 214 
LYS H    H  N N 215 
LYS H2   H  N N 216 
LYS HA   H  N N 217 
LYS HB2  H  N N 218 
LYS HB3  H  N N 219 
LYS HG2  H  N N 220 
LYS HG3  H  N N 221 
LYS HD2  H  N N 222 
LYS HD3  H  N N 223 
LYS HE2  H  N N 224 
LYS HE3  H  N N 225 
LYS HZ1  H  N N 226 
LYS HZ2  H  N N 227 
LYS HZ3  H  N N 228 
LYS HXT  H  N N 229 
MET N    N  N N 230 
MET CA   C  N S 231 
MET C    C  N N 232 
MET O    O  N N 233 
MET CB   C  N N 234 
MET CG   C  N N 235 
MET SD   S  N N 236 
MET CE   C  N N 237 
MET OXT  O  N N 238 
MET H    H  N N 239 
MET H2   H  N N 240 
MET HA   H  N N 241 
MET HB2  H  N N 242 
MET HB3  H  N N 243 
MET HG2  H  N N 244 
MET HG3  H  N N 245 
MET HE1  H  N N 246 
MET HE2  H  N N 247 
MET HE3  H  N N 248 
MET HXT  H  N N 249 
MG  MG   MG N N 250 
PGE C1   C  N N 251 
PGE O1   O  N N 252 
PGE C2   C  N N 253 
PGE O2   O  N N 254 
PGE C3   C  N N 255 
PGE C4   C  N N 256 
PGE O4   O  N N 257 
PGE C6   C  N N 258 
PGE C5   C  N N 259 
PGE O3   O  N N 260 
PGE H1   H  N N 261 
PGE H12  H  N N 262 
PGE HO1  H  N N 263 
PGE H2   H  N N 264 
PGE H22  H  N N 265 
PGE H3   H  N N 266 
PGE H32  H  N N 267 
PGE H4   H  N N 268 
PGE H42  H  N N 269 
PGE HO4  H  N N 270 
PGE H6   H  N N 271 
PGE H62  H  N N 272 
PGE H5   H  N N 273 
PGE H52  H  N N 274 
PHE N    N  N N 275 
PHE CA   C  N S 276 
PHE C    C  N N 277 
PHE O    O  N N 278 
PHE CB   C  N N 279 
PHE CG   C  Y N 280 
PHE CD1  C  Y N 281 
PHE CD2  C  Y N 282 
PHE CE1  C  Y N 283 
PHE CE2  C  Y N 284 
PHE CZ   C  Y N 285 
PHE OXT  O  N N 286 
PHE H    H  N N 287 
PHE H2   H  N N 288 
PHE HA   H  N N 289 
PHE HB2  H  N N 290 
PHE HB3  H  N N 291 
PHE HD1  H  N N 292 
PHE HD2  H  N N 293 
PHE HE1  H  N N 294 
PHE HE2  H  N N 295 
PHE HZ   H  N N 296 
PHE HXT  H  N N 297 
PRO N    N  N N 298 
PRO CA   C  N S 299 
PRO C    C  N N 300 
PRO O    O  N N 301 
PRO CB   C  N N 302 
PRO CG   C  N N 303 
PRO CD   C  N N 304 
PRO OXT  O  N N 305 
PRO H    H  N N 306 
PRO HA   H  N N 307 
PRO HB2  H  N N 308 
PRO HB3  H  N N 309 
PRO HG2  H  N N 310 
PRO HG3  H  N N 311 
PRO HD2  H  N N 312 
PRO HD3  H  N N 313 
PRO HXT  H  N N 314 
SER N    N  N N 315 
SER CA   C  N S 316 
SER C    C  N N 317 
SER O    O  N N 318 
SER CB   C  N N 319 
SER OG   O  N N 320 
SER OXT  O  N N 321 
SER H    H  N N 322 
SER H2   H  N N 323 
SER HA   H  N N 324 
SER HB2  H  N N 325 
SER HB3  H  N N 326 
SER HG   H  N N 327 
SER HXT  H  N N 328 
THR N    N  N N 329 
THR CA   C  N S 330 
THR C    C  N N 331 
THR O    O  N N 332 
THR CB   C  N R 333 
THR OG1  O  N N 334 
THR CG2  C  N N 335 
THR OXT  O  N N 336 
THR H    H  N N 337 
THR H2   H  N N 338 
THR HA   H  N N 339 
THR HB   H  N N 340 
THR HG1  H  N N 341 
THR HG21 H  N N 342 
THR HG22 H  N N 343 
THR HG23 H  N N 344 
THR HXT  H  N N 345 
TRP N    N  N N 346 
TRP CA   C  N S 347 
TRP C    C  N N 348 
TRP O    O  N N 349 
TRP CB   C  N N 350 
TRP CG   C  Y N 351 
TRP CD1  C  Y N 352 
TRP CD2  C  Y N 353 
TRP NE1  N  Y N 354 
TRP CE2  C  Y N 355 
TRP CE3  C  Y N 356 
TRP CZ2  C  Y N 357 
TRP CZ3  C  Y N 358 
TRP CH2  C  Y N 359 
TRP OXT  O  N N 360 
TRP H    H  N N 361 
TRP H2   H  N N 362 
TRP HA   H  N N 363 
TRP HB2  H  N N 364 
TRP HB3  H  N N 365 
TRP HD1  H  N N 366 
TRP HE1  H  N N 367 
TRP HE3  H  N N 368 
TRP HZ2  H  N N 369 
TRP HZ3  H  N N 370 
TRP HH2  H  N N 371 
TRP HXT  H  N N 372 
TYR N    N  N N 373 
TYR CA   C  N S 374 
TYR C    C  N N 375 
TYR O    O  N N 376 
TYR CB   C  N N 377 
TYR CG   C  Y N 378 
TYR CD1  C  Y N 379 
TYR CD2  C  Y N 380 
TYR CE1  C  Y N 381 
TYR CE2  C  Y N 382 
TYR CZ   C  Y N 383 
TYR OH   O  N N 384 
TYR OXT  O  N N 385 
TYR H    H  N N 386 
TYR H2   H  N N 387 
TYR HA   H  N N 388 
TYR HB2  H  N N 389 
TYR HB3  H  N N 390 
TYR HD1  H  N N 391 
TYR HD2  H  N N 392 
TYR HE1  H  N N 393 
TYR HE2  H  N N 394 
TYR HH   H  N N 395 
TYR HXT  H  N N 396 
VAL N    N  N N 397 
VAL CA   C  N S 398 
VAL C    C  N N 399 
VAL O    O  N N 400 
VAL CB   C  N N 401 
VAL CG1  C  N N 402 
VAL CG2  C  N N 403 
VAL OXT  O  N N 404 
VAL H    H  N N 405 
VAL H2   H  N N 406 
VAL HA   H  N N 407 
VAL HB   H  N N 408 
VAL HG11 H  N N 409 
VAL HG12 H  N N 410 
VAL HG13 H  N N 411 
VAL HG21 H  N N 412 
VAL HG22 H  N N 413 
VAL HG23 H  N N 414 
VAL HXT  H  N N 415 
# 
loop_
_chem_comp_bond.comp_id 
_chem_comp_bond.atom_id_1 
_chem_comp_bond.atom_id_2 
_chem_comp_bond.value_order 
_chem_comp_bond.pdbx_aromatic_flag 
_chem_comp_bond.pdbx_stereo_config 
_chem_comp_bond.pdbx_ordinal 
ALA N   CA   sing N N 1   
ALA N   H    sing N N 2   
ALA N   H2   sing N N 3   
ALA CA  C    sing N N 4   
ALA CA  CB   sing N N 5   
ALA CA  HA   sing N N 6   
ALA C   O    doub N N 7   
ALA C   OXT  sing N N 8   
ALA CB  HB1  sing N N 9   
ALA CB  HB2  sing N N 10  
ALA CB  HB3  sing N N 11  
ALA OXT HXT  sing N N 12  
ARG N   CA   sing N N 13  
ARG N   H    sing N N 14  
ARG N   H2   sing N N 15  
ARG CA  C    sing N N 16  
ARG CA  CB   sing N N 17  
ARG CA  HA   sing N N 18  
ARG C   O    doub N N 19  
ARG C   OXT  sing N N 20  
ARG CB  CG   sing N N 21  
ARG CB  HB2  sing N N 22  
ARG CB  HB3  sing N N 23  
ARG CG  CD   sing N N 24  
ARG CG  HG2  sing N N 25  
ARG CG  HG3  sing N N 26  
ARG CD  NE   sing N N 27  
ARG CD  HD2  sing N N 28  
ARG CD  HD3  sing N N 29  
ARG NE  CZ   sing N N 30  
ARG NE  HE   sing N N 31  
ARG CZ  NH1  sing N N 32  
ARG CZ  NH2  doub N N 33  
ARG NH1 HH11 sing N N 34  
ARG NH1 HH12 sing N N 35  
ARG NH2 HH21 sing N N 36  
ARG NH2 HH22 sing N N 37  
ARG OXT HXT  sing N N 38  
ASN N   CA   sing N N 39  
ASN N   H    sing N N 40  
ASN N   H2   sing N N 41  
ASN CA  C    sing N N 42  
ASN CA  CB   sing N N 43  
ASN CA  HA   sing N N 44  
ASN C   O    doub N N 45  
ASN C   OXT  sing N N 46  
ASN CB  CG   sing N N 47  
ASN CB  HB2  sing N N 48  
ASN CB  HB3  sing N N 49  
ASN CG  OD1  doub N N 50  
ASN CG  ND2  sing N N 51  
ASN ND2 HD21 sing N N 52  
ASN ND2 HD22 sing N N 53  
ASN OXT HXT  sing N N 54  
ASP N   CA   sing N N 55  
ASP N   H    sing N N 56  
ASP N   H2   sing N N 57  
ASP CA  C    sing N N 58  
ASP CA  CB   sing N N 59  
ASP CA  HA   sing N N 60  
ASP C   O    doub N N 61  
ASP C   OXT  sing N N 62  
ASP CB  CG   sing N N 63  
ASP CB  HB2  sing N N 64  
ASP CB  HB3  sing N N 65  
ASP CG  OD1  doub N N 66  
ASP CG  OD2  sing N N 67  
ASP OD2 HD2  sing N N 68  
ASP OXT HXT  sing N N 69  
CYS N   CA   sing N N 70  
CYS N   H    sing N N 71  
CYS N   H2   sing N N 72  
CYS CA  C    sing N N 73  
CYS CA  CB   sing N N 74  
CYS CA  HA   sing N N 75  
CYS C   O    doub N N 76  
CYS C   OXT  sing N N 77  
CYS CB  SG   sing N N 78  
CYS CB  HB2  sing N N 79  
CYS CB  HB3  sing N N 80  
CYS SG  HG   sing N N 81  
CYS OXT HXT  sing N N 82  
GLN N   CA   sing N N 83  
GLN N   H    sing N N 84  
GLN N   H2   sing N N 85  
GLN CA  C    sing N N 86  
GLN CA  CB   sing N N 87  
GLN CA  HA   sing N N 88  
GLN C   O    doub N N 89  
GLN C   OXT  sing N N 90  
GLN CB  CG   sing N N 91  
GLN CB  HB2  sing N N 92  
GLN CB  HB3  sing N N 93  
GLN CG  CD   sing N N 94  
GLN CG  HG2  sing N N 95  
GLN CG  HG3  sing N N 96  
GLN CD  OE1  doub N N 97  
GLN CD  NE2  sing N N 98  
GLN NE2 HE21 sing N N 99  
GLN NE2 HE22 sing N N 100 
GLN OXT HXT  sing N N 101 
GLU N   CA   sing N N 102 
GLU N   H    sing N N 103 
GLU N   H2   sing N N 104 
GLU CA  C    sing N N 105 
GLU CA  CB   sing N N 106 
GLU CA  HA   sing N N 107 
GLU C   O    doub N N 108 
GLU C   OXT  sing N N 109 
GLU CB  CG   sing N N 110 
GLU CB  HB2  sing N N 111 
GLU CB  HB3  sing N N 112 
GLU CG  CD   sing N N 113 
GLU CG  HG2  sing N N 114 
GLU CG  HG3  sing N N 115 
GLU CD  OE1  doub N N 116 
GLU CD  OE2  sing N N 117 
GLU OE2 HE2  sing N N 118 
GLU OXT HXT  sing N N 119 
GLY N   CA   sing N N 120 
GLY N   H    sing N N 121 
GLY N   H2   sing N N 122 
GLY CA  C    sing N N 123 
GLY CA  HA2  sing N N 124 
GLY CA  HA3  sing N N 125 
GLY C   O    doub N N 126 
GLY C   OXT  sing N N 127 
GLY OXT HXT  sing N N 128 
HIS N   CA   sing N N 129 
HIS N   H    sing N N 130 
HIS N   H2   sing N N 131 
HIS CA  C    sing N N 132 
HIS CA  CB   sing N N 133 
HIS CA  HA   sing N N 134 
HIS C   O    doub N N 135 
HIS C   OXT  sing N N 136 
HIS CB  CG   sing N N 137 
HIS CB  HB2  sing N N 138 
HIS CB  HB3  sing N N 139 
HIS CG  ND1  sing Y N 140 
HIS CG  CD2  doub Y N 141 
HIS ND1 CE1  doub Y N 142 
HIS ND1 HD1  sing N N 143 
HIS CD2 NE2  sing Y N 144 
HIS CD2 HD2  sing N N 145 
HIS CE1 NE2  sing Y N 146 
HIS CE1 HE1  sing N N 147 
HIS NE2 HE2  sing N N 148 
HIS OXT HXT  sing N N 149 
HOH O   H1   sing N N 150 
HOH O   H2   sing N N 151 
ILE N   CA   sing N N 152 
ILE N   H    sing N N 153 
ILE N   H2   sing N N 154 
ILE CA  C    sing N N 155 
ILE CA  CB   sing N N 156 
ILE CA  HA   sing N N 157 
ILE C   O    doub N N 158 
ILE C   OXT  sing N N 159 
ILE CB  CG1  sing N N 160 
ILE CB  CG2  sing N N 161 
ILE CB  HB   sing N N 162 
ILE CG1 CD1  sing N N 163 
ILE CG1 HG12 sing N N 164 
ILE CG1 HG13 sing N N 165 
ILE CG2 HG21 sing N N 166 
ILE CG2 HG22 sing N N 167 
ILE CG2 HG23 sing N N 168 
ILE CD1 HD11 sing N N 169 
ILE CD1 HD12 sing N N 170 
ILE CD1 HD13 sing N N 171 
ILE OXT HXT  sing N N 172 
LEU N   CA   sing N N 173 
LEU N   H    sing N N 174 
LEU N   H2   sing N N 175 
LEU CA  C    sing N N 176 
LEU CA  CB   sing N N 177 
LEU CA  HA   sing N N 178 
LEU C   O    doub N N 179 
LEU C   OXT  sing N N 180 
LEU CB  CG   sing N N 181 
LEU CB  HB2  sing N N 182 
LEU CB  HB3  sing N N 183 
LEU CG  CD1  sing N N 184 
LEU CG  CD2  sing N N 185 
LEU CG  HG   sing N N 186 
LEU CD1 HD11 sing N N 187 
LEU CD1 HD12 sing N N 188 
LEU CD1 HD13 sing N N 189 
LEU CD2 HD21 sing N N 190 
LEU CD2 HD22 sing N N 191 
LEU CD2 HD23 sing N N 192 
LEU OXT HXT  sing N N 193 
LYS N   CA   sing N N 194 
LYS N   H    sing N N 195 
LYS N   H2   sing N N 196 
LYS CA  C    sing N N 197 
LYS CA  CB   sing N N 198 
LYS CA  HA   sing N N 199 
LYS C   O    doub N N 200 
LYS C   OXT  sing N N 201 
LYS CB  CG   sing N N 202 
LYS CB  HB2  sing N N 203 
LYS CB  HB3  sing N N 204 
LYS CG  CD   sing N N 205 
LYS CG  HG2  sing N N 206 
LYS CG  HG3  sing N N 207 
LYS CD  CE   sing N N 208 
LYS CD  HD2  sing N N 209 
LYS CD  HD3  sing N N 210 
LYS CE  NZ   sing N N 211 
LYS CE  HE2  sing N N 212 
LYS CE  HE3  sing N N 213 
LYS NZ  HZ1  sing N N 214 
LYS NZ  HZ2  sing N N 215 
LYS NZ  HZ3  sing N N 216 
LYS OXT HXT  sing N N 217 
MET N   CA   sing N N 218 
MET N   H    sing N N 219 
MET N   H2   sing N N 220 
MET CA  C    sing N N 221 
MET CA  CB   sing N N 222 
MET CA  HA   sing N N 223 
MET C   O    doub N N 224 
MET C   OXT  sing N N 225 
MET CB  CG   sing N N 226 
MET CB  HB2  sing N N 227 
MET CB  HB3  sing N N 228 
MET CG  SD   sing N N 229 
MET CG  HG2  sing N N 230 
MET CG  HG3  sing N N 231 
MET SD  CE   sing N N 232 
MET CE  HE1  sing N N 233 
MET CE  HE2  sing N N 234 
MET CE  HE3  sing N N 235 
MET OXT HXT  sing N N 236 
PGE C1  O1   sing N N 237 
PGE C1  C2   sing N N 238 
PGE C1  H1   sing N N 239 
PGE C1  H12  sing N N 240 
PGE O1  HO1  sing N N 241 
PGE C2  O2   sing N N 242 
PGE C2  H2   sing N N 243 
PGE C2  H22  sing N N 244 
PGE O2  C3   sing N N 245 
PGE C3  C4   sing N N 246 
PGE C3  H3   sing N N 247 
PGE C3  H32  sing N N 248 
PGE C4  O3   sing N N 249 
PGE C4  H4   sing N N 250 
PGE C4  H42  sing N N 251 
PGE O4  C6   sing N N 252 
PGE O4  HO4  sing N N 253 
PGE C6  C5   sing N N 254 
PGE C6  H6   sing N N 255 
PGE C6  H62  sing N N 256 
PGE C5  O3   sing N N 257 
PGE C5  H5   sing N N 258 
PGE C5  H52  sing N N 259 
PHE N   CA   sing N N 260 
PHE N   H    sing N N 261 
PHE N   H2   sing N N 262 
PHE CA  C    sing N N 263 
PHE CA  CB   sing N N 264 
PHE CA  HA   sing N N 265 
PHE C   O    doub N N 266 
PHE C   OXT  sing N N 267 
PHE CB  CG   sing N N 268 
PHE CB  HB2  sing N N 269 
PHE CB  HB3  sing N N 270 
PHE CG  CD1  doub Y N 271 
PHE CG  CD2  sing Y N 272 
PHE CD1 CE1  sing Y N 273 
PHE CD1 HD1  sing N N 274 
PHE CD2 CE2  doub Y N 275 
PHE CD2 HD2  sing N N 276 
PHE CE1 CZ   doub Y N 277 
PHE CE1 HE1  sing N N 278 
PHE CE2 CZ   sing Y N 279 
PHE CE2 HE2  sing N N 280 
PHE CZ  HZ   sing N N 281 
PHE OXT HXT  sing N N 282 
PRO N   CA   sing N N 283 
PRO N   CD   sing N N 284 
PRO N   H    sing N N 285 
PRO CA  C    sing N N 286 
PRO CA  CB   sing N N 287 
PRO CA  HA   sing N N 288 
PRO C   O    doub N N 289 
PRO C   OXT  sing N N 290 
PRO CB  CG   sing N N 291 
PRO CB  HB2  sing N N 292 
PRO CB  HB3  sing N N 293 
PRO CG  CD   sing N N 294 
PRO CG  HG2  sing N N 295 
PRO CG  HG3  sing N N 296 
PRO CD  HD2  sing N N 297 
PRO CD  HD3  sing N N 298 
PRO OXT HXT  sing N N 299 
SER N   CA   sing N N 300 
SER N   H    sing N N 301 
SER N   H2   sing N N 302 
SER CA  C    sing N N 303 
SER CA  CB   sing N N 304 
SER CA  HA   sing N N 305 
SER C   O    doub N N 306 
SER C   OXT  sing N N 307 
SER CB  OG   sing N N 308 
SER CB  HB2  sing N N 309 
SER CB  HB3  sing N N 310 
SER OG  HG   sing N N 311 
SER OXT HXT  sing N N 312 
THR N   CA   sing N N 313 
THR N   H    sing N N 314 
THR N   H2   sing N N 315 
THR CA  C    sing N N 316 
THR CA  CB   sing N N 317 
THR CA  HA   sing N N 318 
THR C   O    doub N N 319 
THR C   OXT  sing N N 320 
THR CB  OG1  sing N N 321 
THR CB  CG2  sing N N 322 
THR CB  HB   sing N N 323 
THR OG1 HG1  sing N N 324 
THR CG2 HG21 sing N N 325 
THR CG2 HG22 sing N N 326 
THR CG2 HG23 sing N N 327 
THR OXT HXT  sing N N 328 
TRP N   CA   sing N N 329 
TRP N   H    sing N N 330 
TRP N   H2   sing N N 331 
TRP CA  C    sing N N 332 
TRP CA  CB   sing N N 333 
TRP CA  HA   sing N N 334 
TRP C   O    doub N N 335 
TRP C   OXT  sing N N 336 
TRP CB  CG   sing N N 337 
TRP CB  HB2  sing N N 338 
TRP CB  HB3  sing N N 339 
TRP CG  CD1  doub Y N 340 
TRP CG  CD2  sing Y N 341 
TRP CD1 NE1  sing Y N 342 
TRP CD1 HD1  sing N N 343 
TRP CD2 CE2  doub Y N 344 
TRP CD2 CE3  sing Y N 345 
TRP NE1 CE2  sing Y N 346 
TRP NE1 HE1  sing N N 347 
TRP CE2 CZ2  sing Y N 348 
TRP CE3 CZ3  doub Y N 349 
TRP CE3 HE3  sing N N 350 
TRP CZ2 CH2  doub Y N 351 
TRP CZ2 HZ2  sing N N 352 
TRP CZ3 CH2  sing Y N 353 
TRP CZ3 HZ3  sing N N 354 
TRP CH2 HH2  sing N N 355 
TRP OXT HXT  sing N N 356 
TYR N   CA   sing N N 357 
TYR N   H    sing N N 358 
TYR N   H2   sing N N 359 
TYR CA  C    sing N N 360 
TYR CA  CB   sing N N 361 
TYR CA  HA   sing N N 362 
TYR C   O    doub N N 363 
TYR C   OXT  sing N N 364 
TYR CB  CG   sing N N 365 
TYR CB  HB2  sing N N 366 
TYR CB  HB3  sing N N 367 
TYR CG  CD1  doub Y N 368 
TYR CG  CD2  sing Y N 369 
TYR CD1 CE1  sing Y N 370 
TYR CD1 HD1  sing N N 371 
TYR CD2 CE2  doub Y N 372 
TYR CD2 HD2  sing N N 373 
TYR CE1 CZ   doub Y N 374 
TYR CE1 HE1  sing N N 375 
TYR CE2 CZ   sing Y N 376 
TYR CE2 HE2  sing N N 377 
TYR CZ  OH   sing N N 378 
TYR OH  HH   sing N N 379 
TYR OXT HXT  sing N N 380 
VAL N   CA   sing N N 381 
VAL N   H    sing N N 382 
VAL N   H2   sing N N 383 
VAL CA  C    sing N N 384 
VAL CA  CB   sing N N 385 
VAL CA  HA   sing N N 386 
VAL C   O    doub N N 387 
VAL C   OXT  sing N N 388 
VAL CB  CG1  sing N N 389 
VAL CB  CG2  sing N N 390 
VAL CB  HB   sing N N 391 
VAL CG1 HG11 sing N N 392 
VAL CG1 HG12 sing N N 393 
VAL CG1 HG13 sing N N 394 
VAL CG2 HG21 sing N N 395 
VAL CG2 HG22 sing N N 396 
VAL CG2 HG23 sing N N 397 
VAL OXT HXT  sing N N 398 
# 
_atom_sites.entry_id                    1Z1S 
_atom_sites.fract_transf_matrix[1][1]   0.01764360 
_atom_sites.fract_transf_matrix[1][2]   0.00974082 
_atom_sites.fract_transf_matrix[1][3]   0.00626204 
_atom_sites.fract_transf_matrix[2][1]   -0.00059891 
_atom_sites.fract_transf_matrix[2][2]   0.02033393 
_atom_sites.fract_transf_matrix[2][3]   0.00562082 
_atom_sites.fract_transf_matrix[3][1]   -0.00204249 
_atom_sites.fract_transf_matrix[3][2]   -0.00289633 
_atom_sites.fract_transf_matrix[3][3]   0.01026014 
_atom_sites.fract_transf_vector[1]      0.804185 
_atom_sites.fract_transf_vector[2]      0.331325 
_atom_sites.fract_transf_vector[3]      0.443313 
# 
loop_
_atom_type.symbol 
C  
MG 
N  
O  
S  
# 
loop_
_atom_site.group_PDB 
_atom_site.id 
_atom_site.type_symbol 
_atom_site.label_atom_id 
_atom_site.label_alt_id 
_atom_site.label_comp_id 
_atom_site.label_asym_id 
_atom_site.label_entity_id 
_atom_site.label_seq_id 
_atom_site.pdbx_PDB_ins_code 
_atom_site.Cartn_x 
_atom_site.Cartn_y 
_atom_site.Cartn_z 
_atom_site.occupancy 
_atom_site.B_iso_or_equiv 
_atom_site.pdbx_formal_charge 
_atom_site.auth_seq_id 
_atom_site.auth_comp_id 
_atom_site.auth_asym_id 
_atom_site.auth_atom_id 
_atom_site.pdbx_PDB_model_num 
ATOM   1    N  N   . ASN A 1 16  ? -0.326  -26.863 -3.053  1.00 28.25 ? -6  ASN A N   1 
ATOM   2    C  CA  . ASN A 1 16  ? 0.461   -25.596 -2.927  1.00 27.94 ? -6  ASN A CA  1 
ATOM   3    C  C   . ASN A 1 16  ? -0.154  -24.429 -2.132  1.00 26.06 ? -6  ASN A C   1 
ATOM   4    O  O   . ASN A 1 16  ? 0.548   -23.908 -1.285  1.00 25.77 ? -6  ASN A O   1 
ATOM   5    C  CB  . ASN A 1 16  ? 1.058   -25.125 -4.259  1.00 29.48 ? -6  ASN A CB  1 
ATOM   6    C  CG  . ASN A 1 16  ? 1.775   -26.239 -5.011  1.00 32.28 ? -6  ASN A CG  1 
ATOM   7    O  OD1 . ASN A 1 16  ? 1.796   -27.388 -4.567  1.00 37.77 ? -6  ASN A OD1 1 
ATOM   8    N  ND2 . ASN A 1 16  ? 2.353   -25.905 -6.169  1.00 36.76 ? -6  ASN A ND2 1 
ATOM   9    N  N   . LEU A 1 17  ? -1.409  -23.998 -2.367  1.00 23.70 ? -5  LEU A N   1 
ATOM   10   C  CA  . LEU A 1 17  ? -1.952  -22.909 -1.496  1.00 22.18 ? -5  LEU A CA  1 
ATOM   11   C  C   . LEU A 1 17  ? -2.140  -23.366 -0.047  1.00 21.52 ? -5  LEU A C   1 
ATOM   12   O  O   . LEU A 1 17  ? -2.260  -22.530 0.864   1.00 21.02 ? -5  LEU A O   1 
ATOM   13   C  CB  . LEU A 1 17  ? -3.220  -22.216 -2.037  1.00 21.53 ? -5  LEU A CB  1 
ATOM   14   C  CG  . LEU A 1 17  ? -4.498  -23.012 -2.324  1.00 22.76 ? -5  LEU A CG  1 
ATOM   15   C  CD1 . LEU A 1 17  ? -5.196  -23.467 -1.077  1.00 22.86 ? -5  LEU A CD1 1 
ATOM   16   C  CD2 . LEU A 1 17  ? -5.420  -22.110 -3.129  1.00 25.46 ? -5  LEU A CD2 1 
ATOM   17   N  N   . TYR A 1 18  ? -2.149  -24.683 0.162   1.00 20.91 ? -4  TYR A N   1 
ATOM   18   C  CA  . TYR A 1 18  ? -2.146  -25.226 1.524   1.00 21.15 ? -4  TYR A CA  1 
ATOM   19   C  C   . TYR A 1 18  ? -0.731  -25.540 1.994   1.00 21.24 ? -4  TYR A C   1 
ATOM   20   O  O   . TYR A 1 18  ? -0.534  -25.969 3.128   1.00 21.03 ? -4  TYR A O   1 
ATOM   21   C  CB  . TYR A 1 18  ? -3.056  -26.464 1.647   1.00 20.86 ? -4  TYR A CB  1 
ATOM   22   C  CG  . TYR A 1 18  ? -4.520  -26.127 1.658   1.00 20.81 ? -4  TYR A CG  1 
ATOM   23   C  CD1 . TYR A 1 18  ? -5.370  -26.561 0.643   1.00 19.89 ? -4  TYR A CD1 1 
ATOM   24   C  CD2 . TYR A 1 18  ? -5.065  -25.362 2.682   1.00 21.28 ? -4  TYR A CD2 1 
ATOM   25   C  CE1 . TYR A 1 18  ? -6.727  -26.242 0.663   1.00 20.40 ? -4  TYR A CE1 1 
ATOM   26   C  CE2 . TYR A 1 18  ? -6.416  -25.041 2.705   1.00 21.90 ? -4  TYR A CE2 1 
ATOM   27   C  CZ  . TYR A 1 18  ? -7.239  -25.477 1.682   1.00 21.73 ? -4  TYR A CZ  1 
ATOM   28   O  OH  . TYR A 1 18  ? -8.582  -25.137 1.708   1.00 21.53 ? -4  TYR A OH  1 
ATOM   29   N  N   . PHE A 1 19  ? 0.246   -25.369 1.102   1.00 21.50 ? -3  PHE A N   1 
ATOM   30   C  CA  . PHE A 1 19  ? 1.626   -25.740 1.400   1.00 22.63 ? -3  PHE A CA  1 
ATOM   31   C  C   . PHE A 1 19  ? 2.546   -24.673 0.860   1.00 22.35 ? -3  PHE A C   1 
ATOM   32   O  O   . PHE A 1 19  ? 3.444   -24.930 0.058   1.00 22.78 ? -3  PHE A O   1 
ATOM   33   C  CB  . PHE A 1 19  ? 1.931   -27.138 0.838   1.00 22.91 ? -3  PHE A CB  1 
ATOM   34   C  CG  . PHE A 1 19  ? 1.126   -28.207 1.498   1.00 24.34 ? -3  PHE A CG  1 
ATOM   35   C  CD1 . PHE A 1 19  ? -0.156  -28.519 1.041   1.00 25.01 ? -3  PHE A CD1 1 
ATOM   36   C  CD2 . PHE A 1 19  ? 1.618   -28.857 2.624   1.00 25.25 ? -3  PHE A CD2 1 
ATOM   37   C  CE1 . PHE A 1 19  ? -0.936  -29.484 1.690   1.00 23.95 ? -3  PHE A CE1 1 
ATOM   38   C  CE2 . PHE A 1 19  ? 0.857   -29.824 3.278   1.00 26.62 ? -3  PHE A CE2 1 
ATOM   39   C  CZ  . PHE A 1 19  ? -0.429  -30.141 2.807   1.00 26.71 ? -3  PHE A CZ  1 
ATOM   40   N  N   . GLN A 1 20  ? 2.290   -23.448 1.298   1.00 22.83 ? -2  GLN A N   1 
ATOM   41   C  CA  . GLN A 1 20  ? 2.997   -22.300 0.764   1.00 23.69 ? -2  GLN A CA  1 
ATOM   42   C  C   . GLN A 1 20  ? 4.345   -22.141 1.411   1.00 25.03 ? -2  GLN A C   1 
ATOM   43   O  O   . GLN A 1 20  ? 4.538   -22.489 2.583   1.00 26.77 ? -2  GLN A O   1 
ATOM   44   C  CB  . GLN A 1 20  ? 2.186   -21.017 0.964   1.00 23.60 ? -2  GLN A CB  1 
ATOM   45   C  CG  . GLN A 1 20  ? 0.815   -21.046 0.314   1.00 22.26 ? -2  GLN A CG  1 
ATOM   46   C  CD  . GLN A 1 20  ? 0.097   -19.726 0.471   1.00 20.28 ? -2  GLN A CD  1 
ATOM   47   O  OE1 . GLN A 1 20  ? 0.721   -18.658 0.402   1.00 22.02 ? -2  GLN A OE1 1 
ATOM   48   N  NE2 . GLN A 1 20  ? -1.223  -19.780 0.706   1.00 20.11 ? -2  GLN A NE2 1 
ATOM   49   N  N   . GLY A 1 21  ? 5.279   -21.691 0.583   1.00 25.99 ? -1  GLY A N   1 
ATOM   50   C  CA  . GLY A 1 21  ? 6.441   -20.962 1.036   1.00 25.77 ? -1  GLY A CA  1 
ATOM   51   C  C   . GLY A 1 21  ? 5.949   -19.535 1.208   1.00 25.40 ? -1  GLY A C   1 
ATOM   52   O  O   . GLY A 1 21  ? 4.859   -19.161 0.739   1.00 27.23 ? -1  GLY A O   1 
ATOM   53   N  N   A HIS A 1 22  ? 6.786   -18.742 1.861   0.50 24.51 ? 0   HIS A N   1 
ATOM   54   N  N   B HIS A 1 22  ? 6.698   -18.706 1.904   0.50 24.39 ? 0   HIS A N   1 
ATOM   55   C  CA  A HIS A 1 22  ? 6.493   -17.349 2.137   0.50 22.95 ? 0   HIS A CA  1 
ATOM   56   C  CA  B HIS A 1 22  ? 6.206   -17.352 2.109   0.50 22.56 ? 0   HIS A CA  1 
ATOM   57   C  C   A HIS A 1 22  ? 6.414   -16.537 0.839   0.50 21.89 ? 0   HIS A C   1 
ATOM   58   C  C   B HIS A 1 22  ? 6.068   -16.610 0.759   0.50 21.36 ? 0   HIS A C   1 
ATOM   59   O  O   A HIS A 1 22  ? 7.235   -16.721 -0.066  0.50 21.92 ? 0   HIS A O   1 
ATOM   60   O  O   B HIS A 1 22  ? 6.684   -17.008 -0.238  0.50 21.32 ? 0   HIS A O   1 
ATOM   61   C  CB  A HIS A 1 22  ? 7.568   -16.787 3.065   0.50 23.36 ? 0   HIS A CB  1 
ATOM   62   C  CB  B HIS A 1 22  ? 7.119   -16.611 3.064   0.50 23.22 ? 0   HIS A CB  1 
ATOM   63   C  CG  A HIS A 1 22  ? 7.544   -17.379 4.441   0.50 23.43 ? 0   HIS A CG  1 
ATOM   64   C  CG  B HIS A 1 22  ? 8.553   -16.601 2.642   0.50 22.90 ? 0   HIS A CG  1 
ATOM   65   N  ND1 A HIS A 1 22  ? 8.679   -17.839 5.075   0.50 25.48 ? 0   HIS A ND1 1 
ATOM   66   N  ND1 B HIS A 1 22  ? 9.466   -17.535 3.085   0.50 24.41 ? 0   HIS A ND1 1 
ATOM   67   C  CD2 A HIS A 1 22  ? 6.521   -17.590 5.302   0.50 25.36 ? 0   HIS A CD2 1 
ATOM   68   C  CD2 B HIS A 1 22  ? 9.236   -15.761 1.828   0.50 23.59 ? 0   HIS A CD2 1 
ATOM   69   C  CE1 A HIS A 1 22  ? 8.355   -18.307 6.266   0.50 25.19 ? 0   HIS A CE1 1 
ATOM   70   C  CE1 B HIS A 1 22  ? 10.648  -17.274 2.553   0.50 24.67 ? 0   HIS A CE1 1 
ATOM   71   N  NE2 A HIS A 1 22  ? 7.052   -18.167 6.430   0.50 25.85 ? 0   HIS A NE2 1 
ATOM   72   N  NE2 B HIS A 1 22  ? 10.537  -16.203 1.788   0.50 23.66 ? 0   HIS A NE2 1 
ATOM   73   N  N   A MET A 1 23  ? 5.409   -15.666 0.742   0.50 20.60 ? 1   MET A N   1 
ATOM   74   N  N   B MET A 1 23  ? 5.233   -15.568 0.721   0.50 19.63 ? 1   MET A N   1 
ATOM   75   C  CA  A MET A 1 23  ? 5.280   -14.758 -0.403  0.50 18.95 ? 1   MET A CA  1 
ATOM   76   C  CA  B MET A 1 23  ? 5.155   -14.685 -0.459  0.50 17.74 ? 1   MET A CA  1 
ATOM   77   C  C   A MET A 1 23  ? 6.572   -13.973 -0.602  0.50 19.57 ? 1   MET A C   1 
ATOM   78   C  C   B MET A 1 23  ? 6.472   -13.906 -0.612  0.50 18.88 ? 1   MET A C   1 
ATOM   79   O  O   A MET A 1 23  ? 7.283   -13.680 0.361   0.50 19.57 ? 1   MET A O   1 
ATOM   80   O  O   B MET A 1 23  ? 7.109   -13.561 0.384   0.50 19.11 ? 1   MET A O   1 
ATOM   81   C  CB  A MET A 1 23  ? 4.102   -13.785 -0.177  0.50 18.97 ? 1   MET A CB  1 
ATOM   82   C  CB  B MET A 1 23  ? 3.964   -13.688 -0.334  0.50 17.16 ? 1   MET A CB  1 
ATOM   83   C  CG  A MET A 1 23  ? 2.682   -14.315 -0.503  0.50 17.90 ? 1   MET A CG  1 
ATOM   84   C  CG  B MET A 1 23  ? 2.477   -14.242 -0.353  0.50 13.81 ? 1   MET A CG  1 
ATOM   85   S  SD  A MET A 1 23  ? 1.456   -12.986 -0.473  0.50 15.84 ? 1   MET A SD  1 
ATOM   86   S  SD  B MET A 1 23  ? 1.192   -12.973 -0.048  0.50 14.40 ? 1   MET A SD  1 
ATOM   87   C  CE  A MET A 1 23  ? 0.670   -13.212 -2.055  0.50 22.07 ? 1   MET A CE  1 
ATOM   88   C  CE  B MET A 1 23  ? 1.507   -12.615 1.690   0.50 14.70 ? 1   MET A CE  1 
ATOM   89   N  N   . ASN A 1 24  ? 6.895   -13.649 -1.856  1.00 19.07 ? 2   ASN A N   1 
ATOM   90   C  CA  . ASN A 1 24  ? 8.007   -12.726 -2.121  1.00 19.49 ? 2   ASN A CA  1 
ATOM   91   C  C   . ASN A 1 24  ? 7.446   -11.314 -2.234  1.00 18.56 ? 2   ASN A C   1 
ATOM   92   O  O   . ASN A 1 24  ? 6.219   -11.115 -2.194  1.00 18.64 ? 2   ASN A O   1 
ATOM   93   C  CB  . ASN A 1 24  ? 8.839   -13.107 -3.364  1.00 18.87 ? 2   ASN A CB  1 
ATOM   94   C  CG  . ASN A 1 24  ? 8.038   -13.078 -4.658  1.00 21.79 ? 2   ASN A CG  1 
ATOM   95   O  OD1 . ASN A 1 24  ? 7.137   -12.247 -4.847  1.00 22.21 ? 2   ASN A OD1 1 
ATOM   96   N  ND2 . ASN A 1 24  ? 8.402   -13.955 -5.587  1.00 24.08 ? 2   ASN A ND2 1 
ATOM   97   N  N   . ALA A 1 25  ? 8.330   -10.330 -2.357  1.00 18.73 ? 3   ALA A N   1 
ATOM   98   C  CA  . ALA A 1 25  ? 7.865   -8.939  -2.316  1.00 18.27 ? 3   ALA A CA  1 
ATOM   99   C  C   . ALA A 1 25  ? 6.936   -8.576  -3.491  1.00 18.91 ? 3   ALA A C   1 
ATOM   100  O  O   . ALA A 1 25  ? 5.986   -7.834  -3.311  1.00 17.84 ? 3   ALA A O   1 
ATOM   101  C  CB  . ALA A 1 25  ? 9.039   -7.993  -2.242  1.00 19.16 ? 3   ALA A CB  1 
ATOM   102  N  N   . LYS A 1 26  ? 7.208   -9.094  -4.689  1.00 18.57 ? 4   LYS A N   1 
ATOM   103  C  CA  . LYS A 1 26  ? 6.301   -8.856  -5.824  1.00 19.08 ? 4   LYS A CA  1 
ATOM   104  C  C   . LYS A 1 26  ? 4.889   -9.352  -5.538  1.00 18.43 ? 4   LYS A C   1 
ATOM   105  O  O   . LYS A 1 26  ? 3.897   -8.637  -5.729  1.00 18.26 ? 4   LYS A O   1 
ATOM   106  C  CB  . LYS A 1 26  ? 6.820   -9.554  -7.074  1.00 19.60 ? 4   LYS A CB  1 
ATOM   107  C  CG  . LYS A 1 26  ? 7.911   -8.832  -7.822  1.00 22.97 ? 4   LYS A CG  1 
ATOM   108  C  CD  . LYS A 1 26  ? 8.149   -9.595  -9.125  1.00 24.65 ? 4   LYS A CD  1 
ATOM   109  C  CE  . LYS A 1 26  ? 9.148   -8.925  -10.003 1.00 29.07 ? 4   LYS A CE  1 
ATOM   110  N  NZ  . LYS A 1 26  ? 9.418   -9.861  -11.144 1.00 28.20 ? 4   LYS A NZ  1 
ATOM   111  N  N   . GLU A 1 27  ? 4.806   -10.593 -5.061  1.00 18.21 ? 5   GLU A N   1 
ATOM   112  C  CA  . GLU A 1 27  ? 3.522   -11.202 -4.730  1.00 18.79 ? 5   GLU A CA  1 
ATOM   113  C  C   . GLU A 1 27  ? 2.765   -10.390 -3.663  1.00 17.64 ? 5   GLU A C   1 
ATOM   114  O  O   . GLU A 1 27  ? 1.555   -10.196 -3.756  1.00 18.76 ? 5   GLU A O   1 
ATOM   115  C  CB  . GLU A 1 27  ? 3.760   -12.637 -4.240  1.00 18.21 ? 5   GLU A CB  1 
ATOM   116  C  CG  . GLU A 1 27  ? 4.238   -13.552 -5.384  1.00 20.56 ? 5   GLU A CG  1 
ATOM   117  C  CD  . GLU A 1 27  ? 4.947   -14.846 -4.932  1.00 21.95 ? 5   GLU A CD  1 
ATOM   118  O  OE1 . GLU A 1 27  ? 5.122   -15.714 -5.806  1.00 26.44 ? 5   GLU A OE1 1 
ATOM   119  O  OE2 . GLU A 1 27  ? 5.326   -15.019 -3.753  1.00 23.33 ? 5   GLU A OE2 1 
ATOM   120  N  N   . ILE A 1 28  ? 3.496   -9.915  -2.658  1.00 16.91 ? 6   ILE A N   1 
ATOM   121  C  CA  . ILE A 1 28  ? 2.867   -9.143  -1.591  1.00 17.57 ? 6   ILE A CA  1 
ATOM   122  C  C   . ILE A 1 28  ? 2.324   -7.824  -2.129  1.00 16.55 ? 6   ILE A C   1 
ATOM   123  O  O   . ILE A 1 28  ? 1.201   -7.413  -1.789  1.00 16.73 ? 6   ILE A O   1 
ATOM   124  C  CB  . ILE A 1 28  ? 3.855   -8.879  -0.467  1.00 17.02 ? 6   ILE A CB  1 
ATOM   125  C  CG1 . ILE A 1 28  ? 4.220   -10.206 0.205   1.00 18.82 ? 6   ILE A CG1 1 
ATOM   126  C  CG2 . ILE A 1 28  ? 3.275   -7.900  0.535   1.00 19.65 ? 6   ILE A CG2 1 
ATOM   127  C  CD1 . ILE A 1 28  ? 5.413   -10.151 1.088   1.00 20.65 ? 6   ILE A CD1 1 
ATOM   128  N  N   . LEU A 1 29  ? 3.105   -7.141  -2.966  1.00 16.76 ? 7   LEU A N   1 
ATOM   129  C  CA  . LEU A 1 29  ? 2.588   -5.879  -3.473  1.00 16.51 ? 7   LEU A CA  1 
ATOM   130  C  C   . LEU A 1 29  ? 1.292   -6.073  -4.262  1.00 16.64 ? 7   LEU A C   1 
ATOM   131  O  O   . LEU A 1 29  ? 0.318   -5.375  -4.040  1.00 16.61 ? 7   LEU A O   1 
ATOM   132  C  CB  . LEU A 1 29  ? 3.633   -5.108  -4.298  1.00 15.41 ? 7   LEU A CB  1 
ATOM   133  C  CG  . LEU A 1 29  ? 3.115   -3.734  -4.831  1.00 15.95 ? 7   LEU A CG  1 
ATOM   134  C  CD1 . LEU A 1 29  ? 2.670   -2.755  -3.717  1.00 17.83 ? 7   LEU A CD1 1 
ATOM   135  C  CD2 . LEU A 1 29  ? 4.123   -3.070  -5.739  1.00 17.26 ? 7   LEU A CD2 1 
ATOM   136  N  N   . VAL A 1 30  ? 1.274   -7.039  -5.179  1.00 16.25 ? 8   VAL A N   1 
ATOM   137  C  CA  . VAL A 1 30  ? 0.086   -7.264  -6.003  1.00 16.92 ? 8   VAL A CA  1 
ATOM   138  C  C   . VAL A 1 30  ? -1.116  -7.632  -5.131  1.00 16.52 ? 8   VAL A C   1 
ATOM   139  O  O   . VAL A 1 30  ? -2.213  -7.089  -5.316  1.00 17.38 ? 8   VAL A O   1 
ATOM   140  C  CB  . VAL A 1 30  ? 0.349   -8.318  -7.079  1.00 18.01 ? 8   VAL A CB  1 
ATOM   141  C  CG1 . VAL A 1 30  ? -0.956  -8.673  -7.805  1.00 19.48 ? 8   VAL A CG1 1 
ATOM   142  C  CG2 . VAL A 1 30  ? 1.382   -7.788  -8.063  1.00 18.29 ? 8   VAL A CG2 1 
ATOM   143  N  N   . HIS A 1 31  ? -0.895  -8.519  -4.154  1.00 16.45 ? 9   HIS A N   1 
ATOM   144  C  CA  . HIS A 1 31  ? -1.971  -8.967  -3.268  1.00 17.32 ? 9   HIS A CA  1 
ATOM   145  C  C   . HIS A 1 31  ? -2.487  -7.794  -2.435  1.00 17.12 ? 9   HIS A C   1 
ATOM   146  O  O   . HIS A 1 31  ? -3.702  -7.580  -2.290  1.00 17.95 ? 9   HIS A O   1 
ATOM   147  C  CB  . HIS A 1 31  ? -1.465  -10.076 -2.362  1.00 17.56 ? 9   HIS A CB  1 
ATOM   148  C  CG  . HIS A 1 31  ? -2.531  -10.669 -1.507  1.00 19.06 ? 9   HIS A CG  1 
ATOM   149  N  ND1 . HIS A 1 31  ? -3.691  -11.198 -2.041  1.00 21.47 ? 9   HIS A ND1 1 
ATOM   150  C  CD2 . HIS A 1 31  ? -2.609  -10.845 -0.168  1.00 20.98 ? 9   HIS A CD2 1 
ATOM   151  C  CE1 . HIS A 1 31  ? -4.447  -11.653 -1.054  1.00 21.19 ? 9   HIS A CE1 1 
ATOM   152  N  NE2 . HIS A 1 31  ? -3.814  -11.454 0.088   1.00 19.04 ? 9   HIS A NE2 1 
ATOM   153  N  N   . SER A 1 32  ? -1.554  -7.010  -1.901  1.00 16.93 ? 10  SER A N   1 
ATOM   154  C  CA  . SER A 1 32  ? -1.924  -5.857  -1.107  1.00 16.90 ? 10  SER A CA  1 
ATOM   155  C  C   . SER A 1 32  ? -2.839  -4.875  -1.870  1.00 16.41 ? 10  SER A C   1 
ATOM   156  O  O   . SER A 1 32  ? -3.828  -4.352  -1.320  1.00 16.74 ? 10  SER A O   1 
ATOM   157  C  CB  . SER A 1 32  ? -0.652  -5.174  -0.569  1.00 17.63 ? 10  SER A CB  1 
ATOM   158  O  OG  . SER A 1 32  ? -0.023  -4.332  -1.521  1.00 16.33 ? 10  SER A OG  1 
ATOM   159  N  N   . LEU A 1 33  ? -2.519  -4.616  -3.143  1.00 16.39 ? 11  LEU A N   1 
ATOM   160  C  CA  . LEU A 1 33  ? -3.344  -3.704  -3.944  1.00 16.51 ? 11  LEU A CA  1 
ATOM   161  C  C   . LEU A 1 33  ? -4.766  -4.258  -4.147  1.00 17.14 ? 11  LEU A C   1 
ATOM   162  O  O   . LEU A 1 33  ? -5.738  -3.492  -4.110  1.00 16.93 ? 11  LEU A O   1 
ATOM   163  C  CB  . LEU A 1 33  ? -2.675  -3.383  -5.299  1.00 16.03 ? 11  LEU A CB  1 
ATOM   164  C  CG  . LEU A 1 33  ? -1.378  -2.576  -5.147  1.00 16.01 ? 11  LEU A CG  1 
ATOM   165  C  CD1 . LEU A 1 33  ? -0.667  -2.555  -6.500  1.00 19.30 ? 11  LEU A CD1 1 
ATOM   166  C  CD2 . LEU A 1 33  ? -1.645  -1.164  -4.657  1.00 18.14 ? 11  LEU A CD2 1 
ATOM   167  N  N   A ARG A 1 34  ? -4.889  -5.571  -4.348  0.50 17.40 ? 12  ARG A N   1 
ATOM   168  N  N   B ARG A 1 34  ? -4.885  -5.573  -4.340  0.50 17.51 ? 12  ARG A N   1 
ATOM   169  C  CA  A ARG A 1 34  ? -6.215  -6.174  -4.462  0.50 17.95 ? 12  ARG A CA  1 
ATOM   170  C  CA  B ARG A 1 34  ? -6.200  -6.205  -4.452  0.50 18.18 ? 12  ARG A CA  1 
ATOM   171  C  C   A ARG A 1 34  ? -7.014  -5.964  -3.178  0.50 17.55 ? 12  ARG A C   1 
ATOM   172  C  C   B ARG A 1 34  ? -7.013  -5.989  -3.182  0.50 17.69 ? 12  ARG A C   1 
ATOM   173  O  O   A ARG A 1 34  ? -8.207  -5.623  -3.221  0.50 18.24 ? 12  ARG A O   1 
ATOM   174  O  O   B ARG A 1 34  ? -8.209  -5.673  -3.240  0.50 18.43 ? 12  ARG A O   1 
ATOM   175  C  CB  A ARG A 1 34  ? -6.115  -7.658  -4.819  0.50 18.33 ? 12  ARG A CB  1 
ATOM   176  C  CB  B ARG A 1 34  ? -6.059  -7.692  -4.753  0.50 18.65 ? 12  ARG A CB  1 
ATOM   177  C  CG  A ARG A 1 34  ? -7.463  -8.325  -5.067  0.50 20.37 ? 12  ARG A CG  1 
ATOM   178  C  CG  B ARG A 1 34  ? -5.446  -7.970  -6.105  0.50 21.38 ? 12  ARG A CG  1 
ATOM   179  C  CD  A ARG A 1 34  ? -8.240  -7.626  -6.182  0.50 25.00 ? 12  ARG A CD  1 
ATOM   180  C  CD  B ARG A 1 34  ? -5.658  -9.402  -6.529  0.50 26.76 ? 12  ARG A CD  1 
ATOM   181  N  NE  A ARG A 1 34  ? -9.664  -7.523  -5.870  0.50 29.63 ? 12  ARG A NE  1 
ATOM   182  N  NE  B ARG A 1 34  ? -5.079  -9.666  -7.845  0.50 29.37 ? 12  ARG A NE  1 
ATOM   183  C  CZ  A ARG A 1 34  ? -10.642 -8.151  -6.518  0.50 31.32 ? 12  ARG A CZ  1 
ATOM   184  C  CZ  B ARG A 1 34  ? -4.113  -10.545 -8.084  0.50 30.79 ? 12  ARG A CZ  1 
ATOM   185  N  NH1 A ARG A 1 34  ? -10.381 -8.931  -7.559  0.50 33.53 ? 12  ARG A NH1 1 
ATOM   186  N  NH1 B ARG A 1 34  ? -3.619  -11.274 -7.099  0.50 32.14 ? 12  ARG A NH1 1 
ATOM   187  N  NH2 A ARG A 1 34  ? -11.900 -7.978  -6.135  0.50 32.50 ? 12  ARG A NH2 1 
ATOM   188  N  NH2 B ARG A 1 34  ? -3.649  -10.705 -9.317  0.50 32.55 ? 12  ARG A NH2 1 
ATOM   189  N  N   . LEU A 1 35  ? -6.352  -6.140  -2.037  1.00 17.06 ? 13  LEU A N   1 
ATOM   190  C  CA  . LEU A 1 35  ? -7.024  -5.923  -0.738  1.00 17.65 ? 13  LEU A CA  1 
ATOM   191  C  C   . LEU A 1 35  ? -7.543  -4.502  -0.633  1.00 17.89 ? 13  LEU A C   1 
ATOM   192  O  O   . LEU A 1 35  ? -8.675  -4.268  -0.177  1.00 18.45 ? 13  LEU A O   1 
ATOM   193  C  CB  . LEU A 1 35  ? -6.120  -6.304  0.434   1.00 17.78 ? 13  LEU A CB  1 
ATOM   194  C  CG  . LEU A 1 35  ? -5.712  -7.783  0.432   1.00 18.70 ? 13  LEU A CG  1 
ATOM   195  C  CD1 . LEU A 1 35  ? -4.990  -8.118  1.718   1.00 19.11 ? 13  LEU A CD1 1 
ATOM   196  C  CD2 . LEU A 1 35  ? -6.877  -8.782  0.203   1.00 19.72 ? 13  LEU A CD2 1 
ATOM   197  N  N   . LEU A 1 36  ? -6.755  -3.530  -1.079  1.00 17.17 ? 14  LEU A N   1 
ATOM   198  C  CA  . LEU A 1 36  ? -7.248  -2.152  -1.042  1.00 17.31 ? 14  LEU A CA  1 
ATOM   199  C  C   . LEU A 1 36  ? -8.446  -1.957  -1.979  1.00 17.34 ? 14  LEU A C   1 
ATOM   200  O  O   . LEU A 1 36  ? -9.429  -1.292  -1.621  1.00 16.99 ? 14  LEU A O   1 
ATOM   201  C  CB  . LEU A 1 36  ? -6.136  -1.151  -1.383  1.00 18.38 ? 14  LEU A CB  1 
ATOM   202  C  CG  . LEU A 1 36  ? -5.022  -0.980  -0.366  1.00 18.01 ? 14  LEU A CG  1 
ATOM   203  C  CD1 . LEU A 1 36  ? -4.149  0.184   -0.833  1.00 20.55 ? 14  LEU A CD1 1 
ATOM   204  C  CD2 . LEU A 1 36  ? -5.577  -0.686  1.022   1.00 18.55 ? 14  LEU A CD2 1 
ATOM   205  N  N   . GLU A 1 37  ? -8.380  -2.554  -3.170  1.00 16.77 ? 15  GLU A N   1 
ATOM   206  C  CA  . GLU A 1 37  ? -9.516  -2.518  -4.113  1.00 17.67 ? 15  GLU A CA  1 
ATOM   207  C  C   . GLU A 1 37  ? -10.785 -3.051  -3.445  1.00 18.26 ? 15  GLU A C   1 
ATOM   208  O  O   . GLU A 1 37  ? -11.876 -2.518  -3.653  1.00 19.30 ? 15  GLU A O   1 
ATOM   209  C  CB  . GLU A 1 37  ? -9.205  -3.328  -5.364  1.00 18.20 ? 15  GLU A CB  1 
ATOM   210  C  CG  . GLU A 1 37  ? -8.152  -2.667  -6.207  1.00 19.88 ? 15  GLU A CG  1 
ATOM   211  C  CD  . GLU A 1 37  ? -7.914  -3.403  -7.502  1.00 23.96 ? 15  GLU A CD  1 
ATOM   212  O  OE1 . GLU A 1 37  ? -8.322  -4.572  -7.625  1.00 24.34 ? 15  GLU A OE1 1 
ATOM   213  O  OE2 . GLU A 1 37  ? -7.348  -2.821  -8.416  1.00 21.06 ? 15  GLU A OE2 1 
ATOM   214  N  N   . ASN A 1 38  ? -10.626 -4.087  -2.628  1.00 17.63 ? 16  ASN A N   1 
ATOM   215  C  CA  . ASN A 1 38  ? -11.739 -4.684  -1.904  1.00 18.41 ? 16  ASN A CA  1 
ATOM   216  C  C   . ASN A 1 38  ? -12.172 -3.943  -0.653  1.00 18.35 ? 16  ASN A C   1 
ATOM   217  O  O   . ASN A 1 38  ? -13.118 -4.372  0.017   1.00 19.13 ? 16  ASN A O   1 
ATOM   218  C  CB  . ASN A 1 38  ? -11.386 -6.109  -1.458  1.00 18.55 ? 16  ASN A CB  1 
ATOM   219  C  CG  . ASN A 1 38  ? -11.137 -7.038  -2.605  1.00 21.17 ? 16  ASN A CG  1 
ATOM   220  O  OD1 . ASN A 1 38  ? -11.524 -6.764  -3.746  1.00 24.76 ? 16  ASN A OD1 1 
ATOM   221  N  ND2 . ASN A 1 38  ? -10.462 -8.152  -2.314  1.00 22.89 ? 16  ASN A ND2 1 
ATOM   222  N  N   . GLY A 1 39  ? -11.457 -2.881  -0.288  1.00 18.59 ? 17  GLY A N   1 
ATOM   223  C  CA  . GLY A 1 39  ? -11.748 -2.187  0.959   1.00 18.26 ? 17  GLY A CA  1 
ATOM   224  C  C   . GLY A 1 39  ? -11.358 -2.966  2.199   1.00 18.26 ? 17  GLY A C   1 
ATOM   225  O  O   . GLY A 1 39  ? -11.851 -2.676  3.300   1.00 19.40 ? 17  GLY A O   1 
ATOM   226  N  N   . ASP A 1 40  ? -10.495 -3.968  2.037   1.00 18.01 ? 18  ASP A N   1 
ATOM   227  C  CA  . ASP A 1 40  ? -10.140 -4.848  3.145   1.00 17.92 ? 18  ASP A CA  1 
ATOM   228  C  C   . ASP A 1 40  ? -8.961  -4.247  3.883   1.00 18.05 ? 18  ASP A C   1 
ATOM   229  O  O   . ASP A 1 40  ? -7.826  -4.718  3.760   1.00 18.38 ? 18  ASP A O   1 
ATOM   230  C  CB  . ASP A 1 40  ? -9.863  -6.279  2.650   1.00 19.13 ? 18  ASP A CB  1 
ATOM   231  C  CG  . ASP A 1 40  ? -9.580  -7.257  3.791   1.00 21.39 ? 18  ASP A CG  1 
ATOM   232  O  OD1 . ASP A 1 40  ? -9.782  -6.889  4.967   1.00 20.51 ? 18  ASP A OD1 1 
ATOM   233  O  OD2 . ASP A 1 40  ? -9.135  -8.399  3.499   1.00 25.21 ? 18  ASP A OD2 1 
ATOM   234  N  N   . ALA A 1 41  ? -9.238  -3.194  4.658   1.00 18.14 ? 19  ALA A N   1 
ATOM   235  C  CA  . ALA A 1 41  ? -8.174  -2.523  5.400   1.00 18.30 ? 19  ALA A CA  1 
ATOM   236  C  C   . ALA A 1 41  ? -7.489  -3.458  6.411   1.00 17.70 ? 19  ALA A C   1 
ATOM   237  O  O   . ALA A 1 41  ? -6.262  -3.397  6.553   1.00 17.87 ? 19  ALA A O   1 
ATOM   238  C  CB  . ALA A 1 41  ? -8.720  -1.294  6.103   1.00 19.62 ? 19  ALA A CB  1 
ATOM   239  N  N   . ARG A 1 42  ? -8.280  -4.277  7.114   1.00 17.92 ? 20  ARG A N   1 
ATOM   240  C  CA  . ARG A 1 42  ? -7.697  -5.182  8.103   1.00 17.42 ? 20  ARG A CA  1 
ATOM   241  C  C   . ARG A 1 42  ? -6.775  -6.179  7.440   1.00 17.38 ? 20  ARG A C   1 
ATOM   242  O  O   . ARG A 1 42  ? -5.678  -6.433  7.953   1.00 18.07 ? 20  ARG A O   1 
ATOM   243  C  CB  . ARG A 1 42  ? -8.783  -5.915  8.896   1.00 17.50 ? 20  ARG A CB  1 
ATOM   244  C  CG  . ARG A 1 42  ? -8.268  -6.669  10.119  1.00 17.25 ? 20  ARG A CG  1 
ATOM   245  C  CD  . ARG A 1 42  ? -7.477  -5.775  11.042  1.00 18.45 ? 20  ARG A CD  1 
ATOM   246  N  NE  . ARG A 1 42  ? -6.041  -6.027  10.948  1.00 17.39 ? 20  ARG A NE  1 
ATOM   247  C  CZ  . ARG A 1 42  ? -5.137  -5.726  11.879  1.00 18.39 ? 20  ARG A CZ  1 
ATOM   248  N  NH1 . ARG A 1 42  ? -3.875  -6.111  11.711  1.00 17.92 ? 20  ARG A NH1 1 
ATOM   249  N  NH2 . ARG A 1 42  ? -5.478  -5.062  12.979  1.00 18.10 ? 20  ARG A NH2 1 
ATOM   250  N  N   . GLY A 1 43  ? -7.184  -6.722  6.290   1.00 16.92 ? 21  GLY A N   1 
ATOM   251  C  CA  . GLY A 1 43  ? -6.353  -7.721  5.596   1.00 17.32 ? 21  GLY A CA  1 
ATOM   252  C  C   . GLY A 1 43  ? -5.066  -7.114  5.069   1.00 17.00 ? 21  GLY A C   1 
ATOM   253  O  O   . GLY A 1 43  ? -4.018  -7.767  5.028   1.00 17.43 ? 21  GLY A O   1 
ATOM   254  N  N   . TRP A 1 44  ? -5.167  -5.855  4.650   1.00 16.62 ? 22  TRP A N   1 
ATOM   255  C  CA  . TRP A 1 44  ? -3.998  -5.118  4.171   1.00 16.85 ? 22  TRP A CA  1 
ATOM   256  C  C   . TRP A 1 44  ? -2.981  -4.935  5.315   1.00 15.85 ? 22  TRP A C   1 
ATOM   257  O  O   . TRP A 1 44  ? -1.797  -5.268  5.180   1.00 16.10 ? 22  TRP A O   1 
ATOM   258  C  CB  . TRP A 1 44  ? -4.449  -3.778  3.610   1.00 17.07 ? 22  TRP A CB  1 
ATOM   259  C  CG  . TRP A 1 44  ? -3.396  -2.961  2.888   1.00 16.41 ? 22  TRP A CG  1 
ATOM   260  C  CD1 . TRP A 1 44  ? -2.991  -3.102  1.586   1.00 16.61 ? 22  TRP A CD1 1 
ATOM   261  C  CD2 . TRP A 1 44  ? -2.663  -1.849  3.420   1.00 17.89 ? 22  TRP A CD2 1 
ATOM   262  N  NE1 . TRP A 1 44  ? -2.043  -2.138  1.270   1.00 17.20 ? 22  TRP A NE1 1 
ATOM   263  C  CE2 . TRP A 1 44  ? -1.815  -1.370  2.383   1.00 19.03 ? 22  TRP A CE2 1 
ATOM   264  C  CE3 . TRP A 1 44  ? -2.623  -1.225  4.677   1.00 19.02 ? 22  TRP A CE3 1 
ATOM   265  C  CZ2 . TRP A 1 44  ? -0.954  -0.284  2.562   1.00 18.32 ? 22  TRP A CZ2 1 
ATOM   266  C  CZ3 . TRP A 1 44  ? -1.770  -0.138  4.850   1.00 19.39 ? 22  TRP A CZ3 1 
ATOM   267  C  CH2 . TRP A 1 44  ? -0.945  0.323   3.792   1.00 19.31 ? 22  TRP A CH2 1 
ATOM   268  N  N   . CYS A 1 45  ? -3.463  -4.461  6.457   1.00 16.83 ? 23  CYS A N   1 
ATOM   269  C  CA  . CYS A 1 45  ? -2.583  -4.287  7.624   1.00 16.52 ? 23  CYS A CA  1 
ATOM   270  C  C   . CYS A 1 45  ? -1.973  -5.630  8.044   1.00 16.77 ? 23  CYS A C   1 
ATOM   271  O  O   . CYS A 1 45  ? -0.807  -5.673  8.477   1.00 17.36 ? 23  CYS A O   1 
ATOM   272  C  CB  . CYS A 1 45  ? -3.342  -3.668  8.799   1.00 16.43 ? 23  CYS A CB  1 
ATOM   273  S  SG  . CYS A 1 45  ? -3.860  -1.968  8.460   1.00 18.39 ? 23  CYS A SG  1 
ATOM   274  N  N   . ASP A 1 46  ? -2.755  -6.709  7.912   1.00 16.99 ? 24  ASP A N   1 
ATOM   275  C  CA  . ASP A 1 46  ? -2.288  -8.051  8.303   1.00 17.13 ? 24  ASP A CA  1 
ATOM   276  C  C   . ASP A 1 46  ? -1.035  -8.466  7.543   1.00 17.62 ? 24  ASP A C   1 
ATOM   277  O  O   . ASP A 1 46  ? -0.307  -9.339  7.996   1.00 17.51 ? 24  ASP A O   1 
ATOM   278  C  CB  . ASP A 1 46  ? -3.360  -9.122  8.045   1.00 17.13 ? 24  ASP A CB  1 
ATOM   279  C  CG  . ASP A 1 46  ? -4.520  -9.093  9.038   1.00 18.84 ? 24  ASP A CG  1 
ATOM   280  O  OD1 . ASP A 1 46  ? -4.421  -8.476  10.121  1.00 18.19 ? 24  ASP A OD1 1 
ATOM   281  O  OD2 . ASP A 1 46  ? -5.546  -9.708  8.672   1.00 19.05 ? 24  ASP A OD2 1 
ATOM   282  N  N   . LEU A 1 47  ? -0.784  -7.844  6.387   1.00 16.91 ? 25  LEU A N   1 
ATOM   283  C  CA  . LEU A 1 47  ? 0.379   -8.207  5.576   1.00 16.80 ? 25  LEU A CA  1 
ATOM   284  C  C   . LEU A 1 47  ? 1.678   -7.693  6.153   1.00 17.04 ? 25  LEU A C   1 
ATOM   285  O  O   . LEU A 1 47  ? 2.757   -8.127  5.747   1.00 16.94 ? 25  LEU A O   1 
ATOM   286  C  CB  . LEU A 1 47  ? 0.239   -7.656  4.151   1.00 17.08 ? 25  LEU A CB  1 
ATOM   287  C  CG  . LEU A 1 47  ? -0.979  -8.187  3.406   1.00 17.43 ? 25  LEU A CG  1 
ATOM   288  C  CD1 . LEU A 1 47  ? -1.064  -7.627  2.002   1.00 18.86 ? 25  LEU A CD1 1 
ATOM   289  C  CD2 . LEU A 1 47  ? -0.929  -9.701  3.379   1.00 19.33 ? 25  LEU A CD2 1 
ATOM   290  N  N   . PHE A 1 48  ? 1.577   -6.731  7.067   1.00 16.74 ? 26  PHE A N   1 
ATOM   291  C  CA  . PHE A 1 48  ? 2.762   -6.185  7.712   1.00 16.78 ? 26  PHE A CA  1 
ATOM   292  C  C   . PHE A 1 48  ? 3.333   -7.064  8.816   1.00 17.61 ? 26  PHE A C   1 
ATOM   293  O  O   . PHE A 1 48  ? 2.609   -7.708  9.563   1.00 18.68 ? 26  PHE A O   1 
ATOM   294  C  CB  . PHE A 1 48  ? 2.481   -4.778  8.257   1.00 16.95 ? 26  PHE A CB  1 
ATOM   295  C  CG  . PHE A 1 48  ? 2.396   -3.722  7.170   1.00 16.15 ? 26  PHE A CG  1 
ATOM   296  C  CD1 . PHE A 1 48  ? 3.495   -2.923  6.861   1.00 17.61 ? 26  PHE A CD1 1 
ATOM   297  C  CD2 . PHE A 1 48  ? 1.206   -3.536  6.466   1.00 17.32 ? 26  PHE A CD2 1 
ATOM   298  C  CE1 . PHE A 1 48  ? 3.404   -1.945  5.844   1.00 17.31 ? 26  PHE A CE1 1 
ATOM   299  C  CE2 . PHE A 1 48  ? 1.098   -2.563  5.469   1.00 17.55 ? 26  PHE A CE2 1 
ATOM   300  C  CZ  . PHE A 1 48  ? 2.219   -1.764  5.165   1.00 17.12 ? 26  PHE A CZ  1 
ATOM   301  N  N   . HIS A 1 49  ? 4.663   -7.094  8.896   1.00 17.11 ? 27  HIS A N   1 
ATOM   302  C  CA  . HIS A 1 49  ? 5.340   -7.619  10.087  1.00 17.97 ? 27  HIS A CA  1 
ATOM   303  C  C   . HIS A 1 49  ? 4.842   -6.801  11.281  1.00 17.25 ? 27  HIS A C   1 
ATOM   304  O  O   . HIS A 1 49  ? 4.491   -5.639  11.136  1.00 17.56 ? 27  HIS A O   1 
ATOM   305  C  CB  . HIS A 1 49  ? 6.840   -7.400  9.903   1.00 18.14 ? 27  HIS A CB  1 
ATOM   306  C  CG  . HIS A 1 49  ? 7.692   -7.899  11.037  1.00 19.74 ? 27  HIS A CG  1 
ATOM   307  N  ND1 . HIS A 1 49  ? 8.315   -9.125  11.017  1.00 25.15 ? 27  HIS A ND1 1 
ATOM   308  C  CD2 . HIS A 1 49  ? 8.061   -7.308  12.200  1.00 18.99 ? 27  HIS A CD2 1 
ATOM   309  C  CE1 . HIS A 1 49  ? 9.008   -9.286  12.133  1.00 22.45 ? 27  HIS A CE1 1 
ATOM   310  N  NE2 . HIS A 1 49  ? 8.869   -8.198  12.868  1.00 25.11 ? 27  HIS A NE2 1 
ATOM   311  N  N   . PRO A 1 50  ? 4.804   -7.400  12.479  1.00 17.77 ? 28  PRO A N   1 
ATOM   312  C  CA  . PRO A 1 50  ? 4.382   -6.619  13.651  1.00 17.97 ? 28  PRO A CA  1 
ATOM   313  C  C   . PRO A 1 50  ? 5.116   -5.276  13.831  1.00 18.41 ? 28  PRO A C   1 
ATOM   314  O  O   . PRO A 1 50  ? 4.512   -4.287  14.292  1.00 18.23 ? 28  PRO A O   1 
ATOM   315  C  CB  . PRO A 1 50  ? 4.703   -7.564  14.817  1.00 18.24 ? 28  PRO A CB  1 
ATOM   316  C  CG  . PRO A 1 50  ? 4.542   -8.897  14.257  1.00 17.45 ? 28  PRO A CG  1 
ATOM   317  C  CD  . PRO A 1 50  ? 5.044   -8.819  12.830  1.00 18.14 ? 28  PRO A CD  1 
ATOM   318  N  N   A GLU A 1 51  ? 6.381   -5.246  13.426  0.50 18.58 ? 29  GLU A N   1 
ATOM   319  N  N   B GLU A 1 51  ? 6.394   -5.234  13.470  0.50 18.67 ? 29  GLU A N   1 
ATOM   320  C  CA  A GLU A 1 51  ? 7.217   -4.039  13.507  0.50 19.37 ? 29  GLU A CA  1 
ATOM   321  C  CA  B GLU A 1 51  ? 7.159   -3.977  13.521  0.50 19.33 ? 29  GLU A CA  1 
ATOM   322  C  C   A GLU A 1 51  ? 7.332   -3.330  12.153  0.50 19.07 ? 29  GLU A C   1 
ATOM   323  C  C   B GLU A 1 51  ? 7.399   -3.405  12.120  0.50 19.13 ? 29  GLU A C   1 
ATOM   324  O  O   A GLU A 1 51  ? 8.157   -2.431  11.987  0.50 18.87 ? 29  GLU A O   1 
ATOM   325  O  O   B GLU A 1 51  ? 8.371   -2.682  11.889  0.50 19.04 ? 29  GLU A O   1 
ATOM   326  C  CB  A GLU A 1 51  ? 8.616   -4.399  14.005  0.50 20.20 ? 29  GLU A CB  1 
ATOM   327  C  CB  B GLU A 1 51  ? 8.482   -4.154  14.272  0.50 20.46 ? 29  GLU A CB  1 
ATOM   328  C  CG  A GLU A 1 51  ? 8.656   -5.059  15.373  0.50 20.58 ? 29  GLU A CG  1 
ATOM   329  C  CG  B GLU A 1 51  ? 8.360   -4.177  15.790  0.50 23.22 ? 29  GLU A CG  1 
ATOM   330  C  CD  A GLU A 1 51  ? 10.047  -5.561  15.732  0.50 21.52 ? 29  GLU A CD  1 
ATOM   331  C  CD  B GLU A 1 51  ? 7.853   -5.490  16.336  0.50 26.54 ? 29  GLU A CD  1 
ATOM   332  O  OE1 A GLU A 1 51  ? 10.963  -4.726  15.860  0.50 27.00 ? 29  GLU A OE1 1 
ATOM   333  O  OE1 B GLU A 1 51  ? 6.840   -5.471  17.075  0.50 29.30 ? 29  GLU A OE1 1 
ATOM   334  O  OE2 A GLU A 1 51  ? 10.226  -6.791  15.883  0.50 26.03 ? 29  GLU A OE2 1 
ATOM   335  O  OE2 B GLU A 1 51  ? 8.461   -6.545  16.034  0.50 27.40 ? 29  GLU A OE2 1 
ATOM   336  N  N   . GLY A 1 52  ? 6.497   -3.738  11.196  1.00 18.85 ? 30  GLY A N   1 
ATOM   337  C  CA  . GLY A 1 52  ? 6.552   -3.187  9.819   1.00 18.11 ? 30  GLY A CA  1 
ATOM   338  C  C   . GLY A 1 52  ? 6.261   -1.704  9.785   1.00 17.73 ? 30  GLY A C   1 
ATOM   339  O  O   . GLY A 1 52  ? 5.572   -1.161  10.668  1.00 17.77 ? 30  GLY A O   1 
ATOM   340  N  N   . VAL A 1 53  ? 6.771   -1.049  8.740   1.00 17.15 ? 31  VAL A N   1 
ATOM   341  C  CA  . VAL A 1 53  ? 6.698   0.400   8.633   1.00 17.56 ? 31  VAL A CA  1 
ATOM   342  C  C   . VAL A 1 53  ? 6.062   0.802   7.298   1.00 17.34 ? 31  VAL A C   1 
ATOM   343  O  O   . VAL A 1 53  ? 6.365   0.219   6.256   1.00 16.50 ? 31  VAL A O   1 
ATOM   344  C  CB  . VAL A 1 53  ? 8.097   1.019   8.717   1.00 18.10 ? 31  VAL A CB  1 
ATOM   345  C  CG1 . VAL A 1 53  ? 8.050   2.515   8.510   1.00 19.05 ? 31  VAL A CG1 1 
ATOM   346  C  CG2 . VAL A 1 53  ? 8.755   0.673   10.070  1.00 18.59 ? 31  VAL A CG2 1 
ATOM   347  N  N   . LEU A 1 54  ? 5.170   1.781   7.364   1.00 16.33 ? 32  LEU A N   1 
ATOM   348  C  CA  . LEU A 1 54  ? 4.605   2.423   6.160   1.00 16.88 ? 32  LEU A CA  1 
ATOM   349  C  C   . LEU A 1 54  ? 5.087   3.874   6.119   1.00 17.64 ? 32  LEU A C   1 
ATOM   350  O  O   . LEU A 1 54  ? 4.975   4.608   7.126   1.00 18.12 ? 32  LEU A O   1 
ATOM   351  C  CB  . LEU A 1 54  ? 3.074   2.388   6.239   1.00 17.83 ? 32  LEU A CB  1 
ATOM   352  C  CG  . LEU A 1 54  ? 2.328   3.166   5.152   1.00 18.49 ? 32  LEU A CG  1 
ATOM   353  C  CD1 . LEU A 1 54  ? 2.492   2.488   3.792   1.00 17.85 ? 32  LEU A CD1 1 
ATOM   354  C  CD2 . LEU A 1 54  ? 0.858   3.223   5.503   1.00 19.50 ? 32  LEU A CD2 1 
ATOM   355  N  N   . GLU A 1 55  ? 5.597   4.302   4.964   1.00 16.99 ? 33  GLU A N   1 
ATOM   356  C  CA  . GLU A 1 55  ? 6.153   5.657   4.785   1.00 18.37 ? 33  GLU A CA  1 
ATOM   357  C  C   . GLU A 1 55  ? 5.549   6.268   3.533   1.00 17.34 ? 33  GLU A C   1 
ATOM   358  O  O   . GLU A 1 55  ? 5.427   5.569   2.510   1.00 17.09 ? 33  GLU A O   1 
ATOM   359  C  CB  . GLU A 1 55  ? 7.674   5.582   4.546   1.00 18.88 ? 33  GLU A CB  1 
ATOM   360  C  CG  . GLU A 1 55  ? 8.419   5.004   5.670   1.00 24.78 ? 33  GLU A CG  1 
ATOM   361  C  CD  . GLU A 1 55  ? 9.878   5.198   5.545   1.00 24.24 ? 33  GLU A CD  1 
ATOM   362  O  OE1 . GLU A 1 55  ? 10.487  4.796   4.508   1.00 21.17 ? 33  GLU A OE1 1 
ATOM   363  O  OE2 . GLU A 1 55  ? 10.424  5.721   6.526   1.00 29.99 ? 33  GLU A OE2 1 
ATOM   364  N  N   . PHE A 1 56  ? 5.240   7.565   3.596   1.00 16.84 ? 34  PHE A N   1 
ATOM   365  C  CA  . PHE A 1 56  ? 4.908   8.339   2.402   1.00 17.27 ? 34  PHE A CA  1 
ATOM   366  C  C   . PHE A 1 56  ? 5.979   9.383   2.190   1.00 17.28 ? 34  PHE A C   1 
ATOM   367  O  O   . PHE A 1 56  ? 5.959   10.425  2.857   1.00 19.23 ? 34  PHE A O   1 
ATOM   368  C  CB  . PHE A 1 56  ? 3.633   9.169   2.575   1.00 19.68 ? 34  PHE A CB  1 
ATOM   369  C  CG  . PHE A 1 56  ? 2.465   8.438   3.094   1.00 19.51 ? 34  PHE A CG  1 
ATOM   370  C  CD1 . PHE A 1 56  ? 2.147   7.159   2.654   1.00 20.10 ? 34  PHE A CD1 1 
ATOM   371  C  CD2 . PHE A 1 56  ? 1.646   9.061   4.037   1.00 24.51 ? 34  PHE A CD2 1 
ATOM   372  C  CE1 . PHE A 1 56  ? 1.032   6.515   3.103   1.00 25.47 ? 34  PHE A CE1 1 
ATOM   373  C  CE2 . PHE A 1 56  ? 0.539   8.409   4.530   1.00 25.85 ? 34  PHE A CE2 1 
ATOM   374  C  CZ  . PHE A 1 56  ? 0.232   7.129   4.069   1.00 24.99 ? 34  PHE A CZ  1 
ATOM   375  N  N   . PRO A 1 57  ? 6.934   9.136   1.287   1.00 15.60 ? 35  PRO A N   1 
ATOM   376  C  CA  . PRO A 1 57  ? 7.989   10.145  1.119   1.00 16.20 ? 35  PRO A CA  1 
ATOM   377  C  C   . PRO A 1 57  ? 7.501   11.506  0.664   1.00 16.01 ? 35  PRO A C   1 
ATOM   378  O  O   . PRO A 1 57  ? 8.140   12.516  1.001   1.00 16.72 ? 35  PRO A O   1 
ATOM   379  C  CB  . PRO A 1 57  ? 8.898   9.552   0.048   1.00 16.77 ? 35  PRO A CB  1 
ATOM   380  C  CG  . PRO A 1 57  ? 8.657   8.022   0.168   1.00 15.95 ? 35  PRO A CG  1 
ATOM   381  C  CD  . PRO A 1 57  ? 7.187   7.900   0.526   1.00 15.60 ? 35  PRO A CD  1 
ATOM   382  N  N   . TYR A 1 58  ? 6.435   11.550  -0.130  1.00 15.85 ? 36  TYR A N   1 
ATOM   383  C  CA  . TYR A 1 58  ? 5.879   12.817  -0.621  1.00 15.65 ? 36  TYR A CA  1 
ATOM   384  C  C   . TYR A 1 58  ? 4.456   12.903  -0.113  1.00 18.72 ? 36  TYR A C   1 
ATOM   385  O  O   . TYR A 1 58  ? 3.627   12.013  -0.421  1.00 20.85 ? 36  TYR A O   1 
ATOM   386  C  CB  . TYR A 1 58  ? 5.852   12.855  -2.161  1.00 15.93 ? 36  TYR A CB  1 
ATOM   387  C  CG  . TYR A 1 58  ? 7.167   12.571  -2.865  1.00 15.37 ? 36  TYR A CG  1 
ATOM   388  C  CD1 . TYR A 1 58  ? 8.416   12.829  -2.265  1.00 15.54 ? 36  TYR A CD1 1 
ATOM   389  C  CD2 . TYR A 1 58  ? 7.144   12.044  -4.154  1.00 15.76 ? 36  TYR A CD2 1 
ATOM   390  C  CE1 . TYR A 1 58  ? 9.624   12.581  -2.953  1.00 15.50 ? 36  TYR A CE1 1 
ATOM   391  C  CE2 . TYR A 1 58  ? 8.316   11.804  -4.858  1.00 14.80 ? 36  TYR A CE2 1 
ATOM   392  C  CZ  . TYR A 1 58  ? 9.551   12.073  -4.254  1.00 15.48 ? 36  TYR A CZ  1 
ATOM   393  O  OH  . TYR A 1 58  ? 10.699  11.798  -4.954  1.00 15.52 ? 36  TYR A OH  1 
ATOM   394  N  N   . ALA A 1 59  ? 4.145   13.919  0.663   1.00 19.32 ? 37  ALA A N   1 
ATOM   395  C  CA  . ALA A 1 59  ? 2.813   13.998  1.238   1.00 19.56 ? 37  ALA A CA  1 
ATOM   396  C  C   . ALA A 1 59  ? 2.439   15.447  1.391   1.00 20.25 ? 37  ALA A C   1 
ATOM   397  O  O   . ALA A 1 59  ? 3.308   16.340  1.372   1.00 22.07 ? 37  ALA A O   1 
ATOM   398  C  CB  . ALA A 1 59  ? 2.706   13.235  2.571   1.00 19.54 ? 37  ALA A CB  1 
ATOM   399  N  N   . PRO A 1 60  ? 1.149   15.726  1.494   1.00 20.65 ? 38  PRO A N   1 
ATOM   400  C  CA  . PRO A 1 60  ? 0.819   17.127  1.798   1.00 20.44 ? 38  PRO A CA  1 
ATOM   401  C  C   . PRO A 1 60  ? 1.538   17.587  3.093   1.00 21.31 ? 38  PRO A C   1 
ATOM   402  O  O   . PRO A 1 60  ? 1.762   16.771  3.998   1.00 19.57 ? 38  PRO A O   1 
ATOM   403  C  CB  . PRO A 1 60  ? -0.695  17.092  2.000   1.00 22.38 ? 38  PRO A CB  1 
ATOM   404  C  CG  . PRO A 1 60  ? -1.151  15.906  1.154   1.00 20.83 ? 38  PRO A CG  1 
ATOM   405  C  CD  . PRO A 1 60  ? -0.041  14.881  1.350   1.00 20.31 ? 38  PRO A CD  1 
ATOM   406  N  N   . PRO A 1 61  ? 1.913   18.886  3.177   1.00 21.59 ? 39  PRO A N   1 
ATOM   407  C  CA  . PRO A 1 61  ? 2.557   19.312  4.429   1.00 21.09 ? 39  PRO A CA  1 
ATOM   408  C  C   . PRO A 1 61  ? 1.574   19.192  5.581   1.00 19.30 ? 39  PRO A C   1 
ATOM   409  O  O   . PRO A 1 61  ? 0.365   19.329  5.394   1.00 19.68 ? 39  PRO A O   1 
ATOM   410  C  CB  . PRO A 1 61  ? 2.922   20.780  4.163   1.00 21.91 ? 39  PRO A CB  1 
ATOM   411  C  CG  . PRO A 1 61  ? 1.966   21.199  3.119   1.00 23.27 ? 39  PRO A CG  1 
ATOM   412  C  CD  . PRO A 1 61  ? 1.823   19.998  2.211   1.00 23.21 ? 39  PRO A CD  1 
ATOM   413  N  N   . GLY A 1 62  ? 2.088   18.861  6.755   1.00 18.19 ? 40  GLY A N   1 
ATOM   414  C  CA  . GLY A 1 62  ? 1.223   18.762  7.922   1.00 17.97 ? 40  GLY A CA  1 
ATOM   415  C  C   . GLY A 1 62  ? 0.688   17.378  8.185   1.00 18.21 ? 40  GLY A C   1 
ATOM   416  O  O   . GLY A 1 62  ? 0.001   17.154  9.190   1.00 19.15 ? 40  GLY A O   1 
ATOM   417  N  N   . TRP A 1 63  ? 0.975   16.449  7.276   1.00 18.53 ? 41  TRP A N   1 
ATOM   418  C  CA  . TRP A 1 63  ? 0.558   15.073  7.457   1.00 18.51 ? 41  TRP A CA  1 
ATOM   419  C  C   . TRP A 1 63  ? 1.599   14.263  8.211   1.00 18.80 ? 41  TRP A C   1 
ATOM   420  O  O   . TRP A 1 63  ? 2.802   14.598  8.161   1.00 19.55 ? 41  TRP A O   1 
ATOM   421  C  CB  . TRP A 1 63  ? 0.301   14.450  6.090   1.00 20.64 ? 41  TRP A CB  1 
ATOM   422  C  CG  . TRP A 1 63  ? -0.993  14.889  5.481   1.00 21.70 ? 41  TRP A CG  1 
ATOM   423  C  CD1 . TRP A 1 63  ? -1.601  16.112  5.601   1.00 25.86 ? 41  TRP A CD1 1 
ATOM   424  C  CD2 . TRP A 1 63  ? -1.840  14.096  4.649   1.00 24.08 ? 41  TRP A CD2 1 
ATOM   425  N  NE1 . TRP A 1 63  ? -2.791  16.121  4.894   1.00 27.04 ? 41  TRP A NE1 1 
ATOM   426  C  CE2 . TRP A 1 63  ? -2.957  14.895  4.306   1.00 25.58 ? 41  TRP A CE2 1 
ATOM   427  C  CE3 . TRP A 1 63  ? -1.767  12.785  4.172   1.00 25.72 ? 41  TRP A CE3 1 
ATOM   428  C  CZ2 . TRP A 1 63  ? -3.998  14.419  3.493   1.00 25.33 ? 41  TRP A CZ2 1 
ATOM   429  C  CZ3 . TRP A 1 63  ? -2.807  12.312  3.345   1.00 25.17 ? 41  TRP A CZ3 1 
ATOM   430  C  CH2 . TRP A 1 63  ? -3.901  13.132  3.028   1.00 24.30 ? 41  TRP A CH2 1 
ATOM   431  N  N   A LYS A 1 64  ? 1.170   13.211  8.910   0.50 18.22 ? 42  LYS A N   1 
ATOM   432  N  N   B LYS A 1 64  ? 1.145   13.221  8.918   0.50 18.18 ? 42  LYS A N   1 
ATOM   433  C  CA  A LYS A 1 64  ? 2.119   12.256  9.478   0.50 18.05 ? 42  LYS A CA  1 
ATOM   434  C  CA  B LYS A 1 64  ? 2.043   12.192  9.431   0.50 18.03 ? 42  LYS A CA  1 
ATOM   435  C  C   A LYS A 1 64  ? 2.479   11.257  8.400   0.50 18.07 ? 42  LYS A C   1 
ATOM   436  C  C   B LYS A 1 64  ? 2.476   11.360  8.250   0.50 18.27 ? 42  LYS A C   1 
ATOM   437  O  O   A LYS A 1 64  ? 1.587   10.607  7.837   0.50 17.59 ? 42  LYS A O   1 
ATOM   438  O  O   B LYS A 1 64  ? 1.639   10.918  7.452   0.50 18.15 ? 42  LYS A O   1 
ATOM   439  C  CB  A LYS A 1 64  ? 1.524   11.549  10.684  0.50 18.35 ? 42  LYS A CB  1 
ATOM   440  C  CB  B LYS A 1 64  ? 1.348   11.294  10.450  0.50 17.98 ? 42  LYS A CB  1 
ATOM   441  C  CG  A LYS A 1 64  ? 2.410   10.469  11.250  0.50 18.42 ? 42  LYS A CG  1 
ATOM   442  C  CG  B LYS A 1 64  ? 2.300   10.303  11.118  0.50 18.51 ? 42  LYS A CG  1 
ATOM   443  C  CD  A LYS A 1 64  ? 1.874   10.045  12.592  0.50 19.47 ? 42  LYS A CD  1 
ATOM   444  C  CD  B LYS A 1 64  ? 1.687   9.703   12.369  0.50 20.36 ? 42  LYS A CD  1 
ATOM   445  C  CE  A LYS A 1 64  ? 1.975   8.557   12.746  0.50 21.11 ? 42  LYS A CE  1 
ATOM   446  C  CE  B LYS A 1 64  ? 1.799   10.640  13.561  0.50 21.48 ? 42  LYS A CE  1 
ATOM   447  N  NZ  A LYS A 1 64  ? 3.331   8.093   13.086  0.50 21.38 ? 42  LYS A NZ  1 
ATOM   448  N  NZ  B LYS A 1 64  ? 1.214   10.004  14.791  0.50 23.86 ? 42  LYS A NZ  1 
ATOM   449  N  N   . THR A 1 65  ? 3.776   11.136  8.112   1.00 17.28 ? 43  THR A N   1 
ATOM   450  C  CA  . THR A 1 65  ? 4.248   10.413  6.925   1.00 17.58 ? 43  THR A CA  1 
ATOM   451  C  C   . THR A 1 65  ? 5.059   9.139   7.188   1.00 16.93 ? 43  THR A C   1 
ATOM   452  O  O   . THR A 1 65  ? 5.648   8.550   6.271   1.00 18.08 ? 43  THR A O   1 
ATOM   453  C  CB  . THR A 1 65  ? 5.039   11.348  5.996   1.00 17.98 ? 43  THR A CB  1 
ATOM   454  O  OG1 . THR A 1 65  ? 6.288   11.678  6.636   1.00 20.10 ? 43  THR A OG1 1 
ATOM   455  C  CG2 . THR A 1 65  ? 4.228   12.606  5.638   1.00 19.86 ? 43  THR A CG2 1 
ATOM   456  N  N   . ARG A 1 66  ? 5.103   8.713   8.438   1.00 15.26 ? 44  ARG A N   1 
ATOM   457  C  CA  . ARG A 1 66  ? 5.703   7.424   8.764   1.00 16.24 ? 44  ARG A CA  1 
ATOM   458  C  C   . ARG A 1 66  ? 4.908   6.813   9.900   1.00 15.96 ? 44  ARG A C   1 
ATOM   459  O  O   . ARG A 1 66  ? 4.624   7.483   10.871  1.00 16.07 ? 44  ARG A O   1 
ATOM   460  C  CB  . ARG A 1 66  ? 7.178   7.580   9.163   1.00 16.30 ? 44  ARG A CB  1 
ATOM   461  C  CG  . ARG A 1 66  ? 7.883   6.265   9.473   1.00 16.24 ? 44  ARG A CG  1 
ATOM   462  C  CD  . ARG A 1 66  ? 9.364   6.489   9.807   1.00 18.41 ? 44  ARG A CD  1 
ATOM   463  N  NE  . ARG A 1 66  ? 9.977   5.332   10.471  1.00 22.80 ? 44  ARG A NE  1 
ATOM   464  C  CZ  . ARG A 1 66  ? 10.788  4.455   9.886   1.00 23.84 ? 44  ARG A CZ  1 
ATOM   465  N  NH1 . ARG A 1 66  ? 11.111  4.589   8.597   1.00 23.93 ? 44  ARG A NH1 1 
ATOM   466  N  NH2 . ARG A 1 66  ? 11.301  3.460   10.589  1.00 22.05 ? 44  ARG A NH2 1 
ATOM   467  N  N   . PHE A 1 67  ? 4.562   5.533   9.760   1.00 14.98 ? 45  PHE A N   1 
ATOM   468  C  CA  . PHE A 1 67  ? 3.773   4.788   10.745  1.00 15.70 ? 45  PHE A CA  1 
ATOM   469  C  C   . PHE A 1 67  ? 4.527   3.518   11.064  1.00 16.13 ? 45  PHE A C   1 
ATOM   470  O  O   . PHE A 1 67  ? 4.790   2.704   10.162  1.00 16.84 ? 45  PHE A O   1 
ATOM   471  C  CB  . PHE A 1 67  ? 2.396   4.444   10.149  1.00 15.94 ? 45  PHE A CB  1 
ATOM   472  C  CG  . PHE A 1 67  ? 1.599   5.654   9.805   1.00 16.79 ? 45  PHE A CG  1 
ATOM   473  C  CD1 . PHE A 1 67  ? 1.797   6.316   8.595   1.00 18.13 ? 45  PHE A CD1 1 
ATOM   474  C  CD2 . PHE A 1 67  ? 0.696   6.176   10.715  1.00 18.13 ? 45  PHE A CD2 1 
ATOM   475  C  CE1 . PHE A 1 67  ? 1.081   7.502   8.309   1.00 18.67 ? 45  PHE A CE1 1 
ATOM   476  C  CE2 . PHE A 1 67  ? -0.024  7.348   10.425  1.00 19.48 ? 45  PHE A CE2 1 
ATOM   477  C  CZ  . PHE A 1 67  ? 0.190   7.998   9.220   1.00 17.00 ? 45  PHE A CZ  1 
ATOM   478  N  N   A GLU A 1 68  ? 4.921   3.364   12.325  0.50 15.84 ? 46  GLU A N   1 
ATOM   479  N  N   B GLU A 1 68  ? 4.904   3.348   12.337  0.50 16.62 ? 46  GLU A N   1 
ATOM   480  C  CA  A GLU A 1 68  ? 5.685   2.194   12.720  0.50 16.25 ? 46  GLU A CA  1 
ATOM   481  C  CA  B GLU A 1 68  ? 5.751   2.225   12.763  0.50 17.85 ? 46  GLU A CA  1 
ATOM   482  C  C   A GLU A 1 68  ? 4.809   1.244   13.491  0.50 16.80 ? 46  GLU A C   1 
ATOM   483  C  C   B GLU A 1 68  ? 4.953   1.201   13.576  0.50 17.60 ? 46  GLU A C   1 
ATOM   484  O  O   A GLU A 1 68  ? 4.171   1.635   14.484  0.50 17.24 ? 46  GLU A O   1 
ATOM   485  O  O   B GLU A 1 68  ? 4.501   1.502   14.697  0.50 17.81 ? 46  GLU A O   1 
ATOM   486  C  CB  A GLU A 1 68  ? 6.878   2.590   13.567  0.50 16.54 ? 46  GLU A CB  1 
ATOM   487  C  CB  B GLU A 1 68  ? 6.921   2.745   13.602  0.50 18.62 ? 46  GLU A CB  1 
ATOM   488  C  CG  A GLU A 1 68  ? 7.809   3.509   12.836  0.50 14.89 ? 46  GLU A CG  1 
ATOM   489  C  CG  B GLU A 1 68  ? 8.305   2.312   13.122  0.50 22.80 ? 46  GLU A CG  1 
ATOM   490  C  CD  A GLU A 1 68  ? 8.930   4.013   13.703  0.50 17.81 ? 46  GLU A CD  1 
ATOM   491  C  CD  B GLU A 1 68  ? 8.823   1.044   13.786  0.50 26.27 ? 46  GLU A CD  1 
ATOM   492  O  OE1 A GLU A 1 68  ? 9.118   3.462   14.813  0.50 17.16 ? 46  GLU A OE1 1 
ATOM   493  O  OE1 B GLU A 1 68  ? 9.834   1.124   14.531  0.50 27.63 ? 46  GLU A OE1 1 
ATOM   494  O  OE2 A GLU A 1 68  ? 9.606   4.965   13.270  0.50 17.94 ? 46  GLU A OE2 1 
ATOM   495  O  OE2 B GLU A 1 68  ? 8.239   -0.039  13.563  0.50 26.72 ? 46  GLU A OE2 1 
ATOM   496  N  N   . GLY A 1 69  ? 4.781   0.008   13.009  1.00 17.53 ? 47  GLY A N   1 
ATOM   497  C  CA  . GLY A 1 69  ? 4.104   -1.104  13.683  1.00 17.67 ? 47  GLY A CA  1 
ATOM   498  C  C   . GLY A 1 69  ? 2.804   -1.424  12.990  1.00 18.16 ? 47  GLY A C   1 
ATOM   499  O  O   . GLY A 1 69  ? 2.048   -0.534  12.643  1.00 18.18 ? 47  GLY A O   1 
ATOM   500  N  N   . ARG A 1 70  ? 2.540   -2.719  12.816  1.00 17.74 ? 48  ARG A N   1 
ATOM   501  C  CA  . ARG A 1 70  ? 1.329   -3.158  12.136  1.00 18.02 ? 48  ARG A CA  1 
ATOM   502  C  C   . ARG A 1 70  ? 0.081   -2.563  12.754  1.00 17.53 ? 48  ARG A C   1 
ATOM   503  O  O   . ARG A 1 70  ? -0.802  -2.120  12.043  1.00 17.08 ? 48  ARG A O   1 
ATOM   504  C  CB  . ARG A 1 70  ? 1.220   -4.675  12.170  1.00 18.34 ? 48  ARG A CB  1 
ATOM   505  C  CG  . ARG A 1 70  ? -0.084  -5.146  11.540  1.00 19.30 ? 48  ARG A CG  1 
ATOM   506  C  CD  . ARG A 1 70  ? -0.060  -6.618  11.345  1.00 22.54 ? 48  ARG A CD  1 
ATOM   507  N  NE  . ARG A 1 70  ? -0.021  -7.349  12.584  1.00 23.52 ? 48  ARG A NE  1 
ATOM   508  C  CZ  . ARG A 1 70  ? 0.666   -8.486  12.768  1.00 26.44 ? 48  ARG A CZ  1 
ATOM   509  N  NH1 . ARG A 1 70  ? 1.455   -8.988  11.823  1.00 23.75 ? 48  ARG A NH1 1 
ATOM   510  N  NH2 . ARG A 1 70  ? 0.600   -9.102  13.934  1.00 23.63 ? 48  ARG A NH2 1 
ATOM   511  N  N   . GLU A 1 71  ? 0.015   -2.561  14.083  1.00 18.40 ? 49  GLU A N   1 
ATOM   512  C  CA  . GLU A 1 71  ? -1.218  -2.144  14.718  1.00 17.98 ? 49  GLU A CA  1 
ATOM   513  C  C   . GLU A 1 71  ? -1.358  -0.636  14.798  1.00 18.50 ? 49  GLU A C   1 
ATOM   514  O  O   . GLU A 1 71  ? -2.472  -0.126  14.870  1.00 19.67 ? 49  GLU A O   1 
ATOM   515  C  CB  . GLU A 1 71  ? -1.414  -2.856  16.059  1.00 18.60 ? 49  GLU A CB  1 
ATOM   516  C  CG  . GLU A 1 71  ? -1.451  -4.371  15.899  1.00 20.03 ? 49  GLU A CG  1 
ATOM   517  C  CD  . GLU A 1 71  ? -2.468  -4.812  14.849  1.00 17.95 ? 49  GLU A CD  1 
ATOM   518  O  OE1 . GLU A 1 71  ? -2.214  -5.786  14.106  1.00 21.03 ? 49  GLU A OE1 1 
ATOM   519  O  OE2 . GLU A 1 71  ? -3.550  -4.181  14.775  1.00 19.50 ? 49  GLU A OE2 1 
ATOM   520  N  N   . THR A 1 72  ? -0.228  0.074   14.777  1.00 19.07 ? 50  THR A N   1 
ATOM   521  C  CA  . THR A 1 72  ? -0.250  1.519   14.573  1.00 18.96 ? 50  THR A CA  1 
ATOM   522  C  C   . THR A 1 72  ? -0.817  1.869   13.196  1.00 19.19 ? 50  THR A C   1 
ATOM   523  O  O   . THR A 1 72  ? -1.654  2.765   13.069  1.00 19.26 ? 50  THR A O   1 
ATOM   524  C  CB  . THR A 1 72  ? 1.146   2.100   14.701  1.00 19.76 ? 50  THR A CB  1 
ATOM   525  O  OG1 . THR A 1 72  ? 1.640   1.853   16.031  1.00 21.18 ? 50  THR A OG1 1 
ATOM   526  C  CG2 . THR A 1 72  ? 1.121   3.605   14.447  1.00 20.59 ? 50  THR A CG2 1 
ATOM   527  N  N   . ILE A 1 73  ? -0.385  1.133   12.171  1.00 17.94 ? 51  ILE A N   1 
ATOM   528  C  CA  . ILE A 1 73  ? -0.958  1.273   10.834  1.00 18.82 ? 51  ILE A CA  1 
ATOM   529  C  C   . ILE A 1 73  ? -2.466  1.005   10.852  1.00 19.03 ? 51  ILE A C   1 
ATOM   530  O  O   . ILE A 1 73  ? -3.261  1.806   10.331  1.00 19.60 ? 51  ILE A O   1 
ATOM   531  C  CB  . ILE A 1 73  ? -0.209  0.402   9.814   1.00 18.57 ? 51  ILE A CB  1 
ATOM   532  C  CG1 . ILE A 1 73  ? 1.256   0.864   9.686   1.00 18.82 ? 51  ILE A CG1 1 
ATOM   533  C  CG2 . ILE A 1 73  ? -0.912  0.447   8.453   1.00 18.40 ? 51  ILE A CG2 1 
ATOM   534  C  CD1 . ILE A 1 73  ? 2.190   -0.173  9.052   1.00 17.09 ? 51  ILE A CD1 1 
ATOM   535  N  N   . TRP A 1 74  ? -2.886  -0.074  11.515  1.00 17.72 ? 52  TRP A N   1 
ATOM   536  C  CA  . TRP A 1 74  ? -4.310  -0.354  11.632  1.00 18.85 ? 52  TRP A CA  1 
ATOM   537  C  C   . TRP A 1 74  ? -5.071  0.786   12.295  1.00 20.33 ? 52  TRP A C   1 
ATOM   538  O  O   . TRP A 1 74  ? -6.159  1.151   11.860  1.00 21.09 ? 52  TRP A O   1 
ATOM   539  C  CB  . TRP A 1 74  ? -4.505  -1.646  12.429  1.00 18.04 ? 52  TRP A CB  1 
ATOM   540  C  CG  . TRP A 1 74  ? -5.924  -1.959  12.807  1.00 19.24 ? 52  TRP A CG  1 
ATOM   541  C  CD1 . TRP A 1 74  ? -6.389  -2.165  14.071  1.00 19.06 ? 52  TRP A CD1 1 
ATOM   542  C  CD2 . TRP A 1 74  ? -7.038  -2.170  11.925  1.00 17.96 ? 52  TRP A CD2 1 
ATOM   543  N  NE1 . TRP A 1 74  ? -7.724  -2.477  14.042  1.00 18.70 ? 52  TRP A NE1 1 
ATOM   544  C  CE2 . TRP A 1 74  ? -8.159  -2.462  12.741  1.00 18.90 ? 52  TRP A CE2 1 
ATOM   545  C  CE3 . TRP A 1 74  ? -7.214  -2.080  10.538  1.00 18.17 ? 52  TRP A CE3 1 
ATOM   546  C  CZ2 . TRP A 1 74  ? -9.436  -2.724  12.211  1.00 19.65 ? 52  TRP A CZ2 1 
ATOM   547  C  CZ3 . TRP A 1 74  ? -8.481  -2.320  10.009  1.00 18.50 ? 52  TRP A CZ3 1 
ATOM   548  C  CH2 . TRP A 1 74  ? -9.580  -2.642  10.847  1.00 20.17 ? 52  TRP A CH2 1 
ATOM   549  N  N   . ALA A 1 75  ? -4.513  1.338   13.368  1.00 21.01 ? 53  ALA A N   1 
ATOM   550  C  CA  . ALA A 1 75  ? -5.227  2.396   14.096  1.00 22.11 ? 53  ALA A CA  1 
ATOM   551  C  C   . ALA A 1 75  ? -5.599  3.539   13.171  1.00 23.03 ? 53  ALA A C   1 
ATOM   552  O  O   . ALA A 1 75  ? -6.575  4.259   13.413  1.00 23.57 ? 53  ALA A O   1 
ATOM   553  C  CB  . ALA A 1 75  ? -4.371  2.931   15.235  1.00 22.24 ? 53  ALA A CB  1 
ATOM   554  N  N   . HIS A 1 76  ? -4.783  3.714   12.141  1.00 22.75 ? 54  HIS A N   1 
ATOM   555  C  CA  . HIS A 1 76  ? -4.972  4.773   11.161  1.00 24.01 ? 54  HIS A CA  1 
ATOM   556  C  C   . HIS A 1 76  ? -5.601  4.318   9.833   1.00 24.02 ? 54  HIS A C   1 
ATOM   557  O  O   . HIS A 1 76  ? -5.743  5.122   8.925   1.00 22.67 ? 54  HIS A O   1 
ATOM   558  C  CB  . HIS A 1 76  ? -3.632  5.451   10.894  1.00 24.28 ? 54  HIS A CB  1 
ATOM   559  C  CG  . HIS A 1 76  ? -3.068  6.161   12.082  1.00 26.37 ? 54  HIS A CG  1 
ATOM   560  N  ND1 . HIS A 1 76  ? -3.144  7.532   12.230  1.00 30.08 ? 54  HIS A ND1 1 
ATOM   561  C  CD2 . HIS A 1 76  ? -2.415  5.701   13.177  1.00 27.99 ? 54  HIS A CD2 1 
ATOM   562  C  CE1 . HIS A 1 76  ? -2.551  7.885   13.356  1.00 30.21 ? 54  HIS A CE1 1 
ATOM   563  N  NE2 . HIS A 1 76  ? -2.111  6.793   13.957  1.00 32.09 ? 54  HIS A NE2 1 
ATOM   564  N  N   A MET A 1 77  ? -5.971  3.041   9.732   0.50 24.15 ? 55  MET A N   1 
ATOM   565  N  N   B MET A 1 77  ? -5.984  3.046   9.738   0.50 24.94 ? 55  MET A N   1 
ATOM   566  C  CA  A MET A 1 77  ? -6.534  2.477   8.486   0.50 24.51 ? 55  MET A CA  1 
ATOM   567  C  CA  B MET A 1 77  ? -6.528  2.502   8.484   0.50 25.84 ? 55  MET A CA  1 
ATOM   568  C  C   A MET A 1 77  ? -7.970  1.992   8.563   0.50 26.31 ? 55  MET A C   1 
ATOM   569  C  C   B MET A 1 77  ? -7.921  1.878   8.574   0.50 27.12 ? 55  MET A C   1 
ATOM   570  O  O   A MET A 1 77  ? -8.590  1.746   7.523   0.50 26.91 ? 55  MET A O   1 
ATOM   571  O  O   B MET A 1 77  ? -8.476  1.453   7.554   0.50 27.40 ? 55  MET A O   1 
ATOM   572  C  CB  A MET A 1 77  ? -5.675  1.315   7.984   0.50 23.08 ? 55  MET A CB  1 
ATOM   573  C  CB  B MET A 1 77  ? -5.531  1.520   7.849   0.50 25.85 ? 55  MET A CB  1 
ATOM   574  C  CG  A MET A 1 77  ? -4.676  1.688   6.925   0.50 20.07 ? 55  MET A CG  1 
ATOM   575  C  CG  B MET A 1 77  ? -4.459  2.201   7.027   0.50 24.11 ? 55  MET A CG  1 
ATOM   576  S  SD  A MET A 1 77  ? -5.265  2.660   5.500   0.50 12.62 ? 55  MET A SD  1 
ATOM   577  S  SD  B MET A 1 77  ? -4.865  2.669   5.304   0.50 20.01 ? 55  MET A SD  1 
ATOM   578  C  CE  A MET A 1 77  ? -3.620  3.034   4.859   0.50 10.38 ? 55  MET A CE  1 
ATOM   579  C  CE  B MET A 1 77  ? -6.617  2.785   5.271   0.50 14.62 ? 55  MET A CE  1 
ATOM   580  N  N   . ARG A 1 78  ? -8.487  1.831   9.776   1.00 27.43 ? 56  ARG A N   1 
ATOM   581  C  CA  . ARG A 1 78  ? -9.803  1.205   9.999   1.00 29.57 ? 56  ARG A CA  1 
ATOM   582  C  C   . ARG A 1 78  ? -10.891 1.677   9.024   1.00 30.00 ? 56  ARG A C   1 
ATOM   583  O  O   . ARG A 1 78  ? -11.632 0.860   8.476   1.00 31.95 ? 56  ARG A O   1 
ATOM   584  C  CB  . ARG A 1 78  ? -10.310 1.448   11.428  1.00 30.83 ? 56  ARG A CB  1 
ATOM   585  C  CG  . ARG A 1 78  ? -9.254  1.468   12.509  1.00 33.38 ? 56  ARG A CG  1 
ATOM   586  C  CD  . ARG A 1 78  ? -9.889  1.726   13.842  1.00 36.12 ? 56  ARG A CD  1 
ATOM   587  N  NE  . ARG A 1 78  ? -10.762 0.627   14.243  1.00 38.29 ? 56  ARG A NE  1 
ATOM   588  C  CZ  . ARG A 1 78  ? -10.480 -0.231  15.218  1.00 38.27 ? 56  ARG A CZ  1 
ATOM   589  N  NH1 . ARG A 1 78  ? -11.335 -1.198  15.511  1.00 40.84 ? 56  ARG A NH1 1 
ATOM   590  N  NH2 . ARG A 1 78  ? -9.347  -0.123  15.895  1.00 38.67 ? 56  ARG A NH2 1 
ATOM   591  N  N   . LEU A 1 79  ? -10.984 2.986   8.819   1.00 30.26 ? 57  LEU A N   1 
ATOM   592  C  CA  . LEU A 1 79  ? -12.111 3.554   8.078   1.00 30.01 ? 57  LEU A CA  1 
ATOM   593  C  C   . LEU A 1 79  ? -11.811 3.768   6.581   1.00 29.50 ? 57  LEU A C   1 
ATOM   594  O  O   . LEU A 1 79  ? -12.514 4.502   5.889   1.00 29.43 ? 57  LEU A O   1 
ATOM   595  C  CB  . LEU A 1 79  ? -12.600 4.851   8.754   1.00 30.88 ? 57  LEU A CB  1 
ATOM   596  C  CG  . LEU A 1 79  ? -12.978 4.803   10.257  1.00 32.62 ? 57  LEU A CG  1 
ATOM   597  C  CD1 . LEU A 1 79  ? -13.660 6.091   10.703  1.00 34.24 ? 57  LEU A CD1 1 
ATOM   598  C  CD2 . LEU A 1 79  ? -13.851 3.590   10.618  1.00 33.16 ? 57  LEU A CD2 1 
ATOM   599  N  N   . PHE A 1 80  ? -10.768 3.115   6.084   1.00 28.46 ? 58  PHE A N   1 
ATOM   600  C  CA  . PHE A 1 80  ? -10.326 3.330   4.704   1.00 27.43 ? 58  PHE A CA  1 
ATOM   601  C  C   . PHE A 1 80  ? -11.459 3.181   3.700   1.00 27.18 ? 58  PHE A C   1 
ATOM   602  O  O   . PHE A 1 80  ? -11.619 4.052   2.852   1.00 25.90 ? 58  PHE A O   1 
ATOM   603  C  CB  . PHE A 1 80  ? -9.152  2.409   4.366   1.00 26.45 ? 58  PHE A CB  1 
ATOM   604  C  CG  . PHE A 1 80  ? -8.699  2.483   2.934   1.00 25.19 ? 58  PHE A CG  1 
ATOM   605  C  CD1 . PHE A 1 80  ? -7.831  3.486   2.520   1.00 25.36 ? 58  PHE A CD1 1 
ATOM   606  C  CD2 . PHE A 1 80  ? -9.129  1.535   2.005   1.00 24.96 ? 58  PHE A CD2 1 
ATOM   607  C  CE1 . PHE A 1 80  ? -7.392  3.552   1.215   1.00 26.30 ? 58  PHE A CE1 1 
ATOM   608  C  CE2 . PHE A 1 80  ? -8.703  1.604   0.678   1.00 24.67 ? 58  PHE A CE2 1 
ATOM   609  C  CZ  . PHE A 1 80  ? -7.837  2.603   0.283   1.00 25.22 ? 58  PHE A CZ  1 
ATOM   610  N  N   . PRO A 1 81  ? -12.242 2.080   3.771   1.00 28.11 ? 59  PRO A N   1 
ATOM   611  C  CA  . PRO A 1 81  ? -13.275 1.930   2.742   1.00 28.96 ? 59  PRO A CA  1 
ATOM   612  C  C   . PRO A 1 81  ? -14.352 3.012   2.746   1.00 29.02 ? 59  PRO A C   1 
ATOM   613  O  O   . PRO A 1 81  ? -15.019 3.215   1.728   1.00 30.33 ? 59  PRO A O   1 
ATOM   614  C  CB  . PRO A 1 81  ? -13.884 0.555   3.040   1.00 29.12 ? 59  PRO A CB  1 
ATOM   615  C  CG  . PRO A 1 81  ? -13.543 0.269   4.443   1.00 29.06 ? 59  PRO A CG  1 
ATOM   616  C  CD  . PRO A 1 81  ? -12.231 0.932   4.701   1.00 28.43 ? 59  PRO A CD  1 
ATOM   617  N  N   A GLU A 1 82  ? -14.504 3.704   3.871   0.50 29.03 ? 60  GLU A N   1 
ATOM   618  N  N   B GLU A 1 82  ? -14.527 3.698   3.869   0.50 29.24 ? 60  GLU A N   1 
ATOM   619  C  CA  A GLU A 1 82  ? -15.451 4.815   3.985   0.50 28.79 ? 60  GLU A CA  1 
ATOM   620  C  CA  B GLU A 1 82  ? -15.492 4.791   3.926   0.50 29.29 ? 60  GLU A CA  1 
ATOM   621  C  C   A GLU A 1 82  ? -14.883 6.135   3.453   0.50 28.25 ? 60  GLU A C   1 
ATOM   622  C  C   B GLU A 1 82  ? -14.950 6.058   3.240   0.50 28.47 ? 60  GLU A C   1 
ATOM   623  O  O   A GLU A 1 82  ? -15.555 7.171   3.466   0.50 28.16 ? 60  GLU A O   1 
ATOM   624  O  O   B GLU A 1 82  ? -15.717 6.974   2.934   0.50 28.40 ? 60  GLU A O   1 
ATOM   625  C  CB  A GLU A 1 82  ? -15.886 4.991   5.441   0.50 28.85 ? 60  GLU A CB  1 
ATOM   626  C  CB  B GLU A 1 82  ? -15.919 5.077   5.378   0.50 29.34 ? 60  GLU A CB  1 
ATOM   627  C  CG  A GLU A 1 82  ? -16.684 3.824   5.990   0.50 29.07 ? 60  GLU A CG  1 
ATOM   628  C  CG  B GLU A 1 82  ? -15.252 6.300   6.003   0.50 30.76 ? 60  GLU A CG  1 
ATOM   629  C  CD  A GLU A 1 82  ? -17.167 4.051   7.412   0.50 29.90 ? 60  GLU A CD  1 
ATOM   630  C  CD  B GLU A 1 82  ? -15.582 6.499   7.477   0.50 31.04 ? 60  GLU A CD  1 
ATOM   631  O  OE1 A GLU A 1 82  ? -17.457 5.210   7.772   0.50 31.36 ? 60  GLU A OE1 1 
ATOM   632  O  OE1 B GLU A 1 82  ? -16.659 6.059   7.942   0.50 33.28 ? 60  GLU A OE1 1 
ATOM   633  O  OE2 A GLU A 1 82  ? -17.266 3.061   8.174   0.50 32.33 ? 60  GLU A OE2 1 
ATOM   634  O  OE2 B GLU A 1 82  ? -14.751 7.135   8.169   0.50 33.78 ? 60  GLU A OE2 1 
ATOM   635  N  N   . HIS A 1 83  ? -13.638 6.099   2.992   1.00 27.65 ? 61  HIS A N   1 
ATOM   636  C  CA  . HIS A 1 83  ? -12.982 7.299   2.464   1.00 26.86 ? 61  HIS A CA  1 
ATOM   637  C  C   . HIS A 1 83  ? -12.573 7.213   1.001   1.00 26.24 ? 61  HIS A C   1 
ATOM   638  O  O   . HIS A 1 83  ? -12.398 8.245   0.344   1.00 26.10 ? 61  HIS A O   1 
ATOM   639  C  CB  . HIS A 1 83  ? -11.715 7.590   3.261   1.00 26.70 ? 61  HIS A CB  1 
ATOM   640  C  CG  . HIS A 1 83  ? -11.966 8.174   4.617   1.00 28.73 ? 61  HIS A CG  1 
ATOM   641  N  ND1 . HIS A 1 83  ? -11.981 9.532   4.851   1.00 30.06 ? 61  HIS A ND1 1 
ATOM   642  C  CD2 . HIS A 1 83  ? -12.189 7.582   5.815   1.00 30.41 ? 61  HIS A CD2 1 
ATOM   643  C  CE1 . HIS A 1 83  ? -12.218 9.751   6.133   1.00 30.91 ? 61  HIS A CE1 1 
ATOM   644  N  NE2 . HIS A 1 83  ? -12.342 8.585   6.739   1.00 31.61 ? 61  HIS A NE2 1 
ATOM   645  N  N   . LEU A 1 84  ? -12.393 5.991   0.503   1.00 24.67 ? 62  LEU A N   1 
ATOM   646  C  CA  . LEU A 1 84  ? -11.831 5.792   -0.832  1.00 24.07 ? 62  LEU A CA  1 
ATOM   647  C  C   . LEU A 1 84  ? -12.290 4.477   -1.428  1.00 23.80 ? 62  LEU A C   1 
ATOM   648  O  O   . LEU A 1 84  ? -12.305 3.450   -0.744  1.00 23.32 ? 62  LEU A O   1 
ATOM   649  C  CB  . LEU A 1 84  ? -10.297 5.816   -0.777  1.00 24.51 ? 62  LEU A CB  1 
ATOM   650  C  CG  . LEU A 1 84  ? -9.583  5.777   -2.129  1.00 23.76 ? 62  LEU A CG  1 
ATOM   651  C  CD1 . LEU A 1 84  ? -9.934  7.007   -2.980  1.00 24.23 ? 62  LEU A CD1 1 
ATOM   652  C  CD2 . LEU A 1 84  ? -8.066  5.696   -1.930  1.00 23.79 ? 62  LEU A CD2 1 
ATOM   653  N  N   . THR A 1 85  ? -12.694 4.530   -2.692  1.00 22.80 ? 63  THR A N   1 
ATOM   654  C  CA  . THR A 1 85  ? -12.852 3.347   -3.521  1.00 23.45 ? 63  THR A CA  1 
ATOM   655  C  C   . THR A 1 85  ? -11.819 3.545   -4.627  1.00 21.99 ? 63  THR A C   1 
ATOM   656  O  O   . THR A 1 85  ? -11.678 4.651   -5.171  1.00 22.06 ? 63  THR A O   1 
ATOM   657  C  CB  . THR A 1 85  ? -14.292 3.217   -4.073  1.00 24.45 ? 63  THR A CB  1 
ATOM   658  O  OG1 . THR A 1 85  ? -14.374 2.112   -4.977  1.00 30.60 ? 63  THR A OG1 1 
ATOM   659  C  CG2 . THR A 1 85  ? -14.730 4.469   -4.771  1.00 25.60 ? 63  THR A CG2 1 
ATOM   660  N  N   . VAL A 1 86  ? -11.067 2.497   -4.930  1.00 20.77 ? 64  VAL A N   1 
ATOM   661  C  CA  . VAL A 1 86  ? -9.942  2.633   -5.847  1.00 20.15 ? 64  VAL A CA  1 
ATOM   662  C  C   . VAL A 1 86  ? -9.720  1.353   -6.631  1.00 19.50 ? 64  VAL A C   1 
ATOM   663  O  O   . VAL A 1 86  ? -9.975  0.243   -6.123  1.00 19.40 ? 64  VAL A O   1 
ATOM   664  C  CB  . VAL A 1 86  ? -8.648  3.082   -5.089  1.00 19.77 ? 64  VAL A CB  1 
ATOM   665  C  CG1 . VAL A 1 86  ? -8.220  2.038   -4.060  1.00 20.82 ? 64  VAL A CG1 1 
ATOM   666  C  CG2 . VAL A 1 86  ? -7.502  3.424   -6.066  1.00 19.66 ? 64  VAL A CG2 1 
ATOM   667  N  N   A ARG A 1 87  ? -9.276  1.513   -7.873  0.50 18.83 ? 65  ARG A N   1 
ATOM   668  N  N   B ARG A 1 87  ? -9.286  1.499   -7.876  0.50 19.00 ? 65  ARG A N   1 
ATOM   669  C  CA  A ARG A 1 87  ? -8.861  0.410   -8.735  0.50 18.57 ? 65  ARG A CA  1 
ATOM   670  C  CA  B ARG A 1 87  ? -8.856  0.370   -8.695  0.50 18.88 ? 65  ARG A CA  1 
ATOM   671  C  C   A ARG A 1 87  ? -7.455  0.711   -9.250  0.50 17.91 ? 65  ARG A C   1 
ATOM   672  C  C   B ARG A 1 87  ? -7.480  0.688   -9.282  0.50 18.09 ? 65  ARG A C   1 
ATOM   673  O  O   A ARG A 1 87  ? -7.178  1.833   -9.661  0.50 18.21 ? 65  ARG A O   1 
ATOM   674  O  O   B ARG A 1 87  ? -7.254  1.792   -9.773  0.50 18.33 ? 65  ARG A O   1 
ATOM   675  C  CB  A ARG A 1 87  ? -9.807  0.291   -9.929  0.50 19.20 ? 65  ARG A CB  1 
ATOM   676  C  CB  B ARG A 1 87  ? -9.857  0.105   -9.820  0.50 19.77 ? 65  ARG A CB  1 
ATOM   677  C  CG  A ARG A 1 87  ? -11.209 -0.163  -9.564  0.50 20.55 ? 65  ARG A CG  1 
ATOM   678  C  CG  B ARG A 1 87  ? -9.525  -1.108  -10.674 0.50 21.91 ? 65  ARG A CG  1 
ATOM   679  C  CD  A ARG A 1 87  ? -12.205 0.252   -10.633 0.50 26.15 ? 65  ARG A CD  1 
ATOM   680  C  CD  B ARG A 1 87  ? -10.532 -1.286  -11.801 0.50 27.22 ? 65  ARG A CD  1 
ATOM   681  N  NE  A ARG A 1 87  ? -13.570 -0.173  -10.316 0.50 30.21 ? 65  ARG A NE  1 
ATOM   682  N  NE  B ARG A 1 87  ? -9.987  -2.044  -12.925 0.50 30.86 ? 65  ARG A NE  1 
ATOM   683  C  CZ  A ARG A 1 87  ? -14.425 0.519   -9.563  0.50 31.46 ? 65  ARG A CZ  1 
ATOM   684  C  CZ  B ARG A 1 87  ? -9.890  -3.370  -12.970 0.50 32.14 ? 65  ARG A CZ  1 
ATOM   685  N  NH1 A ARG A 1 87  ? -14.063 1.675   -9.013  0.50 32.85 ? 65  ARG A NH1 1 
ATOM   686  N  NH1 B ARG A 1 87  ? -9.379  -3.960  -14.046 0.50 34.56 ? 65  ARG A NH1 1 
ATOM   687  N  NH2 A ARG A 1 87  ? -15.639 0.041   -9.337  0.50 33.15 ? 65  ARG A NH2 1 
ATOM   688  N  NH2 B ARG A 1 87  ? -10.290 -4.111  -11.942 0.50 33.21 ? 65  ARG A NH2 1 
ATOM   689  N  N   . PHE A 1 88  ? -6.573  -0.280  -9.228  1.00 17.46 ? 66  PHE A N   1 
ATOM   690  C  CA  . PHE A 1 88  ? -5.196  -0.084  -9.713  1.00 17.41 ? 66  PHE A CA  1 
ATOM   691  C  C   . PHE A 1 88  ? -4.921  -0.831  -11.016 1.00 18.53 ? 66  PHE A C   1 
ATOM   692  O  O   . PHE A 1 88  ? -5.459  -1.929  -11.254 1.00 18.79 ? 66  PHE A O   1 
ATOM   693  C  CB  . PHE A 1 88  ? -4.179  -0.540  -8.671  1.00 17.36 ? 66  PHE A CB  1 
ATOM   694  C  CG  . PHE A 1 88  ? -4.336  0.128   -7.333  1.00 16.04 ? 66  PHE A CG  1 
ATOM   695  C  CD1 . PHE A 1 88  ? -3.820  1.395   -7.086  1.00 17.23 ? 66  PHE A CD1 1 
ATOM   696  C  CD2 . PHE A 1 88  ? -5.010  -0.529  -6.305  1.00 15.93 ? 66  PHE A CD2 1 
ATOM   697  C  CE1 . PHE A 1 88  ? -3.947  1.988   -5.839  1.00 16.07 ? 66  PHE A CE1 1 
ATOM   698  C  CE2 . PHE A 1 88  ? -5.147  0.086   -5.048  1.00 16.02 ? 66  PHE A CE2 1 
ATOM   699  C  CZ  . PHE A 1 88  ? -4.610  1.327   -4.812  1.00 17.66 ? 66  PHE A CZ  1 
ATOM   700  N  N   . THR A 1 89  ? -4.068  -0.241  -11.843 1.00 18.23 ? 67  THR A N   1 
ATOM   701  C  CA  . THR A 1 89  ? -3.583  -0.924  -13.045 1.00 19.64 ? 67  THR A CA  1 
ATOM   702  C  C   . THR A 1 89  ? -2.576  -2.006  -12.662 1.00 19.73 ? 67  THR A C   1 
ATOM   703  O  O   . THR A 1 89  ? -2.139  -2.064  -11.504 1.00 20.07 ? 67  THR A O   1 
ATOM   704  C  CB  . THR A 1 89  ? -2.926  0.072   -14.014 1.00 19.54 ? 67  THR A CB  1 
ATOM   705  O  OG1 . THR A 1 89  ? -1.782  0.672   -13.389 1.00 21.16 ? 67  THR A OG1 1 
ATOM   706  C  CG2 . THR A 1 89  ? -3.910  1.159   -14.417 1.00 21.96 ? 67  THR A CG2 1 
ATOM   707  N  N   . ASP A 1 90  ? -2.226  -2.888  -13.610 1.00 20.31 ? 68  ASP A N   1 
ATOM   708  C  CA  . ASP A 1 90  ? -1.272  -3.963  -13.331 1.00 20.98 ? 68  ASP A CA  1 
ATOM   709  C  C   . ASP A 1 90  ? 0.093   -3.372  -12.968 1.00 19.58 ? 68  ASP A C   1 
ATOM   710  O  O   . ASP A 1 90  ? 0.552   -2.428  -13.624 1.00 20.41 ? 68  ASP A O   1 
ATOM   711  C  CB  . ASP A 1 90  ? -1.118  -4.891  -14.540 1.00 22.16 ? 68  ASP A CB  1 
ATOM   712  C  CG  . ASP A 1 90  ? -2.410  -5.567  -14.927 1.00 26.87 ? 68  ASP A CG  1 
ATOM   713  O  OD1 . ASP A 1 90  ? -3.181  -5.948  -14.032 1.00 29.35 ? 68  ASP A OD1 1 
ATOM   714  O  OD2 . ASP A 1 90  ? -2.632  -5.723  -16.150 1.00 33.72 ? 68  ASP A OD2 1 
ATOM   715  N  N   . VAL A 1 91  ? 0.730   -3.919  -11.939 1.00 18.82 ? 69  VAL A N   1 
ATOM   716  C  CA  . VAL A 1 91  ? 2.038   -3.394  -11.522 1.00 18.23 ? 69  VAL A CA  1 
ATOM   717  C  C   . VAL A 1 91  ? 3.111   -3.751  -12.550 1.00 18.74 ? 69  VAL A C   1 
ATOM   718  O  O   . VAL A 1 91  ? 3.213   -4.921  -12.989 1.00 19.64 ? 69  VAL A O   1 
ATOM   719  C  CB  . VAL A 1 91  ? 2.479   -3.924  -10.133 1.00 17.36 ? 69  VAL A CB  1 
ATOM   720  C  CG1 . VAL A 1 91  ? 3.798   -3.273  -9.702  1.00 17.23 ? 69  VAL A CG1 1 
ATOM   721  C  CG2 . VAL A 1 91  ? 1.414   -3.626  -9.088  1.00 18.97 ? 69  VAL A CG2 1 
ATOM   722  N  N   A GLN A 1 92  ? 3.877   -2.738  -12.957 0.50 18.62 ? 70  GLN A N   1 
ATOM   723  N  N   B GLN A 1 92  ? 3.897   -2.741  -12.916 0.50 18.12 ? 70  GLN A N   1 
ATOM   724  C  CA  A GLN A 1 92  ? 5.087   -2.950  -13.753 0.50 19.48 ? 70  GLN A CA  1 
ATOM   725  C  CA  B GLN A 1 92  ? 5.086   -2.927  -13.742 0.50 18.28 ? 70  GLN A CA  1 
ATOM   726  C  C   A GLN A 1 92  ? 6.288   -2.972  -12.816 0.50 18.38 ? 70  GLN A C   1 
ATOM   727  C  C   B GLN A 1 92  ? 6.310   -2.961  -12.828 0.50 17.83 ? 70  GLN A C   1 
ATOM   728  O  O   A GLN A 1 92  ? 6.634   -1.957  -12.206 0.50 18.43 ? 70  GLN A O   1 
ATOM   729  O  O   B GLN A 1 92  ? 6.690   -1.947  -12.241 0.50 17.83 ? 70  GLN A O   1 
ATOM   730  C  CB  A GLN A 1 92  ? 5.235   -1.860  -14.825 0.50 19.85 ? 70  GLN A CB  1 
ATOM   731  C  CB  B GLN A 1 92  ? 5.172   -1.797  -14.780 0.50 18.96 ? 70  GLN A CB  1 
ATOM   732  C  CG  A GLN A 1 92  ? 4.230   -2.004  -15.959 0.50 22.06 ? 70  GLN A CG  1 
ATOM   733  C  CG  B GLN A 1 92  ? 3.908   -1.696  -15.640 0.50 20.46 ? 70  GLN A CG  1 
ATOM   734  C  CD  A GLN A 1 92  ? 4.428   -1.002  -17.085 0.50 22.62 ? 70  GLN A CD  1 
ATOM   735  C  CD  B GLN A 1 92  ? 3.585   -3.005  -16.350 0.50 22.91 ? 70  GLN A CD  1 
ATOM   736  O  OE1 A GLN A 1 92  ? 5.536   -0.513  -17.327 0.50 28.33 ? 70  GLN A OE1 1 
ATOM   737  O  OE1 B GLN A 1 92  ? 4.365   -3.476  -17.170 0.50 24.53 ? 70  GLN A OE1 1 
ATOM   738  N  NE2 A GLN A 1 92  ? 3.344   -0.697  -17.790 0.50 27.57 ? 70  GLN A NE2 1 
ATOM   739  N  NE2 B GLN A 1 92  ? 2.433   -3.597  -16.030 0.50 22.40 ? 70  GLN A NE2 1 
ATOM   740  N  N   . PHE A 1 93  ? 6.909   -4.139  -12.674 1.00 17.52 ? 71  PHE A N   1 
ATOM   741  C  CA  . PHE A 1 93  ? 8.019   -4.311  -11.740 1.00 17.23 ? 71  PHE A CA  1 
ATOM   742  C  C   . PHE A 1 93  ? 9.390   -4.104  -12.357 1.00 17.40 ? 71  PHE A C   1 
ATOM   743  O  O   . PHE A 1 93  ? 9.643   -4.526  -13.498 1.00 19.24 ? 71  PHE A O   1 
ATOM   744  C  CB  . PHE A 1 93  ? 7.968   -5.698  -11.130 1.00 17.63 ? 71  PHE A CB  1 
ATOM   745  C  CG  . PHE A 1 93  ? 6.890   -5.858  -10.105 1.00 17.15 ? 71  PHE A CG  1 
ATOM   746  C  CD1 . PHE A 1 93  ? 7.067   -5.354  -8.826  1.00 17.85 ? 71  PHE A CD1 1 
ATOM   747  C  CD2 . PHE A 1 93  ? 5.712   -6.561  -10.396 1.00 17.98 ? 71  PHE A CD2 1 
ATOM   748  C  CE1 . PHE A 1 93  ? 6.082   -5.516  -7.844  1.00 19.30 ? 71  PHE A CE1 1 
ATOM   749  C  CE2 . PHE A 1 93  ? 4.720   -6.728  -9.434  1.00 19.09 ? 71  PHE A CE2 1 
ATOM   750  C  CZ  . PHE A 1 93  ? 4.903   -6.197  -8.153  1.00 18.45 ? 71  PHE A CZ  1 
ATOM   751  N  N   . TYR A 1 94  ? 10.284  -3.481  -11.602 1.00 16.95 ? 72  TYR A N   1 
ATOM   752  C  CA  . TYR A 1 94  ? 11.696  -3.490  -11.959 1.00 17.39 ? 72  TYR A CA  1 
ATOM   753  C  C   . TYR A 1 94  ? 12.305  -4.749  -11.402 1.00 18.87 ? 72  TYR A C   1 
ATOM   754  O  O   . TYR A 1 94  ? 11.970  -5.161  -10.298 1.00 19.87 ? 72  TYR A O   1 
ATOM   755  C  CB  . TYR A 1 94  ? 12.384  -2.269  -11.362 1.00 17.46 ? 72  TYR A CB  1 
ATOM   756  C  CG  . TYR A 1 94  ? 11.870  -0.999  -11.967 1.00 16.77 ? 72  TYR A CG  1 
ATOM   757  C  CD1 . TYR A 1 94  ? 12.189  -0.648  -13.280 1.00 15.45 ? 72  TYR A CD1 1 
ATOM   758  C  CD2 . TYR A 1 94  ? 11.052  -0.137  -11.237 1.00 16.76 ? 72  TYR A CD2 1 
ATOM   759  C  CE1 . TYR A 1 94  ? 11.691  0.517   -13.861 1.00 16.16 ? 72  TYR A CE1 1 
ATOM   760  C  CE2 . TYR A 1 94  ? 10.544  1.057   -11.809 1.00 15.72 ? 72  TYR A CE2 1 
ATOM   761  C  CZ  . TYR A 1 94  ? 10.876  1.374   -13.120 1.00 15.97 ? 72  TYR A CZ  1 
ATOM   762  O  OH  . TYR A 1 94  ? 10.406  2.532   -13.723 1.00 17.10 ? 72  TYR A OH  1 
ATOM   763  N  N   . GLU A 1 95  ? 13.223  -5.357  -12.142 1.00 19.15 ? 73  GLU A N   1 
ATOM   764  C  CA  . GLU A 1 95  ? 13.856  -6.583  -11.668 1.00 20.71 ? 73  GLU A CA  1 
ATOM   765  C  C   . GLU A 1 95  ? 14.963  -6.318  -10.625 1.00 20.20 ? 73  GLU A C   1 
ATOM   766  O  O   . GLU A 1 95  ? 15.958  -5.656  -10.928 1.00 20.68 ? 73  GLU A O   1 
ATOM   767  C  CB  . GLU A 1 95  ? 14.371  -7.384  -12.878 1.00 21.96 ? 73  GLU A CB  1 
ATOM   768  C  CG  . GLU A 1 95  ? 13.225  -8.077  -13.642 1.00 27.97 ? 73  GLU A CG  1 
ATOM   769  C  CD  . GLU A 1 95  ? 12.321  -8.901  -12.722 1.00 32.35 ? 73  GLU A CD  1 
ATOM   770  O  OE1 . GLU A 1 95  ? 12.840  -9.826  -12.055 1.00 36.66 ? 73  GLU A OE1 1 
ATOM   771  O  OE2 . GLU A 1 95  ? 11.097  -8.631  -12.653 1.00 35.57 ? 73  GLU A OE2 1 
ATOM   772  N  N   . THR A 1 96  ? 14.791  -6.862  -9.416  1.00 19.68 ? 74  THR A N   1 
ATOM   773  C  CA  . THR A 1 96  ? 15.737  -6.659  -8.320  1.00 19.47 ? 74  THR A CA  1 
ATOM   774  C  C   . THR A 1 96  ? 16.655  -7.877  -8.151  1.00 20.07 ? 74  THR A C   1 
ATOM   775  O  O   . THR A 1 96  ? 16.348  -8.950  -8.673  1.00 21.20 ? 74  THR A O   1 
ATOM   776  C  CB  . THR A 1 96  ? 14.996  -6.437  -6.977  1.00 18.98 ? 74  THR A CB  1 
ATOM   777  O  OG1 . THR A 1 96  ? 14.247  -7.618  -6.655  1.00 19.42 ? 74  THR A OG1 1 
ATOM   778  C  CG2 . THR A 1 96  ? 14.035  -5.218  -7.051  1.00 18.43 ? 74  THR A CG2 1 
ATOM   779  N  N   . ALA A 1 97  ? 17.758  -7.712  -7.413  1.00 20.63 ? 75  ALA A N   1 
ATOM   780  C  CA  . ALA A 1 97  ? 18.662  -8.818  -7.069  1.00 20.99 ? 75  ALA A CA  1 
ATOM   781  C  C   . ALA A 1 97  ? 18.033  -9.758  -6.045  1.00 21.56 ? 75  ALA A C   1 
ATOM   782  O  O   . ALA A 1 97  ? 18.253  -10.971 -6.088  1.00 22.81 ? 75  ALA A O   1 
ATOM   783  C  CB  . ALA A 1 97  ? 19.975  -8.274  -6.535  1.00 21.12 ? 75  ALA A CB  1 
ATOM   784  N  N   . ASP A 1 98  ? 17.271  -9.183  -5.115  1.00 21.37 ? 76  ASP A N   1 
ATOM   785  C  CA  . ASP A 1 98  ? 16.729  -9.896  -3.945  1.00 21.00 ? 76  ASP A CA  1 
ATOM   786  C  C   . ASP A 1 98  ? 15.196  -10.008 -4.033  1.00 21.18 ? 76  ASP A C   1 
ATOM   787  O  O   . ASP A 1 98  ? 14.519  -8.995  -4.121  1.00 20.42 ? 76  ASP A O   1 
ATOM   788  C  CB  . ASP A 1 98  ? 17.144  -9.126  -2.671  1.00 21.54 ? 76  ASP A CB  1 
ATOM   789  C  CG  . ASP A 1 98  ? 16.721  -9.818  -1.365  1.00 24.28 ? 76  ASP A CG  1 
ATOM   790  O  OD1 . ASP A 1 98  ? 15.955  -10.793 -1.372  1.00 25.56 ? 76  ASP A OD1 1 
ATOM   791  O  OD2 . ASP A 1 98  ? 17.170  -9.341  -0.302  1.00 31.82 ? 76  ASP A OD2 1 
ATOM   792  N  N   . PRO A 1 99  ? 14.644  -11.237 -3.977  1.00 20.91 ? 77  PRO A N   1 
ATOM   793  C  CA  . PRO A 1 99  ? 13.183  -11.433 -4.047  1.00 20.83 ? 77  PRO A CA  1 
ATOM   794  C  C   . PRO A 1 99  ? 12.424  -10.736 -2.918  1.00 20.02 ? 77  PRO A C   1 
ATOM   795  O  O   . PRO A 1 99  ? 11.216  -10.537 -3.032  1.00 19.80 ? 77  PRO A O   1 
ATOM   796  C  CB  . PRO A 1 99  ? 12.997  -12.951 -3.918  1.00 21.70 ? 77  PRO A CB  1 
ATOM   797  C  CG  . PRO A 1 99  ? 14.352  -13.540 -4.115  1.00 22.26 ? 77  PRO A CG  1 
ATOM   798  C  CD  . PRO A 1 99  ? 15.379  -12.507 -3.830  1.00 20.85 ? 77  PRO A CD  1 
ATOM   799  N  N   . ASP A 1 100 ? 13.135  -10.406 -1.840  1.00 19.69 ? 78  ASP A N   1 
ATOM   800  C  CA  . ASP A 1 100 ? 12.551  -9.688  -0.700  1.00 19.60 ? 78  ASP A CA  1 
ATOM   801  C  C   . ASP A 1 100 ? 12.563  -8.160  -0.880  1.00 18.97 ? 78  ASP A C   1 
ATOM   802  O  O   . ASP A 1 100 ? 12.317  -7.413  0.076   1.00 18.57 ? 78  ASP A O   1 
ATOM   803  C  CB  . ASP A 1 100 ? 13.275  -10.076 0.591   1.00 20.07 ? 78  ASP A CB  1 
ATOM   804  C  CG  . ASP A 1 100 ? 12.797  -11.408 1.158   1.00 21.83 ? 78  ASP A CG  1 
ATOM   805  O  OD1 . ASP A 1 100 ? 11.673  -11.854 0.823   1.00 24.30 ? 78  ASP A OD1 1 
ATOM   806  O  OD2 . ASP A 1 100 ? 13.547  -11.996 1.956   1.00 23.83 ? 78  ASP A OD2 1 
ATOM   807  N  N   . LEU A 1 101 ? 12.907  -7.707  -2.086  1.00 17.35 ? 79  LEU A N   1 
ATOM   808  C  CA  . LEU A 1 101 ? 12.766  -6.292  -2.457  1.00 17.75 ? 79  LEU A CA  1 
ATOM   809  C  C   . LEU A 1 101 ? 11.953  -6.251  -3.732  1.00 17.36 ? 79  LEU A C   1 
ATOM   810  O  O   . LEU A 1 101 ? 12.278  -6.947  -4.689  1.00 17.35 ? 79  LEU A O   1 
ATOM   811  C  CB  . LEU A 1 101 ? 14.132  -5.633  -2.681  1.00 17.89 ? 79  LEU A CB  1 
ATOM   812  C  CG  . LEU A 1 101 ? 14.066  -4.180  -3.195  1.00 17.22 ? 79  LEU A CG  1 
ATOM   813  C  CD1 . LEU A 1 101 ? 13.562  -3.264  -2.087  1.00 19.30 ? 79  LEU A CD1 1 
ATOM   814  C  CD2 . LEU A 1 101 ? 15.423  -3.704  -3.720  1.00 17.91 ? 79  LEU A CD2 1 
ATOM   815  N  N   . ALA A 1 102 ? 10.889  -5.448  -3.739  1.00 16.34 ? 80  ALA A N   1 
ATOM   816  C  CA  . ALA A 1 102 ? 10.166  -5.174  -4.977  1.00 16.86 ? 80  ALA A CA  1 
ATOM   817  C  C   . ALA A 1 102 ? 10.043  -3.682  -5.177  1.00 16.77 ? 80  ALA A C   1 
ATOM   818  O  O   . ALA A 1 102 ? 9.907   -2.928  -4.213  1.00 16.58 ? 80  ALA A O   1 
ATOM   819  C  CB  . ALA A 1 102 ? 8.813   -5.785  -4.950  1.00 16.56 ? 80  ALA A CB  1 
ATOM   820  N  N   . ILE A 1 103 ? 10.140  -3.248  -6.431  1.00 16.20 ? 81  ILE A N   1 
ATOM   821  C  CA  . ILE A 1 103 ? 9.923   -1.860  -6.785  1.00 16.89 ? 81  ILE A CA  1 
ATOM   822  C  C   . ILE A 1 103 ? 9.026   -1.891  -7.995  1.00 16.87 ? 81  ILE A C   1 
ATOM   823  O  O   . ILE A 1 103 ? 9.385   -2.472  -9.028  1.00 16.92 ? 81  ILE A O   1 
ATOM   824  C  CB  . ILE A 1 103 ? 11.240  -1.116  -7.085  1.00 16.32 ? 81  ILE A CB  1 
ATOM   825  C  CG1 . ILE A 1 103 ? 12.207  -1.228  -5.904  1.00 16.60 ? 81  ILE A CG1 1 
ATOM   826  C  CG2 . ILE A 1 103 ? 10.919  0.367   -7.402  1.00 16.17 ? 81  ILE A CG2 1 
ATOM   827  C  CD1 . ILE A 1 103 ? 13.581  -0.637  -6.142  1.00 18.58 ? 81  ILE A CD1 1 
ATOM   828  N  N   . GLY A 1 104 ? 7.829   -1.343  -7.836  1.00 15.38 ? 82  GLY A N   1 
ATOM   829  C  CA  . GLY A 1 104 ? 6.804   -1.406  -8.875  1.00 16.02 ? 82  GLY A CA  1 
ATOM   830  C  C   . GLY A 1 104 ? 6.086   -0.090  -9.145  1.00 15.94 ? 82  GLY A C   1 
ATOM   831  O  O   . GLY A 1 104 ? 5.882   0.692   -8.223  1.00 15.46 ? 82  GLY A O   1 
ATOM   832  N  N   . GLU A 1 105 ? 5.705   0.139   -10.407 1.00 15.58 ? 83  GLU A N   1 
ATOM   833  C  CA  . GLU A 1 105 ? 4.937   1.322   -10.785 1.00 15.03 ? 83  GLU A CA  1 
ATOM   834  C  C   . GLU A 1 105 ? 3.548   0.900   -11.224 1.00 15.15 ? 83  GLU A C   1 
ATOM   835  O  O   . GLU A 1 105 ? 3.349   -0.163  -11.835 1.00 16.54 ? 83  GLU A O   1 
ATOM   836  C  CB  . GLU A 1 105 ? 5.611   2.068   -11.945 1.00 15.60 ? 83  GLU A CB  1 
ATOM   837  C  CG  . GLU A 1 105 ? 6.969   2.667   -11.582 1.00 14.90 ? 83  GLU A CG  1 
ATOM   838  C  CD  . GLU A 1 105 ? 7.329   3.854   -12.464 1.00 16.40 ? 83  GLU A CD  1 
ATOM   839  O  OE1 . GLU A 1 105 ? 6.444   4.656   -12.784 1.00 16.85 ? 83  GLU A OE1 1 
ATOM   840  O  OE2 . GLU A 1 105 ? 8.514   3.995   -12.778 1.00 16.01 ? 83  GLU A OE2 1 
ATOM   841  N  N   . PHE A 1 106 ? 2.570   1.712   -10.861 1.00 14.99 ? 84  PHE A N   1 
ATOM   842  C  CA  . PHE A 1 106 ? 1.168   1.466   -11.213 1.00 15.53 ? 84  PHE A CA  1 
ATOM   843  C  C   . PHE A 1 106 ? 0.369   2.748   -11.037 1.00 15.51 ? 84  PHE A C   1 
ATOM   844  O  O   . PHE A 1 106 ? 0.863   3.742   -10.490 1.00 16.79 ? 84  PHE A O   1 
ATOM   845  C  CB  . PHE A 1 106 ? 0.545   0.339   -10.367 1.00 15.96 ? 84  PHE A CB  1 
ATOM   846  C  CG  . PHE A 1 106 ? 0.704   0.564   -8.878  1.00 14.70 ? 84  PHE A CG  1 
ATOM   847  C  CD1 . PHE A 1 106 ? -0.315  1.121   -8.130  1.00 14.51 ? 84  PHE A CD1 1 
ATOM   848  C  CD2 . PHE A 1 106 ? 1.894   0.201   -8.239  1.00 15.35 ? 84  PHE A CD2 1 
ATOM   849  C  CE1 . PHE A 1 106 ? -0.139  1.338   -6.764  1.00 13.60 ? 84  PHE A CE1 1 
ATOM   850  C  CE2 . PHE A 1 106 ? 2.093   0.427   -6.893  1.00 14.97 ? 84  PHE A CE2 1 
ATOM   851  C  CZ  . PHE A 1 106 ? 1.067   0.980   -6.144  1.00 13.80 ? 84  PHE A CZ  1 
ATOM   852  N  N   . HIS A 1 107 ? -0.876  2.726   -11.530 1.00 16.13 ? 85  HIS A N   1 
ATOM   853  C  CA  . HIS A 1 107 ? -1.734  3.869   -11.528 1.00 16.08 ? 85  HIS A CA  1 
ATOM   854  C  C   . HIS A 1 107 ? -3.008  3.489   -10.761 1.00 16.43 ? 85  HIS A C   1 
ATOM   855  O  O   . HIS A 1 107 ? -3.448  2.326   -10.816 1.00 17.21 ? 85  HIS A O   1 
ATOM   856  C  CB  . HIS A 1 107 ? -2.044  4.282   -12.974 1.00 16.71 ? 85  HIS A CB  1 
ATOM   857  C  CG  . HIS A 1 107 ? -3.081  5.356   -13.085 1.00 14.98 ? 85  HIS A CG  1 
ATOM   858  N  ND1 . HIS A 1 107 ? -2.760  6.701   -13.071 1.00 17.29 ? 85  HIS A ND1 1 
ATOM   859  C  CD2 . HIS A 1 107 ? -4.430  5.287   -13.183 1.00 18.20 ? 85  HIS A CD2 1 
ATOM   860  C  CE1 . HIS A 1 107 ? -3.872  7.413   -13.162 1.00 18.03 ? 85  HIS A CE1 1 
ATOM   861  N  NE2 . HIS A 1 107 ? -4.898  6.579   -13.216 1.00 19.23 ? 85  HIS A NE2 1 
ATOM   862  N  N   . GLY A 1 108 ? -3.558  4.434   -10.004 1.00 16.24 ? 86  GLY A N   1 
ATOM   863  C  CA  . GLY A 1 108 ? -4.839  4.205   -9.346  1.00 16.88 ? 86  GLY A CA  1 
ATOM   864  C  C   . GLY A 1 108 ? -5.888  5.194   -9.800  1.00 17.35 ? 86  GLY A C   1 
ATOM   865  O  O   . GLY A 1 108 ? -5.619  6.382   -9.985  1.00 17.95 ? 86  GLY A O   1 
ATOM   866  N  N   . ASP A 1 109 ? -7.106  4.678   -9.994  1.00 16.83 ? 87  ASP A N   1 
ATOM   867  C  CA  . ASP A 1 109 ? -8.281  5.507   -10.273 1.00 18.78 ? 87  ASP A CA  1 
ATOM   868  C  C   . ASP A 1 109 ? -9.298  5.235   -9.191  1.00 19.41 ? 87  ASP A C   1 
ATOM   869  O  O   . ASP A 1 109 ? -9.630  4.087   -8.931  1.00 20.16 ? 87  ASP A O   1 
ATOM   870  C  CB  . ASP A 1 109 ? -8.882  5.190   -11.648 1.00 18.18 ? 87  ASP A CB  1 
ATOM   871  C  CG  . ASP A 1 109 ? -7.915  5.459   -12.741 1.00 18.59 ? 87  ASP A CG  1 
ATOM   872  O  OD1 . ASP A 1 109 ? -7.537  6.644   -12.888 1.00 18.68 ? 87  ASP A OD1 1 
ATOM   873  O  OD2 . ASP A 1 109 ? -7.507  4.506   -13.427 1.00 19.32 ? 87  ASP A OD2 1 
ATOM   874  N  N   . GLY A 1 110 ? -9.778  6.288   -8.560  1.00 20.21 ? 88  GLY A N   1 
ATOM   875  C  CA  . GLY A 1 110 ? -10.796 6.112   -7.541  1.00 21.70 ? 88  GLY A CA  1 
ATOM   876  C  C   . GLY A 1 110 ? -11.582 7.365   -7.285  1.00 22.18 ? 88  GLY A C   1 
ATOM   877  O  O   . GLY A 1 110 ? -11.432 8.379   -7.980  1.00 23.09 ? 88  GLY A O   1 
ATOM   878  N  N   . VAL A 1 111 ? -12.430 7.282   -6.277  1.00 23.10 ? 89  VAL A N   1 
ATOM   879  C  CA  . VAL A 1 111 ? -13.247 8.402   -5.869  1.00 24.54 ? 89  VAL A CA  1 
ATOM   880  C  C   . VAL A 1 111 ? -13.078 8.548   -4.375  1.00 24.76 ? 89  VAL A C   1 
ATOM   881  O  O   . VAL A 1 111 ? -13.261 7.576   -3.635  1.00 25.18 ? 89  VAL A O   1 
ATOM   882  C  CB  . VAL A 1 111 ? -14.728 8.140   -6.179  1.00 24.52 ? 89  VAL A CB  1 
ATOM   883  C  CG1 . VAL A 1 111 ? -15.611 9.228   -5.557  1.00 27.10 ? 89  VAL A CG1 1 
ATOM   884  C  CG2 . VAL A 1 111 ? -14.922 8.057   -7.668  1.00 25.74 ? 89  VAL A CG2 1 
ATOM   885  N  N   . ALA A 1 112 ? -12.689 9.744   -3.942  1.00 25.46 ? 90  ALA A N   1 
ATOM   886  C  CA  . ALA A 1 112 ? -12.627 10.065  -2.523  1.00 26.61 ? 90  ALA A CA  1 
ATOM   887  C  C   . ALA A 1 112 ? -14.061 10.305  -2.081  1.00 27.63 ? 90  ALA A C   1 
ATOM   888  O  O   . ALA A 1 112 ? -14.697 11.240  -2.553  1.00 27.91 ? 90  ALA A O   1 
ATOM   889  C  CB  . ALA A 1 112 ? -11.773 11.305  -2.293  1.00 26.51 ? 90  ALA A CB  1 
ATOM   890  N  N   . THR A 1 113 ? -14.567 9.440   -1.203  1.00 29.01 ? 91  THR A N   1 
ATOM   891  C  CA  . THR A 1 113 ? -15.983 9.441   -0.788  1.00 30.42 ? 91  THR A CA  1 
ATOM   892  C  C   . THR A 1 113 ? -16.493 10.768  -0.206  1.00 31.21 ? 91  THR A C   1 
ATOM   893  O  O   . THR A 1 113 ? -17.556 11.255  -0.600  1.00 32.09 ? 91  THR A O   1 
ATOM   894  C  CB  . THR A 1 113 ? -16.240 8.325   0.242   1.00 30.56 ? 91  THR A CB  1 
ATOM   895  O  OG1 . THR A 1 113 ? -15.714 7.093   -0.250  1.00 30.75 ? 91  THR A OG1 1 
ATOM   896  C  CG2 . THR A 1 113 ? -17.731 8.154   0.519   1.00 31.23 ? 91  THR A CG2 1 
ATOM   897  N  N   . VAL A 1 114 ? -15.741 11.353  0.723   1.00 32.05 ? 92  VAL A N   1 
ATOM   898  C  CA  . VAL A 1 114 ? -16.213 12.543  1.446   1.00 32.76 ? 92  VAL A CA  1 
ATOM   899  C  C   . VAL A 1 114 ? -16.303 13.787  0.548   1.00 32.88 ? 92  VAL A C   1 
ATOM   900  O  O   . VAL A 1 114 ? -17.280 14.544  0.617   1.00 33.50 ? 92  VAL A O   1 
ATOM   901  C  CB  . VAL A 1 114 ? -15.365 12.810  2.720   1.00 33.19 ? 92  VAL A CB  1 
ATOM   902  C  CG1 . VAL A 1 114 ? -15.711 14.159  3.354   1.00 33.41 ? 92  VAL A CG1 1 
ATOM   903  C  CG2 . VAL A 1 114 ? -15.557 11.669  3.729   1.00 33.24 ? 92  VAL A CG2 1 
ATOM   904  N  N   . SER A 1 115 ? -15.299 13.995  -0.298  1.00 32.62 ? 93  SER A N   1 
ATOM   905  C  CA  . SER A 1 115 ? -15.307 15.149  -1.211  1.00 32.13 ? 93  SER A CA  1 
ATOM   906  C  C   . SER A 1 115 ? -15.995 14.872  -2.555  1.00 31.50 ? 93  SER A C   1 
ATOM   907  O  O   . SER A 1 115 ? -16.374 15.810  -3.263  1.00 31.53 ? 93  SER A O   1 
ATOM   908  C  CB  . SER A 1 115 ? -13.884 15.649  -1.456  1.00 32.60 ? 93  SER A CB  1 
ATOM   909  O  OG  . SER A 1 115 ? -13.179 14.738  -2.287  1.00 31.85 ? 93  SER A OG  1 
ATOM   910  N  N   . GLY A 1 116 ? -16.138 13.593  -2.908  1.00 30.70 ? 94  GLY A N   1 
ATOM   911  C  CA  . GLY A 1 116 ? -16.603 13.195  -4.241  1.00 29.36 ? 94  GLY A CA  1 
ATOM   912  C  C   . GLY A 1 116 ? -15.528 13.367  -5.308  1.00 28.90 ? 94  GLY A C   1 
ATOM   913  O  O   . GLY A 1 116 ? -15.725 13.002  -6.475  1.00 28.74 ? 94  GLY A O   1 
ATOM   914  N  N   . GLY A 1 117 ? -14.377 13.906  -4.904  1.00 27.79 ? 95  GLY A N   1 
ATOM   915  C  CA  . GLY A 1 117 ? -13.274 14.183  -5.826  1.00 26.99 ? 95  GLY A CA  1 
ATOM   916  C  C   . GLY A 1 117 ? -12.753 12.906  -6.468  1.00 26.08 ? 95  GLY A C   1 
ATOM   917  O  O   . GLY A 1 117 ? -12.694 11.853  -5.832  1.00 25.69 ? 95  GLY A O   1 
ATOM   918  N  N   . LYS A 1 118 ? -12.402 12.999  -7.742  1.00 25.51 ? 96  LYS A N   1 
ATOM   919  C  CA  . LYS A 1 118 ? -11.792 11.876  -8.424  1.00 24.53 ? 96  LYS A CA  1 
ATOM   920  C  C   . LYS A 1 118 ? -10.322 11.832  -8.067  1.00 23.53 ? 96  LYS A C   1 
ATOM   921  O  O   . LYS A 1 118 ? -9.650  12.871  -8.004  1.00 23.80 ? 96  LYS A O   1 
ATOM   922  C  CB  . LYS A 1 118 ? -11.984 11.983  -9.932  1.00 24.69 ? 96  LYS A CB  1 
ATOM   923  C  CG  . LYS A 1 118 ? -13.428 11.721  -10.390 1.00 26.29 ? 96  LYS A CG  1 
ATOM   924  C  CD  . LYS A 1 118 ? -13.439 11.496  -11.897 1.00 27.74 ? 96  LYS A CD  1 
ATOM   925  C  CE  . LYS A 1 118 ? -14.830 11.632  -12.478 1.00 28.92 ? 96  LYS A CE  1 
ATOM   926  N  NZ  . LYS A 1 118 ? -14.857 11.439  -13.975 1.00 28.29 ? 96  LYS A NZ  1 
ATOM   927  N  N   . LEU A 1 119 ? -9.831  10.625  -7.809  1.00 21.25 ? 97  LEU A N   1 
ATOM   928  C  CA  . LEU A 1 119 ? -8.401  10.407  -7.601  1.00 20.75 ? 97  LEU A CA  1 
ATOM   929  C  C   . LEU A 1 119 ? -7.837  9.730   -8.834  1.00 19.42 ? 97  LEU A C   1 
ATOM   930  O  O   . LEU A 1 119 ? -8.350  8.700   -9.271  1.00 19.65 ? 97  LEU A O   1 
ATOM   931  C  CB  . LEU A 1 119 ? -8.177  9.502   -6.375  1.00 21.05 ? 97  LEU A CB  1 
ATOM   932  C  CG  . LEU A 1 119 ? -6.715  9.106   -6.115  1.00 21.26 ? 97  LEU A CG  1 
ATOM   933  C  CD1 . LEU A 1 119 ? -5.878  10.321  -5.748  1.00 22.12 ? 97  LEU A CD1 1 
ATOM   934  C  CD2 . LEU A 1 119 ? -6.644  8.060   -4.999  1.00 20.71 ? 97  LEU A CD2 1 
ATOM   935  N  N   . ALA A 1 120 ? -6.792  10.327  -9.401  1.00 19.14 ? 98  ALA A N   1 
ATOM   936  C  CA  . ALA A 1 120 ? -6.030  9.699   -10.454 1.00 18.80 ? 98  ALA A CA  1 
ATOM   937  C  C   . ALA A 1 120 ? -4.581  9.839   -9.991  1.00 18.64 ? 98  ALA A C   1 
ATOM   938  O  O   . ALA A 1 120 ? -4.008  10.943  -9.979  1.00 19.47 ? 98  ALA A O   1 
ATOM   939  C  CB  . ALA A 1 120 ? -6.234  10.408  -11.766 1.00 19.18 ? 98  ALA A CB  1 
ATOM   940  N  N   . GLN A 1 121 ? -4.018  8.712   -9.584  1.00 17.63 ? 99  GLN A N   1 
ATOM   941  C  CA  . GLN A 1 121 ? -2.726  8.725   -8.882  1.00 17.39 ? 99  GLN A CA  1 
ATOM   942  C  C   . GLN A 1 121 ? -1.714  7.809   -9.545  1.00 16.86 ? 99  GLN A C   1 
ATOM   943  O  O   . GLN A 1 121 ? -2.059  6.784   -10.157 1.00 16.87 ? 99  GLN A O   1 
ATOM   944  C  CB  . GLN A 1 121 ? -2.957  8.321   -7.427  1.00 17.61 ? 99  GLN A CB  1 
ATOM   945  C  CG  . GLN A 1 121 ? -1.731  8.462   -6.501  1.00 17.39 ? 99  GLN A CG  1 
ATOM   946  C  CD  . GLN A 1 121 ? -1.208  9.885   -6.462  1.00 17.37 ? 99  GLN A CD  1 
ATOM   947  O  OE1 . GLN A 1 121 ? -1.525  10.671  -5.546  1.00 21.52 ? 99  GLN A OE1 1 
ATOM   948  N  NE2 . GLN A 1 121 ? -0.374  10.226  -7.436  1.00 14.85 ? 99  GLN A NE2 1 
ATOM   949  N  N   . ASP A 1 122 ? -0.443  8.176   -9.433  1.00 15.95 ? 100 ASP A N   1 
ATOM   950  C  CA  . ASP A 1 122 ? 0.645   7.447   -10.069 1.00 16.76 ? 100 ASP A CA  1 
ATOM   951  C  C   . ASP A 1 122 ? 1.681   7.131   -9.027  1.00 15.93 ? 100 ASP A C   1 
ATOM   952  O  O   . ASP A 1 122 ? 2.174   8.027   -8.341  1.00 16.05 ? 100 ASP A O   1 
ATOM   953  C  CB  . ASP A 1 122 ? 1.246   8.307   -11.178 1.00 17.10 ? 100 ASP A CB  1 
ATOM   954  C  CG  . ASP A 1 122 ? 0.251   8.555   -12.285 1.00 20.06 ? 100 ASP A CG  1 
ATOM   955  O  OD1 . ASP A 1 122 ? -0.202  9.711   -12.442 1.00 21.84 ? 100 ASP A OD1 1 
ATOM   956  O  OD2 . ASP A 1 122 ? -0.134  7.568   -12.937 1.00 21.37 ? 100 ASP A OD2 1 
ATOM   957  N  N   . TYR A 1 123 ? 1.961   5.834   -8.895  1.00 14.92 ? 101 TYR A N   1 
ATOM   958  C  CA  . TYR A 1 123 ? 2.736   5.326   -7.763  1.00 14.29 ? 101 TYR A CA  1 
ATOM   959  C  C   . TYR A 1 123 ? 4.043   4.700   -8.183  1.00 14.15 ? 101 TYR A C   1 
ATOM   960  O  O   . TYR A 1 123 ? 4.122   4.086   -9.239  1.00 15.33 ? 101 TYR A O   1 
ATOM   961  C  CB  . TYR A 1 123 ? 1.929   4.209   -7.101  1.00 14.64 ? 101 TYR A CB  1 
ATOM   962  C  CG  . TYR A 1 123 ? 0.569   4.625   -6.580  1.00 13.76 ? 101 TYR A CG  1 
ATOM   963  C  CD1 . TYR A 1 123 ? 0.412   5.048   -5.263  1.00 15.46 ? 101 TYR A CD1 1 
ATOM   964  C  CD2 . TYR A 1 123 ? -0.546  4.582   -7.402  1.00 15.08 ? 101 TYR A CD2 1 
ATOM   965  C  CE1 . TYR A 1 123 ? -0.840  5.414   -4.772  1.00 15.72 ? 101 TYR A CE1 1 
ATOM   966  C  CE2 . TYR A 1 123 ? -1.793  4.928   -6.927  1.00 15.08 ? 101 TYR A CE2 1 
ATOM   967  C  CZ  . TYR A 1 123 ? -1.941  5.320   -5.616  1.00 16.40 ? 101 TYR A CZ  1 
ATOM   968  O  OH  . TYR A 1 123 ? -3.220  5.667   -5.206  1.00 18.65 ? 101 TYR A OH  1 
ATOM   969  N  N   . ILE A 1 124 ? 5.053   4.819   -7.323  1.00 14.17 ? 102 ILE A N   1 
ATOM   970  C  CA  . ILE A 1 124 ? 6.187   3.903   -7.350  1.00 14.71 ? 102 ILE A CA  1 
ATOM   971  C  C   . ILE A 1 124 ? 6.359   3.427   -5.916  1.00 14.77 ? 102 ILE A C   1 
ATOM   972  O  O   . ILE A 1 124 ? 6.625   4.222   -5.006  1.00 14.33 ? 102 ILE A O   1 
ATOM   973  C  CB  . ILE A 1 124 ? 7.478   4.494   -7.996  1.00 14.66 ? 102 ILE A CB  1 
ATOM   974  C  CG1 . ILE A 1 124 ? 8.614   3.463   -7.964  1.00 14.45 ? 102 ILE A CG1 1 
ATOM   975  C  CG2 . ILE A 1 124 ? 7.893   5.791   -7.341  1.00 14.48 ? 102 ILE A CG2 1 
ATOM   976  C  CD1 . ILE A 1 124 ? 9.828   3.871   -8.845  1.00 15.54 ? 102 ILE A CD1 1 
ATOM   977  N  N   . SER A 1 125 ? 6.126   2.135   -5.718  1.00 14.46 ? 103 SER A N   1 
ATOM   978  C  CA  . SER A 1 125 ? 6.235   1.525   -4.387  1.00 15.30 ? 103 SER A CA  1 
ATOM   979  C  C   . SER A 1 125 ? 7.507   0.746   -4.246  1.00 15.74 ? 103 SER A C   1 
ATOM   980  O  O   . SER A 1 125 ? 7.859   -0.060  -5.123  1.00 16.45 ? 103 SER A O   1 
ATOM   981  C  CB  . SER A 1 125 ? 5.086   0.538   -4.128  1.00 15.39 ? 103 SER A CB  1 
ATOM   982  O  OG  . SER A 1 125 ? 3.826   1.164   -4.279  1.00 17.35 ? 103 SER A OG  1 
ATOM   983  N  N   . VAL A 1 126 ? 8.187   0.953   -3.118  1.00 15.48 ? 104 VAL A N   1 
ATOM   984  C  CA  . VAL A 1 126 ? 9.366   0.153   -2.736  1.00 15.39 ? 104 VAL A CA  1 
ATOM   985  C  C   . VAL A 1 126 ? 8.938   -0.692  -1.538  1.00 16.57 ? 104 VAL A C   1 
ATOM   986  O  O   . VAL A 1 126 ? 8.576   -0.117  -0.497  1.00 16.76 ? 104 VAL A O   1 
ATOM   987  C  CB  . VAL A 1 126 ? 10.536  1.070   -2.339  1.00 15.86 ? 104 VAL A CB  1 
ATOM   988  C  CG1 . VAL A 1 126 ? 11.703  0.232   -1.827  1.00 17.59 ? 104 VAL A CG1 1 
ATOM   989  C  CG2 . VAL A 1 126 ? 10.945  1.956   -3.520  1.00 16.95 ? 104 VAL A CG2 1 
ATOM   990  N  N   . LEU A 1 127 ? 8.924   -2.021  -1.691  1.00 16.13 ? 105 LEU A N   1 
ATOM   991  C  CA  . LEU A 1 127 ? 8.607   -2.894  -0.557  1.00 17.41 ? 105 LEU A CA  1 
ATOM   992  C  C   . LEU A 1 127 ? 9.789   -3.750  -0.181  1.00 17.60 ? 105 LEU A C   1 
ATOM   993  O  O   . LEU A 1 127 ? 10.389  -4.399  -1.057  1.00 17.52 ? 105 LEU A O   1 
ATOM   994  C  CB  . LEU A 1 127 ? 7.434   -3.843  -0.864  1.00 17.59 ? 105 LEU A CB  1 
ATOM   995  C  CG  . LEU A 1 127 ? 6.025   -3.350  -0.519  1.00 20.94 ? 105 LEU A CG  1 
ATOM   996  C  CD1 . LEU A 1 127 ? 5.673   -2.251  -1.515  1.00 22.77 ? 105 LEU A CD1 1 
ATOM   997  C  CD2 . LEU A 1 127 ? 4.987   -4.480  -0.601  1.00 19.60 ? 105 LEU A CD2 1 
ATOM   998  N  N   A ARG A 1 128 ? 10.146  -3.734  1.103   0.60 17.58 ? 106 ARG A N   1 
ATOM   999  N  N   B ARG A 1 128 ? 10.117  -3.757  1.108   0.40 17.34 ? 106 ARG A N   1 
ATOM   1000 C  CA  A ARG A 1 128 ? 11.111  -4.694  1.649   0.60 18.29 ? 106 ARG A CA  1 
ATOM   1001 C  CA  B ARG A 1 128 ? 11.110  -4.674  1.660   0.40 17.45 ? 106 ARG A CA  1 
ATOM   1002 C  C   A ARG A 1 128 ? 10.342  -5.666  2.514   0.60 18.38 ? 106 ARG A C   1 
ATOM   1003 C  C   B ARG A 1 128 ? 10.378  -5.660  2.552   0.40 18.00 ? 106 ARG A C   1 
ATOM   1004 O  O   A ARG A 1 128 ? 9.530   -5.260  3.329   0.60 18.38 ? 106 ARG A O   1 
ATOM   1005 O  O   B ARG A 1 128 ? 9.618   -5.254  3.425   0.40 18.02 ? 106 ARG A O   1 
ATOM   1006 C  CB  A ARG A 1 128 ? 12.194  -4.002  2.481   0.60 18.57 ? 106 ARG A CB  1 
ATOM   1007 C  CB  B ARG A 1 128 ? 12.158  -3.915  2.473   0.40 17.84 ? 106 ARG A CB  1 
ATOM   1008 C  CG  A ARG A 1 128 ? 13.259  -3.275  1.648   0.60 20.09 ? 106 ARG A CG  1 
ATOM   1009 C  CG  B ARG A 1 128 ? 13.004  -2.926  1.658   0.40 18.31 ? 106 ARG A CG  1 
ATOM   1010 C  CD  A ARG A 1 128 ? 14.502  -2.939  2.463   0.60 21.11 ? 106 ARG A CD  1 
ATOM   1011 C  CD  B ARG A 1 128 ? 14.283  -2.586  2.402   0.40 19.78 ? 106 ARG A CD  1 
ATOM   1012 N  NE  A ARG A 1 128 ? 15.593  -2.388  1.649   0.60 27.65 ? 106 ARG A NE  1 
ATOM   1013 N  NE  B ARG A 1 128 ? 15.268  -1.859  1.595   0.40 19.09 ? 106 ARG A NE  1 
ATOM   1014 C  CZ  A ARG A 1 128 ? 16.012  -1.120  1.669   0.60 28.77 ? 106 ARG A CZ  1 
ATOM   1015 C  CZ  B ARG A 1 128 ? 16.163  -2.438  0.788   0.40 17.29 ? 106 ARG A CZ  1 
ATOM   1016 N  NH1 A ARG A 1 128 ? 15.440  -0.208  2.452   0.60 30.48 ? 106 ARG A NH1 1 
ATOM   1017 N  NH1 B ARG A 1 128 ? 17.025  -1.690  0.111   0.40 19.31 ? 106 ARG A NH1 1 
ATOM   1018 N  NH2 A ARG A 1 128 ? 17.017  -0.752  0.884   0.60 30.37 ? 106 ARG A NH2 1 
ATOM   1019 N  NH2 B ARG A 1 128 ? 16.192  -3.753  0.635   0.40 15.37 ? 106 ARG A NH2 1 
ATOM   1020 N  N   . THR A 1 129 ? 10.600  -6.950  2.331   1.00 18.33 ? 107 THR A N   1 
ATOM   1021 C  CA  . THR A 1 129 ? 9.820   -7.982  3.027   1.00 18.68 ? 107 THR A CA  1 
ATOM   1022 C  C   . THR A 1 129 ? 10.780  -8.990  3.629   1.00 19.53 ? 107 THR A C   1 
ATOM   1023 O  O   . THR A 1 129 ? 11.968  -8.979  3.308   1.00 19.98 ? 107 THR A O   1 
ATOM   1024 C  CB  . THR A 1 129 ? 8.809   -8.668  2.079   1.00 19.31 ? 107 THR A CB  1 
ATOM   1025 O  OG1 . THR A 1 129 ? 9.526   -9.410  1.081   1.00 18.43 ? 107 THR A OG1 1 
ATOM   1026 C  CG2 . THR A 1 129 ? 7.900   -7.596  1.393   1.00 18.98 ? 107 THR A CG2 1 
ATOM   1027 N  N   . ARG A 1 130 ? 10.271  -9.820  4.529   1.00 19.84 ? 108 ARG A N   1 
ATOM   1028 C  CA  . ARG A 1 130 ? 11.057  -10.934 5.080   1.00 20.77 ? 108 ARG A CA  1 
ATOM   1029 C  C   . ARG A 1 130 ? 10.085  -12.002 5.508   1.00 20.78 ? 108 ARG A C   1 
ATOM   1030 O  O   . ARG A 1 130 ? 9.111   -11.715 6.210   1.00 20.33 ? 108 ARG A O   1 
ATOM   1031 C  CB  . ARG A 1 130 ? 11.908  -10.495 6.266   1.00 22.07 ? 108 ARG A CB  1 
ATOM   1032 C  CG  . ARG A 1 130 ? 12.862  -11.591 6.777   1.00 25.06 ? 108 ARG A CG  1 
ATOM   1033 C  CD  . ARG A 1 130 ? 13.661  -11.083 7.961   1.00 30.68 ? 108 ARG A CD  1 
ATOM   1034 N  NE  . ARG A 1 130 ? 12.789  -10.780 9.095   1.00 35.58 ? 108 ARG A NE  1 
ATOM   1035 C  CZ  . ARG A 1 130 ? 12.924  -9.721  9.888   1.00 37.25 ? 108 ARG A CZ  1 
ATOM   1036 N  NH1 . ARG A 1 130 ? 13.890  -8.833  9.678   1.00 38.22 ? 108 ARG A NH1 1 
ATOM   1037 N  NH2 . ARG A 1 130 ? 12.080  -9.543  10.895  1.00 38.80 ? 108 ARG A NH2 1 
ATOM   1038 N  N   . ASP A 1 131 ? 10.336  -13.226 5.059   1.00 21.13 ? 109 ASP A N   1 
ATOM   1039 C  CA  . ASP A 1 131 ? 9.462   -14.354 5.398   1.00 21.84 ? 109 ASP A CA  1 
ATOM   1040 C  C   . ASP A 1 131 ? 7.988   -14.054 5.099   1.00 20.64 ? 109 ASP A C   1 
ATOM   1041 O  O   . ASP A 1 131 ? 7.074   -14.459 5.836   1.00 21.11 ? 109 ASP A O   1 
ATOM   1042 C  CB  . ASP A 1 131 ? 9.660   -14.774 6.866   1.00 22.58 ? 109 ASP A CB  1 
ATOM   1043 C  CG  . ASP A 1 131 ? 11.090  -15.188 7.168   1.00 24.95 ? 109 ASP A CG  1 
ATOM   1044 O  OD1 . ASP A 1 131 ? 11.715  -15.840 6.307   1.00 27.78 ? 109 ASP A OD1 1 
ATOM   1045 O  OD2 . ASP A 1 131 ? 11.592  -14.866 8.266   1.00 29.08 ? 109 ASP A OD2 1 
ATOM   1046 N  N   . GLY A 1 132 ? 7.761   -13.348 3.992   1.00 19.81 ? 110 GLY A N   1 
ATOM   1047 C  CA  . GLY A 1 132 ? 6.406   -13.107 3.527   1.00 19.49 ? 110 GLY A CA  1 
ATOM   1048 C  C   . GLY A 1 132 ? 5.655   -11.998 4.236   1.00 18.64 ? 110 GLY A C   1 
ATOM   1049 O  O   . GLY A 1 132 ? 4.473   -11.835 4.004   1.00 18.99 ? 110 GLY A O   1 
ATOM   1050 N  N   . GLN A 1 133 ? 6.336   -11.225 5.087   1.00 18.56 ? 111 GLN A N   1 
ATOM   1051 C  CA  . GLN A 1 133 ? 5.704   -10.090 5.775   1.00 17.73 ? 111 GLN A CA  1 
ATOM   1052 C  C   . GLN A 1 133 ? 6.382   -8.782  5.358   1.00 17.15 ? 111 GLN A C   1 
ATOM   1053 O  O   . GLN A 1 133 ? 7.588   -8.771  5.076   1.00 18.13 ? 111 GLN A O   1 
ATOM   1054 C  CB  . GLN A 1 133 ? 5.828   -10.245 7.283   1.00 17.73 ? 111 GLN A CB  1 
ATOM   1055 C  CG  . GLN A 1 133 ? 5.264   -11.590 7.788   1.00 19.12 ? 111 GLN A CG  1 
ATOM   1056 C  CD  . GLN A 1 133 ? 5.238   -11.644 9.284   1.00 21.85 ? 111 GLN A CD  1 
ATOM   1057 O  OE1 . GLN A 1 133 ? 6.168   -12.156 9.923   1.00 26.82 ? 111 GLN A OE1 1 
ATOM   1058 N  NE2 . GLN A 1 133 ? 4.190   -11.100 9.861   1.00 18.81 ? 111 GLN A NE2 1 
ATOM   1059 N  N   . ILE A 1 134 ? 5.622   -7.686  5.356   1.00 16.34 ? 112 ILE A N   1 
ATOM   1060 C  CA  . ILE A 1 134 ? 6.179   -6.382  4.951   1.00 16.94 ? 112 ILE A CA  1 
ATOM   1061 C  C   . ILE A 1 134 ? 6.952   -5.754  6.104   1.00 16.95 ? 112 ILE A C   1 
ATOM   1062 O  O   . ILE A 1 134 ? 6.394   -5.560  7.195   1.00 17.09 ? 112 ILE A O   1 
ATOM   1063 C  CB  . ILE A 1 134 ? 5.080   -5.407  4.481   1.00 16.12 ? 112 ILE A CB  1 
ATOM   1064 C  CG1 . ILE A 1 134 ? 4.280   -6.017  3.317   1.00 16.97 ? 112 ILE A CG1 1 
ATOM   1065 C  CG2 . ILE A 1 134 ? 5.695   -4.038  4.098   1.00 17.78 ? 112 ILE A CG2 1 
ATOM   1066 C  CD1 . ILE A 1 134 ? 3.012   -5.218  2.963   1.00 17.68 ? 112 ILE A CD1 1 
ATOM   1067 N  N   . LEU A 1 135 ? 8.228   -5.459  5.867   1.00 17.30 ? 113 LEU A N   1 
ATOM   1068 C  CA  . LEU A 1 135 ? 9.047   -4.721  6.811   1.00 18.06 ? 113 LEU A CA  1 
ATOM   1069 C  C   . LEU A 1 135 ? 8.971   -3.218  6.519   1.00 18.11 ? 113 LEU A C   1 
ATOM   1070 O  O   . LEU A 1 135 ? 8.967   -2.411  7.447   1.00 18.57 ? 113 LEU A O   1 
ATOM   1071 C  CB  . LEU A 1 135 ? 10.522  -5.140  6.744   1.00 19.01 ? 113 LEU A CB  1 
ATOM   1072 C  CG  . LEU A 1 135 ? 10.845  -6.618  6.950   1.00 20.80 ? 113 LEU A CG  1 
ATOM   1073 C  CD1 . LEU A 1 135 ? 12.353  -6.838  6.924   1.00 22.85 ? 113 LEU A CD1 1 
ATOM   1074 C  CD2 . LEU A 1 135 ? 10.275  -7.108  8.263   1.00 23.08 ? 113 LEU A CD2 1 
ATOM   1075 N  N   . LEU A 1 136 ? 8.948   -2.847  5.233   1.00 16.87 ? 114 LEU A N   1 
ATOM   1076 C  CA  . LEU A 1 136 ? 8.902   -1.442  4.836   1.00 17.90 ? 114 LEU A CA  1 
ATOM   1077 C  C   . LEU A 1 136 ? 8.072   -1.338  3.582   1.00 17.95 ? 114 LEU A C   1 
ATOM   1078 O  O   . LEU A 1 136 ? 8.297   -2.097  2.631   1.00 18.01 ? 114 LEU A O   1 
ATOM   1079 C  CB  . LEU A 1 136 ? 10.301  -0.929  4.532   1.00 18.61 ? 114 LEU A CB  1 
ATOM   1080 C  CG  . LEU A 1 136 ? 10.311  0.513   4.031   1.00 19.63 ? 114 LEU A CG  1 
ATOM   1081 C  CD1 . LEU A 1 136 ? 9.866   1.480   5.111   1.00 20.68 ? 114 LEU A CD1 1 
ATOM   1082 C  CD2 . LEU A 1 136 ? 11.730  0.826   3.607   1.00 21.07 ? 114 LEU A CD2 1 
ATOM   1083 N  N   . TYR A 1 137 ? 7.062   -0.467  3.613   1.00 17.02 ? 115 TYR A N   1 
ATOM   1084 C  CA  . TYR A 1 137 ? 6.281   -0.126  2.410   1.00 16.52 ? 115 TYR A CA  1 
ATOM   1085 C  C   . TYR A 1 137 ? 6.533   1.375   2.241   1.00 16.29 ? 115 TYR A C   1 
ATOM   1086 O  O   . TYR A 1 137 ? 6.017   2.208   2.996   1.00 15.89 ? 115 TYR A O   1 
ATOM   1087 C  CB  . TYR A 1 137 ? 4.804   -0.412  2.656   1.00 17.02 ? 115 TYR A CB  1 
ATOM   1088 C  CG  . TYR A 1 137 ? 3.866   -0.349  1.451   1.00 15.96 ? 115 TYR A CG  1 
ATOM   1089 C  CD1 . TYR A 1 137 ? 2.924   -1.356  1.231   1.00 18.32 ? 115 TYR A CD1 1 
ATOM   1090 C  CD2 . TYR A 1 137 ? 3.878   0.729   0.569   1.00 16.97 ? 115 TYR A CD2 1 
ATOM   1091 C  CE1 . TYR A 1 137 ? 2.039   -1.303  0.168   1.00 18.57 ? 115 TYR A CE1 1 
ATOM   1092 C  CE2 . TYR A 1 137 ? 2.993   0.786   -0.518  1.00 17.99 ? 115 TYR A CE2 1 
ATOM   1093 C  CZ  . TYR A 1 137 ? 2.082   -0.239  -0.707  1.00 17.62 ? 115 TYR A CZ  1 
ATOM   1094 O  OH  . TYR A 1 137 ? 1.177   -0.223  -1.755  1.00 17.84 ? 115 TYR A OH  1 
ATOM   1095 N  N   . ARG A 1 138 ? 7.332   1.727   1.241   1.00 16.06 ? 116 ARG A N   1 
ATOM   1096 C  CA  . ARG A 1 138 ? 7.688   3.095   1.002   1.00 15.78 ? 116 ARG A CA  1 
ATOM   1097 C  C   . ARG A 1 138 ? 6.883   3.531   -0.223  1.00 14.69 ? 116 ARG A C   1 
ATOM   1098 O  O   . ARG A 1 138 ? 7.158   3.115   -1.360  1.00 15.06 ? 116 ARG A O   1 
ATOM   1099 C  CB  . ARG A 1 138 ? 9.207   3.170   0.811   1.00 17.06 ? 116 ARG A CB  1 
ATOM   1100 C  CG  . ARG A 1 138 ? 9.745   4.523   0.706   1.00 18.88 ? 116 ARG A CG  1 
ATOM   1101 C  CD  . ARG A 1 138 ? 11.295  4.441   0.960   1.00 18.97 ? 116 ARG A CD  1 
ATOM   1102 N  NE  . ARG A 1 138 ? 11.881  5.710   0.635   1.00 18.15 ? 116 ARG A NE  1 
ATOM   1103 C  CZ  . ARG A 1 138 ? 11.801  6.788   1.404   1.00 19.03 ? 116 ARG A CZ  1 
ATOM   1104 N  NH1 . ARG A 1 138 ? 11.209  6.725   2.609   1.00 19.88 ? 116 ARG A NH1 1 
ATOM   1105 N  NH2 . ARG A 1 138 ? 12.317  7.931   0.983   1.00 17.20 ? 116 ARG A NH2 1 
ATOM   1106 N  N   . ASP A 1 139 ? 5.831   4.308   0.044   1.00 14.04 ? 117 ASP A N   1 
ATOM   1107 C  CA  . ASP A 1 139 ? 4.710   4.490   -0.869  1.00 14.22 ? 117 ASP A CA  1 
ATOM   1108 C  C   . ASP A 1 139 ? 4.824   5.882   -1.495  1.00 14.49 ? 117 ASP A C   1 
ATOM   1109 O  O   . ASP A 1 139 ? 4.314   6.857   -0.951  1.00 14.46 ? 117 ASP A O   1 
ATOM   1110 C  CB  . ASP A 1 139 ? 3.452   4.347   0.004   1.00 14.40 ? 117 ASP A CB  1 
ATOM   1111 C  CG  . ASP A 1 139 ? 2.143   4.482   -0.754  1.00 16.06 ? 117 ASP A CG  1 
ATOM   1112 O  OD1 . ASP A 1 139 ? 2.093   4.134   -1.947  1.00 17.33 ? 117 ASP A OD1 1 
ATOM   1113 O  OD2 . ASP A 1 139 ? 1.151   4.911   -0.088  1.00 17.35 ? 117 ASP A OD2 1 
ATOM   1114 N  N   . PHE A 1 140 ? 5.536   5.974   -2.629  1.00 14.31 ? 118 PHE A N   1 
ATOM   1115 C  CA  . PHE A 1 140 ? 5.673   7.259   -3.329  1.00 14.37 ? 118 PHE A CA  1 
ATOM   1116 C  C   . PHE A 1 140 ? 4.450   7.477   -4.187  1.00 14.62 ? 118 PHE A C   1 
ATOM   1117 O  O   . PHE A 1 140 ? 3.999   6.563   -4.903  1.00 15.18 ? 118 PHE A O   1 
ATOM   1118 C  CB  . PHE A 1 140 ? 6.854   7.228   -4.297  1.00 14.00 ? 118 PHE A CB  1 
ATOM   1119 C  CG  . PHE A 1 140 ? 8.219   7.236   -3.664  1.00 13.88 ? 118 PHE A CG  1 
ATOM   1120 C  CD1 . PHE A 1 140 ? 8.892   8.458   -3.482  1.00 15.08 ? 118 PHE A CD1 1 
ATOM   1121 C  CD2 . PHE A 1 140 ? 8.863   6.038   -3.345  1.00 15.34 ? 118 PHE A CD2 1 
ATOM   1122 C  CE1 . PHE A 1 140 ? 10.190  8.481   -2.935  1.00 14.67 ? 118 PHE A CE1 1 
ATOM   1123 C  CE2 . PHE A 1 140 ? 10.158  6.056   -2.824  1.00 15.23 ? 118 PHE A CE2 1 
ATOM   1124 C  CZ  . PHE A 1 140 ? 10.810  7.269   -2.612  1.00 14.26 ? 118 PHE A CZ  1 
ATOM   1125 N  N   . TRP A 1 141 ? 3.928   8.699   -4.135  1.00 15.01 ? 119 TRP A N   1 
ATOM   1126 C  CA  . TRP A 1 141 ? 2.817   9.141   -4.982  1.00 14.91 ? 119 TRP A CA  1 
ATOM   1127 C  C   . TRP A 1 141 ? 2.868   10.647  -5.096  1.00 14.34 ? 119 TRP A C   1 
ATOM   1128 O  O   . TRP A 1 141 ? 3.632   11.333  -4.384  1.00 14.83 ? 119 TRP A O   1 
ATOM   1129 C  CB  . TRP A 1 141 ? 1.442   8.631   -4.505  1.00 16.18 ? 119 TRP A CB  1 
ATOM   1130 C  CG  . TRP A 1 141 ? 1.232   8.545   -3.019  1.00 15.19 ? 119 TRP A CG  1 
ATOM   1131 C  CD1 . TRP A 1 141 ? 1.356   7.411   -2.243  1.00 15.44 ? 119 TRP A CD1 1 
ATOM   1132 C  CD2 . TRP A 1 141 ? 0.856   9.610   -2.119  1.00 14.58 ? 119 TRP A CD2 1 
ATOM   1133 N  NE1 . TRP A 1 141 ? 1.047   7.695   -0.930  1.00 16.06 ? 119 TRP A NE1 1 
ATOM   1134 C  CE2 . TRP A 1 141 ? 0.751   9.038   -0.824  1.00 15.29 ? 119 TRP A CE2 1 
ATOM   1135 C  CE3 . TRP A 1 141 ? 0.551   10.974  -2.283  1.00 15.91 ? 119 TRP A CE3 1 
ATOM   1136 C  CZ2 . TRP A 1 141 ? 0.365   9.801   0.302   1.00 16.13 ? 119 TRP A CZ2 1 
ATOM   1137 C  CZ3 . TRP A 1 141 ? 0.197   11.743  -1.155  1.00 16.47 ? 119 TRP A CZ3 1 
ATOM   1138 C  CH2 . TRP A 1 141 ? 0.091   11.136  0.118   1.00 15.42 ? 119 TRP A CH2 1 
ATOM   1139 N  N   . ASN A 1 142 ? 2.068   11.164  -6.033  1.00 14.84 ? 120 ASN A N   1 
ATOM   1140 C  CA  . ASN A 1 142 ? 2.101   12.578  -6.332  1.00 15.41 ? 120 ASN A CA  1 
ATOM   1141 C  C   . ASN A 1 142 ? 1.185   13.351  -5.376  1.00 15.62 ? 120 ASN A C   1 
ATOM   1142 O  O   . ASN A 1 142 ? -0.043  13.219  -5.461  1.00 16.61 ? 120 ASN A O   1 
ATOM   1143 C  CB  . ASN A 1 142 ? 1.661   12.779  -7.790  1.00 15.54 ? 120 ASN A CB  1 
ATOM   1144 C  CG  . ASN A 1 142 ? 1.709   14.221  -8.223  1.00 16.11 ? 120 ASN A CG  1 
ATOM   1145 O  OD1 . ASN A 1 142 ? 1.809   15.120  -7.420  1.00 16.38 ? 120 ASN A OD1 1 
ATOM   1146 N  ND2 . ASN A 1 142 ? 1.664   14.440  -9.535  1.00 17.61 ? 120 ASN A ND2 1 
ATOM   1147 N  N   . PRO A 1 143 ? 1.768   14.143  -4.460  1.00 16.61 ? 121 PRO A N   1 
ATOM   1148 C  CA  . PRO A 1 143 ? 0.928   14.821  -3.476  1.00 17.09 ? 121 PRO A CA  1 
ATOM   1149 C  C   . PRO A 1 143 ? -0.021  15.840  -4.129  1.00 18.41 ? 121 PRO A C   1 
ATOM   1150 O  O   . PRO A 1 143 ? -1.097  16.104  -3.574  1.00 18.55 ? 121 PRO A O   1 
ATOM   1151 C  CB  . PRO A 1 143 ? 1.955   15.480  -2.540  1.00 18.45 ? 121 PRO A CB  1 
ATOM   1152 C  CG  . PRO A 1 143 ? 3.198   15.634  -3.384  1.00 18.41 ? 121 PRO A CG  1 
ATOM   1153 C  CD  . PRO A 1 143 ? 3.203   14.419  -4.272  1.00 16.76 ? 121 PRO A CD  1 
ATOM   1154 N  N   . LEU A 1 144 ? 0.336   16.377  -5.302  1.00 17.73 ? 122 LEU A N   1 
ATOM   1155 C  CA  . LEU A 1 144 ? -0.596  17.294  -5.987  1.00 19.31 ? 122 LEU A CA  1 
ATOM   1156 C  C   . LEU A 1 144 ? -1.888  16.606  -6.417  1.00 19.86 ? 122 LEU A C   1 
ATOM   1157 O  O   . LEU A 1 144 ? -2.976  17.170  -6.275  1.00 20.65 ? 122 LEU A O   1 
ATOM   1158 C  CB  . LEU A 1 144 ? 0.061   17.962  -7.202  1.00 20.31 ? 122 LEU A CB  1 
ATOM   1159 C  CG  . LEU A 1 144 ? 1.114   19.012  -6.882  1.00 20.67 ? 122 LEU A CG  1 
ATOM   1160 C  CD1 . LEU A 1 144 ? 1.750   19.472  -8.189  1.00 23.18 ? 122 LEU A CD1 1 
ATOM   1161 C  CD2 . LEU A 1 144 ? 0.470   20.200  -6.201  1.00 24.67 ? 122 LEU A CD2 1 
ATOM   1162 N  N   . ARG A 1 145 ? -1.777  15.395  -6.949  1.00 19.50 ? 123 ARG A N   1 
ATOM   1163 C  CA  . ARG A 1 145 ? -2.956  14.635  -7.351  1.00 19.91 ? 123 ARG A CA  1 
ATOM   1164 C  C   . ARG A 1 145 ? -3.778  14.215  -6.157  1.00 20.45 ? 123 ARG A C   1 
ATOM   1165 O  O   . ARG A 1 145 ? -5.016  14.172  -6.220  1.00 20.42 ? 123 ARG A O   1 
ATOM   1166 C  CB  . ARG A 1 145 ? -2.576  13.428  -8.209  1.00 20.03 ? 123 ARG A CB  1 
ATOM   1167 C  CG  . ARG A 1 145 ? -2.130  13.808  -9.578  1.00 19.33 ? 123 ARG A CG  1 
ATOM   1168 C  CD  . ARG A 1 145 ? -3.341  14.397  -10.326 1.00 18.79 ? 123 ARG A CD  1 
ATOM   1169 N  NE  . ARG A 1 145 ? -3.009  14.599  -11.723 1.00 19.22 ? 123 ARG A NE  1 
ATOM   1170 C  CZ  . ARG A 1 145 ? -3.002  13.639  -12.639 1.00 20.13 ? 123 ARG A CZ  1 
ATOM   1171 N  NH1 . ARG A 1 145 ? -3.327  12.384  -12.320 1.00 20.39 ? 123 ARG A NH1 1 
ATOM   1172 N  NH2 . ARG A 1 145 ? -2.681  13.934  -13.887 1.00 21.53 ? 123 ARG A NH2 1 
ATOM   1173 N  N   . HIS A 1 146 ? -3.112  13.905  -5.048  1.00 20.15 ? 124 HIS A N   1 
ATOM   1174 C  CA  . HIS A 1 146 ? -3.867  13.538  -3.887  1.00 20.69 ? 124 HIS A CA  1 
ATOM   1175 C  C   . HIS A 1 146 ? -4.668  14.721  -3.370  1.00 20.69 ? 124 HIS A C   1 
ATOM   1176 O  O   . HIS A 1 146 ? -5.837  14.559  -3.043  1.00 21.87 ? 124 HIS A O   1 
ATOM   1177 C  CB  . HIS A 1 146 ? -2.997  12.945  -2.805  1.00 20.38 ? 124 HIS A CB  1 
ATOM   1178 C  CG  . HIS A 1 146 ? -3.783  12.110  -1.851  1.00 22.28 ? 124 HIS A CG  1 
ATOM   1179 N  ND1 . HIS A 1 146 ? -3.883  12.399  -0.508  1.00 26.17 ? 124 HIS A ND1 1 
ATOM   1180 C  CD2 . HIS A 1 146 ? -4.589  11.049  -2.073  1.00 23.66 ? 124 HIS A CD2 1 
ATOM   1181 C  CE1 . HIS A 1 146 ? -4.667  11.505  0.066   1.00 23.44 ? 124 HIS A CE1 1 
ATOM   1182 N  NE2 . HIS A 1 146 ? -5.111  10.676  -0.861  1.00 27.21 ? 124 HIS A NE2 1 
ATOM   1183 N  N   . LEU A 1 147 ? -4.050  15.896  -3.337  1.00 20.85 ? 125 LEU A N   1 
ATOM   1184 C  CA  . LEU A 1 147 ? -4.742  17.120  -2.925  1.00 22.44 ? 125 LEU A CA  1 
ATOM   1185 C  C   . LEU A 1 147 ? -5.905  17.449  -3.853  1.00 22.62 ? 125 LEU A C   1 
ATOM   1186 O  O   . LEU A 1 147 ? -6.937  17.929  -3.396  1.00 23.36 ? 125 LEU A O   1 
ATOM   1187 C  CB  . LEU A 1 147 ? -3.772  18.303  -2.818  1.00 22.07 ? 125 LEU A CB  1 
ATOM   1188 C  CG  . LEU A 1 147 ? -2.806  18.242  -1.617  1.00 23.35 ? 125 LEU A CG  1 
ATOM   1189 C  CD1 . LEU A 1 147 ? -1.658  19.240  -1.764  1.00 24.35 ? 125 LEU A CD1 1 
ATOM   1190 C  CD2 . LEU A 1 147 ? -3.569  18.474  -0.307  1.00 23.37 ? 125 LEU A CD2 1 
ATOM   1191 N  N   . GLU A 1 148 ? -5.749  17.176  -5.146  1.00 23.58 ? 126 GLU A N   1 
ATOM   1192 C  CA  . GLU A 1 148 ? -6.861  17.377  -6.103  1.00 24.60 ? 126 GLU A CA  1 
ATOM   1193 C  C   . GLU A 1 148 ? -8.076  16.520  -5.753  1.00 25.57 ? 126 GLU A C   1 
ATOM   1194 O  O   . GLU A 1 148 ? -9.201  17.017  -5.738  1.00 26.29 ? 126 GLU A O   1 
ATOM   1195 C  CB  . GLU A 1 148 ? -6.411  17.159  -7.557  1.00 24.54 ? 126 GLU A CB  1 
ATOM   1196 C  CG  . GLU A 1 148 ? -5.610  18.336  -8.153  1.00 24.93 ? 126 GLU A CG  1 
ATOM   1197 C  CD  . GLU A 1 148 ? -5.413  18.239  -9.687  1.00 25.92 ? 126 GLU A CD  1 
ATOM   1198 O  OE1 . GLU A 1 148 ? -5.746  17.190  -10.283 1.00 26.93 ? 126 GLU A OE1 1 
ATOM   1199 O  OE2 . GLU A 1 148 ? -4.915  19.221  -10.296 1.00 30.01 ? 126 GLU A OE2 1 
ATOM   1200 N  N   . ALA A 1 149 ? -7.854  15.239  -5.440  1.00 26.61 ? 127 ALA A N   1 
ATOM   1201 C  CA  . ALA A 1 149 ? -8.943  14.347  -5.010  1.00 27.47 ? 127 ALA A CA  1 
ATOM   1202 C  C   . ALA A 1 149 ? -9.600  14.836  -3.719  1.00 28.49 ? 127 ALA A C   1 
ATOM   1203 O  O   . ALA A 1 149 ? -10.827 14.848  -3.602  1.00 28.31 ? 127 ALA A O   1 
ATOM   1204 C  CB  . ALA A 1 149 ? -8.435  12.923  -4.819  1.00 27.23 ? 127 ALA A CB  1 
ATOM   1205 N  N   . LEU A 1 150 ? -8.777  15.234  -2.753  1.00 29.30 ? 128 LEU A N   1 
ATOM   1206 C  CA  . LEU A 1 150 ? -9.303  15.682  -1.457  1.00 30.67 ? 128 LEU A CA  1 
ATOM   1207 C  C   . LEU A 1 150 ? -10.122 16.966  -1.558  1.00 31.30 ? 128 LEU A C   1 
ATOM   1208 O  O   . LEU A 1 150 ? -11.024 17.200  -0.739  1.00 31.16 ? 128 LEU A O   1 
ATOM   1209 C  CB  . LEU A 1 150 ? -8.189  15.786  -0.418  1.00 30.87 ? 128 LEU A CB  1 
ATOM   1210 C  CG  . LEU A 1 150 ? -7.857  14.467  0.307   1.00 31.92 ? 128 LEU A CG  1 
ATOM   1211 C  CD1 . LEU A 1 150 ? -7.750  13.256  -0.627  1.00 34.92 ? 128 LEU A CD1 1 
ATOM   1212 C  CD2 . LEU A 1 150 ? -6.580  14.650  1.099   1.00 33.99 ? 128 LEU A CD2 1 
ATOM   1213 N  N   . GLY A 1 151 ? -9.825  17.780  -2.568  1.00 32.02 ? 129 GLY A N   1 
ATOM   1214 C  CA  . GLY A 1 151 ? -10.608 18.979  -2.837  1.00 33.49 ? 129 GLY A CA  1 
ATOM   1215 C  C   . GLY A 1 151 ? -11.590 18.783  -3.984  1.00 34.38 ? 129 GLY A C   1 
ATOM   1216 O  O   . GLY A 1 151 ? -12.253 17.741  -4.090  1.00 35.29 ? 129 GLY A O   1 
HETATM 1217 MG MG  . MG  B 2 .   ? 13.367  10.415  4.390   1.00 26.10 ? 302 MG  A MG  1 
HETATM 1218 C  C1  A PGE C 3 .   ? -2.482  8.571   -2.671  0.70 17.61 ? 301 PGE A C1  1 
HETATM 1219 C  C1  B PGE C 3 .   ? -2.490  8.084   -1.827  0.30 45.68 ? 301 PGE A C1  1 
HETATM 1220 O  O1  A PGE C 3 .   ? -3.280  9.282   -3.627  0.70 16.62 ? 301 PGE A O1  1 
HETATM 1221 O  O1  B PGE C 3 .   ? -2.306  9.206   -2.700  0.30 45.57 ? 301 PGE A O1  1 
HETATM 1222 C  C2  A PGE C 3 .   ? -3.295  7.569   -1.859  0.70 16.96 ? 301 PGE A C2  1 
HETATM 1223 C  C2  B PGE C 3 .   ? -3.731  7.307   -2.245  0.30 45.71 ? 301 PGE A C2  1 
HETATM 1224 O  O2  A PGE C 3 .   ? -3.557  6.416   -2.649  0.70 18.12 ? 301 PGE A O2  1 
HETATM 1225 O  O2  B PGE C 3 .   ? -3.363  5.953   -2.497  0.30 45.75 ? 301 PGE A O2  1 
HETATM 1226 C  C3  A PGE C 3 .   ? -4.492  5.512   -2.044  0.70 21.75 ? 301 PGE A C3  1 
HETATM 1227 C  C3  B PGE C 3 .   ? -4.405  5.038   -2.158  0.30 46.07 ? 301 PGE A C3  1 
HETATM 1228 C  C4  A PGE C 3 .   ? -3.885  4.170   -1.637  0.70 21.06 ? 301 PGE A C4  1 
HETATM 1229 C  C4  B PGE C 3 .   ? -3.838  3.933   -1.271  0.30 46.31 ? 301 PGE A C4  1 
HETATM 1230 O  O4  A PGE C 3 .   ? 0.381   2.137   -2.567  0.70 13.23 ? 301 PGE A O4  1 
HETATM 1231 O  O4  B PGE C 3 .   ? -1.298  1.781   0.030   0.30 45.70 ? 301 PGE A O4  1 
HETATM 1232 C  C6  A PGE C 3 .   ? -0.995  2.328   -2.927  0.70 13.91 ? 301 PGE A C6  1 
HETATM 1233 C  C6  B PGE C 3 .   ? -0.876  2.114   -1.296  0.30 46.05 ? 301 PGE A C6  1 
HETATM 1234 C  C5  A PGE C 3 .   ? -1.769  3.151   -1.906  0.70 18.54 ? 301 PGE A C5  1 
HETATM 1235 C  C5  B PGE C 3 .   ? -1.567  3.396   -1.730  0.30 46.06 ? 301 PGE A C5  1 
HETATM 1236 O  O3  A PGE C 3 .   ? -2.904  3.713   -2.575  0.70 18.35 ? 301 PGE A O3  1 
HETATM 1237 O  O3  B PGE C 3 .   ? -2.937  3.117   -2.021  0.30 46.37 ? 301 PGE A O3  1 
HETATM 1238 O  O   . HOH D 4 .   ? 4.485   9.625   -1.220  1.00 14.98 ? 303 HOH A O   1 
HETATM 1239 O  O   . HOH D 4 .   ? 3.667   3.823   -4.024  1.00 16.00 ? 304 HOH A O   1 
HETATM 1240 O  O   . HOH D 4 .   ? 13.484  -4.095  -15.077 1.00 20.62 ? 305 HOH A O   1 
HETATM 1241 O  O   . HOH D 4 .   ? -1.101  -1.835  -1.388  1.00 17.23 ? 306 HOH A O   1 
HETATM 1242 O  O   . HOH D 4 .   ? 4.014   5.370   -11.750 1.00 17.32 ? 307 HOH A O   1 
HETATM 1243 O  O   . HOH D 4 .   ? 10.372  -5.553  -8.232  1.00 18.73 ? 308 HOH A O   1 
HETATM 1244 O  O   . HOH D 4 .   ? -4.290  -10.482 4.610   1.00 23.09 ? 309 HOH A O   1 
HETATM 1245 O  O   . HOH D 4 .   ? 7.906   11.280  8.987   1.00 20.87 ? 310 HOH A O   1 
HETATM 1246 O  O   . HOH D 4 .   ? -2.478  10.208  -13.931 1.00 19.92 ? 311 HOH A O   1 
HETATM 1247 O  O   . HOH D 4 .   ? 9.911   -10.273 -5.564  1.00 23.12 ? 312 HOH A O   1 
HETATM 1248 O  O   . HOH D 4 .   ? 11.120  -8.048  -6.894  1.00 22.76 ? 313 HOH A O   1 
HETATM 1249 O  O   . HOH D 4 .   ? 5.576   17.335  0.799   1.00 23.81 ? 314 HOH A O   1 
HETATM 1250 O  O   . HOH D 4 .   ? -4.302  -0.623  16.759  1.00 26.46 ? 315 HOH A O   1 
HETATM 1251 O  O   . HOH D 4 .   ? 5.407   13.344  9.112   1.00 21.04 ? 316 HOH A O   1 
HETATM 1252 O  O   . HOH D 4 .   ? 2.063   -4.103  15.729  1.00 24.52 ? 317 HOH A O   1 
HETATM 1253 O  O   . HOH D 4 .   ? 1.195   12.080  -11.419 1.00 25.24 ? 318 HOH A O   1 
HETATM 1254 O  O   . HOH D 4 .   ? -6.507  13.150  -8.467  1.00 24.35 ? 319 HOH A O   1 
HETATM 1255 O  O   . HOH D 4 .   ? -7.623  -10.633 9.952   1.00 21.10 ? 320 HOH A O   1 
HETATM 1256 O  O   . HOH D 4 .   ? -10.558 -8.732  0.514   1.00 23.87 ? 321 HOH A O   1 
HETATM 1257 O  O   . HOH D 4 .   ? -4.566  -3.284  17.091  1.00 22.55 ? 322 HOH A O   1 
HETATM 1258 O  O   . HOH D 4 .   ? 2.033   -10.758 8.434   1.00 26.93 ? 323 HOH A O   1 
HETATM 1259 O  O   . HOH D 4 .   ? -11.536 0.290   -2.817  1.00 25.21 ? 324 HOH A O   1 
HETATM 1260 O  O   . HOH D 4 .   ? 8.972   -11.688 8.929   1.00 25.07 ? 325 HOH A O   1 
HETATM 1261 O  O   . HOH D 4 .   ? 7.576   6.777   13.038  1.00 43.11 ? 326 HOH A O   1 
HETATM 1262 O  O   . HOH D 4 .   ? 9.236   -12.143 1.690   1.00 26.35 ? 327 HOH A O   1 
HETATM 1263 O  O   . HOH D 4 .   ? 17.390  -5.117  -13.160 1.00 26.61 ? 328 HOH A O   1 
HETATM 1264 O  O   . HOH D 4 .   ? -3.666  -2.634  -16.172 1.00 30.50 ? 329 HOH A O   1 
HETATM 1265 O  O   . HOH D 4 .   ? -7.011  2.047   -12.518 1.00 27.09 ? 330 HOH A O   1 
HETATM 1266 O  O   . HOH D 4 .   ? 2.118   11.385  16.739  1.00 26.92 ? 331 HOH A O   1 
HETATM 1267 O  O   . HOH D 4 .   ? 6.133   -6.420  -14.332 1.00 30.10 ? 332 HOH A O   1 
HETATM 1268 O  O   . HOH D 4 .   ? 2.330   -10.430 4.216   1.00 26.17 ? 333 HOH A O   1 
HETATM 1269 O  O   . HOH D 4 .   ? 4.402   16.312  4.348   1.00 25.66 ? 334 HOH A O   1 
HETATM 1270 O  O   . HOH D 4 .   ? -6.342  -11.135 6.588   1.00 25.59 ? 335 HOH A O   1 
HETATM 1271 O  O   . HOH D 4 .   ? 4.681   16.233  7.092   1.00 23.46 ? 336 HOH A O   1 
HETATM 1272 O  O   . HOH D 4 .   ? 12.976  4.454   5.198   1.00 27.84 ? 337 HOH A O   1 
HETATM 1273 O  O   . HOH D 4 .   ? -0.945  -11.301 9.812   1.00 24.62 ? 338 HOH A O   1 
HETATM 1274 O  O   . HOH D 4 .   ? -13.498 13.864  -14.813 1.00 26.24 ? 339 HOH A O   1 
HETATM 1275 O  O   . HOH D 4 .   ? -11.154 -3.833  6.954   1.00 32.03 ? 340 HOH A O   1 
HETATM 1276 O  O   . HOH D 4 .   ? -12.332 0.802   -0.384  1.00 29.79 ? 341 HOH A O   1 
HETATM 1277 O  O   . HOH D 4 .   ? -3.128  19.974  -6.127  1.00 32.12 ? 342 HOH A O   1 
HETATM 1278 O  O   . HOH D 4 .   ? 11.455  -1.315  8.265   1.00 30.70 ? 343 HOH A O   1 
HETATM 1279 O  O   . HOH D 4 .   ? 0.551   5.959   -14.730 1.00 26.77 ? 344 HOH A O   1 
HETATM 1280 O  O   . HOH D 4 .   ? 4.959   -19.270 7.912   1.00 35.96 ? 345 HOH A O   1 
HETATM 1281 O  O   . HOH D 4 .   ? 1.228   -12.009 -8.072  1.00 34.50 ? 346 HOH A O   1 
HETATM 1282 O  O   . HOH D 4 .   ? 2.364   4.562   -13.753 1.00 31.22 ? 347 HOH A O   1 
HETATM 1283 O  O   . HOH D 4 .   ? 4.712   18.718  8.108   1.00 30.34 ? 348 HOH A O   1 
HETATM 1284 O  O   . HOH D 4 .   ? -2.300  17.402  -12.543 1.00 28.78 ? 349 HOH A O   1 
HETATM 1285 O  O   . HOH D 4 .   ? 12.584  -13.938 3.370   1.00 28.26 ? 350 HOH A O   1 
HETATM 1286 O  O   . HOH D 4 .   ? 2.798   -11.602 12.392  1.00 29.57 ? 351 HOH A O   1 
HETATM 1287 O  O   . HOH D 4 .   ? 3.463   -10.582 -8.561  1.00 35.44 ? 352 HOH A O   1 
HETATM 1288 O  O   . HOH D 4 .   ? 6.971   14.883  6.707   1.00 25.79 ? 353 HOH A O   1 
HETATM 1289 O  O   . HOH D 4 .   ? -11.130 8.707   -10.958 1.00 31.89 ? 354 HOH A O   1 
HETATM 1290 O  O   . HOH D 4 .   ? -1.070  4.143   -16.354 1.00 33.31 ? 355 HOH A O   1 
HETATM 1291 O  O   . HOH D 4 .   ? 12.549  -8.803  -9.140  1.00 28.96 ? 356 HOH A O   1 
HETATM 1292 O  O   . HOH D 4 .   ? 12.348  11.261  6.009   1.00 27.75 ? 357 HOH A O   1 
HETATM 1293 O  O   . HOH D 4 .   ? 0.672   -22.750 -4.897  1.00 36.31 ? 358 HOH A O   1 
HETATM 1294 O  O   . HOH D 4 .   ? -8.042  -10.889 2.859   1.00 33.24 ? 359 HOH A O   1 
HETATM 1295 O  O   . HOH D 4 .   ? 18.353  -5.873  -2.038  1.00 32.13 ? 360 HOH A O   1 
HETATM 1296 O  O   . HOH D 4 .   ? 3.019   -9.394  -11.239 1.00 37.94 ? 361 HOH A O   1 
HETATM 1297 O  O   . HOH D 4 .   ? -13.495 -6.003  2.353   1.00 38.05 ? 362 HOH A O   1 
HETATM 1298 O  O   . HOH D 4 .   ? 1.970   -7.342  -12.197 1.00 36.55 ? 363 HOH A O   1 
HETATM 1299 O  O   . HOH D 4 .   ? 3.029   -17.911 -0.693  1.00 37.30 ? 364 HOH A O   1 
HETATM 1300 O  O   . HOH D 4 .   ? 12.633  10.777  0.508   1.00 32.00 ? 365 HOH A O   1 
HETATM 1301 O  O   . HOH D 4 .   ? 0.322   -0.114  -14.767 1.00 29.97 ? 366 HOH A O   1 
HETATM 1302 O  O   . HOH D 4 .   ? 5.764   3.843   -15.432 1.00 35.66 ? 367 HOH A O   1 
HETATM 1303 O  O   . HOH D 4 .   ? 10.798  12.225  1.755   1.00 31.10 ? 368 HOH A O   1 
HETATM 1304 O  O   . HOH D 4 .   ? -12.255 -1.318  -6.215  1.00 38.50 ? 369 HOH A O   1 
HETATM 1305 O  O   . HOH D 4 .   ? -9.153  4.888   9.221   1.00 45.00 ? 370 HOH A O   1 
HETATM 1306 O  O   . HOH D 4 .   ? 14.957  10.391  5.760   1.00 29.04 ? 371 HOH A O   1 
HETATM 1307 O  O   . HOH D 4 .   ? 6.039   14.958  2.615   1.00 27.45 ? 372 HOH A O   1 
HETATM 1308 O  O   . HOH D 4 .   ? -0.761  -5.938  -10.615 1.00 39.27 ? 373 HOH A O   1 
HETATM 1309 O  O   . HOH D 4 .   ? 6.479   -15.500 8.156   1.00 35.46 ? 374 HOH A O   1 
HETATM 1310 O  O   . HOH D 4 .   ? 14.751  -6.141  1.153   1.00 32.57 ? 375 HOH A O   1 
HETATM 1311 O  O   . HOH D 4 .   ? 14.323  5.990   9.410   1.00 37.20 ? 376 HOH A O   1 
HETATM 1312 O  O   . HOH D 4 .   ? -11.710 15.566  1.604   1.00 45.02 ? 377 HOH A O   1 
HETATM 1313 O  O   . HOH D 4 .   ? 2.724   1.699   -14.560 1.00 36.70 ? 378 HOH A O   1 
HETATM 1314 O  O   . HOH D 4 .   ? -12.179 11.738  3.666   1.00 51.91 ? 379 HOH A O   1 
HETATM 1315 O  O   . HOH D 4 .   ? -4.010  -14.418 10.320  1.00 39.54 ? 380 HOH A O   1 
HETATM 1316 O  O   . HOH D 4 .   ? 12.179  1.065   8.928   1.00 41.77 ? 381 HOH A O   1 
HETATM 1317 O  O   . HOH D 4 .   ? -13.077 -0.803  17.558  1.00 44.36 ? 382 HOH A O   1 
HETATM 1318 O  O   . HOH D 4 .   ? -1.158  17.879  -10.357 1.00 39.38 ? 383 HOH A O   1 
HETATM 1319 O  O   . HOH D 4 .   ? -7.728  -3.481  -10.965 1.00 40.70 ? 384 HOH A O   1 
HETATM 1320 O  O   . HOH D 4 .   ? 16.288  -10.951 1.619   1.00 60.19 ? 385 HOH A O   1 
HETATM 1321 O  O   . HOH D 4 .   ? 13.952  -10.600 -7.368  1.00 32.19 ? 386 HOH A O   1 
HETATM 1322 O  O   . HOH D 4 .   ? -12.724 13.260  0.526   1.00 41.15 ? 387 HOH A O   1 
HETATM 1323 O  O   . HOH D 4 .   ? 0.750   7.246   14.640  1.00 37.47 ? 388 HOH A O   1 
HETATM 1324 O  O   . HOH D 4 .   ? -2.592  21.650  -4.207  1.00 44.33 ? 389 HOH A O   1 
HETATM 1325 O  O   . HOH D 4 .   ? 6.243   -12.319 12.981  1.00 40.29 ? 390 HOH A O   1 
HETATM 1326 O  O   . HOH D 4 .   ? 7.087   -17.045 -3.105  1.00 41.23 ? 391 HOH A O   1 
HETATM 1327 O  O   . HOH D 4 .   ? -12.493 -2.924  -8.468  1.00 53.90 ? 392 HOH A O   1 
HETATM 1328 O  O   . HOH D 4 .   ? -2.518  20.416  -8.928  1.00 34.14 ? 393 HOH A O   1 
HETATM 1329 O  O   . HOH D 4 .   ? -2.523  -4.190  -9.542  1.00 40.07 ? 394 HOH A O   1 
HETATM 1330 O  O   . HOH D 4 .   ? 14.236  -7.323  3.587   1.00 41.18 ? 395 HOH A O   1 
HETATM 1331 O  O   . HOH D 4 .   ? 4.211   4.229   16.562  1.00 45.60 ? 396 HOH A O   1 
HETATM 1332 O  O   . HOH D 4 .   ? -10.933 15.687  -8.102  1.00 52.99 ? 397 HOH A O   1 
HETATM 1333 O  O   . HOH D 4 .   ? -13.756 -7.494  4.608   1.00 65.68 ? 398 HOH A O   1 
HETATM 1334 O  O   . HOH D 4 .   ? 14.714  3.668   11.712  1.00 52.71 ? 399 HOH A O   1 
HETATM 1335 O  O   . HOH D 4 .   ? -1.566  21.706  1.881   1.00 43.64 ? 400 HOH A O   1 
HETATM 1336 O  O   . HOH D 4 .   ? -0.836  23.997  4.267   1.00 46.95 ? 401 HOH A O   1 
HETATM 1337 O  O   . HOH D 4 .   ? -9.997  19.301  -9.211  1.00 44.09 ? 402 HOH A O   1 
HETATM 1338 O  O   . HOH D 4 .   ? 5.214   -12.569 -9.011  1.00 50.22 ? 403 HOH A O   1 
HETATM 1339 O  O   . HOH D 4 .   ? -3.174  -14.107 -8.696  1.00 43.70 ? 404 HOH A O   1 
HETATM 1340 O  O   . HOH D 4 .   ? 10.719  -15.857 -4.907  1.00 46.05 ? 405 HOH A O   1 
HETATM 1341 O  O   . HOH D 4 .   ? 14.843  2.574   1.410   1.00 34.53 ? 406 HOH A O   1 
HETATM 1342 O  O   . HOH D 4 .   ? -0.779  -7.814  15.584  1.00 40.07 ? 407 HOH A O   1 
HETATM 1343 O  O   . HOH D 4 .   ? 0.300   21.926  -0.243  1.00 45.68 ? 408 HOH A O   1 
HETATM 1344 O  O   . HOH D 4 .   ? 8.093   9.361   4.861   1.00 38.16 ? 409 HOH A O   1 
HETATM 1345 O  O   . HOH D 4 .   ? -13.258 -4.973  -5.294  1.00 41.20 ? 410 HOH A O   1 
HETATM 1346 O  O   . HOH D 4 .   ? 4.665   -0.528  17.238  1.00 45.92 ? 411 HOH A O   1 
HETATM 1347 O  O   . HOH D 4 .   ? 7.419   -13.770 -8.387  1.00 40.33 ? 412 HOH A O   1 
HETATM 1348 O  O   . HOH D 4 .   ? 11.080  -13.814 -0.943  1.00 47.24 ? 413 HOH A O   1 
HETATM 1349 O  O   . HOH D 4 .   ? -14.004 8.903   -14.336 1.00 42.78 ? 414 HOH A O   1 
HETATM 1350 O  O   . HOH D 4 .   ? -11.029 -5.712  -7.636  1.00 38.87 ? 415 HOH A O   1 
HETATM 1351 O  O   . HOH D 4 .   ? 5.050   -21.344 -2.075  1.00 42.67 ? 416 HOH A O   1 
HETATM 1352 O  O   . HOH D 4 .   ? -16.902 0.692   5.991   1.00 56.89 ? 417 HOH A O   1 
HETATM 1353 O  O   . HOH D 4 .   ? -0.813  -6.378  -17.789 1.00 53.41 ? 418 HOH A O   1 
HETATM 1354 O  O   . HOH D 4 .   ? -15.593 6.345   -2.741  1.00 38.35 ? 419 HOH A O   1 
HETATM 1355 O  O   . HOH D 4 .   ? 5.239   1.495   -15.730 1.00 36.30 ? 420 HOH A O   1 
HETATM 1356 O  O   . HOH D 4 .   ? 10.176  8.327   6.192   1.00 34.28 ? 421 HOH A O   1 
HETATM 1357 O  O   . HOH D 4 .   ? -4.814  -11.207 -4.391  1.00 41.07 ? 422 HOH A O   1 
HETATM 1358 O  O   . HOH D 4 .   ? 15.940  -7.710  -16.120 1.00 43.89 ? 423 HOH A O   1 
HETATM 1359 O  O   . HOH D 4 .   ? 15.045  -10.394 3.558   1.00 50.41 ? 424 HOH A O   1 
HETATM 1360 O  O   . HOH D 4 .   ? 10.427  -13.436 10.270  1.00 47.69 ? 425 HOH A O   1 
HETATM 1361 O  O   . HOH D 4 .   ? 8.687   11.840  4.187   1.00 38.29 ? 426 HOH A O   1 
HETATM 1362 O  O   . HOH D 4 .   ? -4.359  18.334  4.034   1.00 50.37 ? 427 HOH A O   1 
HETATM 1363 O  O   . HOH D 4 .   ? 8.277   -0.329  -13.677 1.00 41.93 ? 428 HOH A O   1 
HETATM 1364 O  O   . HOH D 4 .   ? -0.897  12.048  14.097  1.00 45.63 ? 429 HOH A O   1 
HETATM 1365 O  O   . HOH D 4 .   ? 3.381   -19.166 -5.873  1.00 68.11 ? 430 HOH A O   1 
HETATM 1366 O  O   . HOH D 4 .   ? -17.966 6.905   -4.170  1.00 54.84 ? 431 HOH A O   1 
HETATM 1367 O  O   . HOH D 4 .   ? 7.636   0.442   -16.011 1.00 50.66 ? 432 HOH A O   1 
HETATM 1368 O  O   . HOH D 4 .   ? 14.127  6.578   6.273   1.00 36.75 ? 433 HOH A O   1 
HETATM 1369 O  O   . HOH D 4 .   ? 3.663   -23.195 -4.655  1.00 71.47 ? 434 HOH A O   1 
HETATM 1370 O  O   . HOH D 4 .   ? 10.368  -1.455  13.025  1.00 55.57 ? 435 HOH A O   1 
HETATM 1371 O  O   . HOH D 4 .   ? 15.872  -9.975  -14.414 1.00 56.52 ? 436 HOH A O   1 
HETATM 1372 O  O   . HOH D 4 .   ? 7.361   -17.612 -5.760  1.00 51.55 ? 437 HOH A O   1 
HETATM 1373 O  O   . HOH D 4 .   ? 6.955   -1.025  15.954  1.00 44.20 ? 438 HOH A O   1 
HETATM 1374 O  O   . HOH D 4 .   ? 11.327  -11.984 -7.212  1.00 39.22 ? 439 HOH A O   1 
HETATM 1375 O  O   . HOH D 4 .   ? -7.640  -5.605  -12.592 1.00 51.05 ? 440 HOH A O   1 
HETATM 1376 O  O   . HOH D 4 .   ? -13.424 -2.784  11.001  1.00 43.50 ? 441 HOH A O   1 
HETATM 1377 O  O   . HOH D 4 .   ? 13.381  -2.185  6.302   1.00 37.45 ? 442 HOH A O   1 
HETATM 1378 O  O   . HOH D 4 .   ? -12.888 -0.656  12.753  1.00 48.86 ? 443 HOH A O   1 
HETATM 1379 O  O   . HOH D 4 .   ? -14.929 -0.426  -0.327  1.00 49.40 ? 444 HOH A O   1 
HETATM 1380 O  O   . HOH D 4 .   ? 4.303   -15.141 -8.553  1.00 53.03 ? 445 HOH A O   1 
HETATM 1381 O  O   . HOH D 4 .   ? 2.921   -21.701 -7.182  1.00 64.08 ? 446 HOH A O   1 
HETATM 1382 O  O   . HOH D 4 .   ? 6.733   -7.163  18.754  1.00 53.08 ? 447 HOH A O   1 
HETATM 1383 O  O   . HOH D 4 .   ? 14.959  -0.320  5.260   1.00 48.16 ? 448 HOH A O   1 
HETATM 1384 O  O   . HOH D 4 .   ? -6.815  0.591   16.548  1.00 46.12 ? 449 HOH A O   1 
HETATM 1385 O  O   . HOH D 4 .   ? 14.712  -4.684  5.403   1.00 49.68 ? 450 HOH A O   1 
HETATM 1386 O  O   . HOH D 4 .   ? 11.742  -14.717 -7.101  1.00 52.72 ? 451 HOH A O   1 
HETATM 1387 O  O   . HOH D 4 .   ? -0.543  -11.427 -10.466 1.00 54.89 ? 452 HOH A O   1 
HETATM 1388 O  O   . HOH D 4 .   ? -13.542 15.327  -9.111  1.00 48.64 ? 453 HOH A O   1 
HETATM 1389 O  O   . HOH D 4 .   ? -16.903 4.887   0.611   1.00 49.08 ? 454 HOH A O   1 
HETATM 1390 O  O   . HOH D 4 .   ? -15.902 -1.750  1.843   1.00 49.14 ? 455 HOH A O   1 
HETATM 1391 O  O   . HOH D 4 .   ? -5.192  -4.344  -12.580 1.00 38.91 ? 456 HOH A O   1 
HETATM 1392 O  O   . HOH D 4 .   ? 14.683  4.533   3.240   1.00 42.13 ? 457 HOH A O   1 
HETATM 1393 O  O   . HOH D 4 .   ? -12.281 -1.985  8.502   1.00 41.34 ? 458 HOH A O   1 
HETATM 1394 O  O   . HOH D 4 .   ? 13.368  2.851   7.307   1.00 52.53 ? 459 HOH A O   1 
HETATM 1395 O  O   . HOH D 4 .   ? -0.812  22.646  -2.626  1.00 44.98 ? 460 HOH A O   1 
HETATM 1396 O  O   . HOH D 4 .   ? 8.481   -8.846  16.370  1.00 52.69 ? 461 HOH A O   1 
HETATM 1397 O  O   . HOH D 4 .   ? -13.562 5.684   -10.127 1.00 59.00 ? 462 HOH A O   1 
HETATM 1398 O  O   . HOH D 4 .   ? 2.742   -20.275 -2.740  1.00 54.44 ? 463 HOH A O   1 
HETATM 1399 O  O   . HOH D 4 .   ? -7.972  4.002   16.063  1.00 53.98 ? 464 HOH A O   1 
HETATM 1400 O  O   . HOH D 4 .   ? -16.110 14.006  -9.753  1.00 55.88 ? 465 HOH A O   1 
HETATM 1401 O  O   . HOH D 4 .   ? 17.083  -6.847  0.172   1.00 56.08 ? 466 HOH A O   1 
HETATM 1402 O  O   . HOH D 4 .   ? 7.406   -11.075 15.205  1.00 55.00 ? 467 HOH A O   1 
HETATM 1403 O  O   . HOH D 4 .   ? -18.673 10.163  -3.228  1.00 49.24 ? 468 HOH A O   1 
HETATM 1404 O  O   . HOH D 4 .   ? 12.972  -8.174  -17.680 1.00 61.02 ? 469 HOH A O   1 
HETATM 1405 O  O   . HOH D 4 .   ? 11.358  -17.954 5.306   1.00 87.15 ? 470 HOH A O   1 
HETATM 1406 O  O   . HOH D 4 .   ? 17.246  3.975   4.549   1.00 56.10 ? 471 HOH A O   1 
HETATM 1407 O  O   . HOH D 4 .   ? -4.003  9.504   10.525  1.00 47.33 ? 472 HOH A O   1 
HETATM 1408 O  O   . HOH D 4 .   ? -14.481 -2.897  4.193   1.00 47.12 ? 473 HOH A O   1 
HETATM 1409 O  O   . HOH D 4 .   ? 5.073   2.019   17.193  1.00 48.18 ? 474 HOH A O   1 
HETATM 1410 O  O   . HOH D 4 .   ? -3.561  22.535  0.423   1.00 59.06 ? 475 HOH A O   1 
HETATM 1411 O  O   . HOH D 4 .   ? -4.994  -4.626  -8.556  1.00 38.93 ? 476 HOH A O   1 
HETATM 1412 O  O   . HOH D 4 .   ? -8.391  -10.369 -8.109  1.00 50.42 ? 477 HOH A O   1 
HETATM 1413 O  O   . HOH D 4 .   ? -14.792 -2.167  -2.825  1.00 56.15 ? 478 HOH A O   1 
HETATM 1414 O  O   . HOH D 4 .   ? 17.202  10.991  4.707   1.00 57.10 ? 479 HOH A O   1 
HETATM 1415 O  O   . HOH D 4 .   ? -14.113 0.272   -6.774  1.00 66.93 ? 480 HOH A O   1 
HETATM 1416 O  O   . HOH D 4 .   ? -15.970 8.678   -16.211 1.00 54.68 ? 481 HOH A O   1 
HETATM 1417 O  O   . HOH D 4 .   ? 6.898   -4.493  -16.929 1.00 60.60 ? 482 HOH A O   1 
HETATM 1418 O  O   . HOH D 4 .   ? -7.240  19.579  -1.153  1.00 48.59 ? 483 HOH A O   1 
HETATM 1419 O  O   . HOH D 4 .   ? 12.287  -7.461  12.924  1.00 57.67 ? 484 HOH A O   1 
HETATM 1420 O  O   . HOH D 4 .   ? -5.437  22.026  -1.995  1.00 52.37 ? 485 HOH A O   1 
HETATM 1421 O  O   . HOH D 4 .   ? 1.681   -6.526  16.517  1.00 46.47 ? 486 HOH A O   1 
HETATM 1422 O  O   . HOH D 4 .   ? -6.478  18.578  2.023   1.00 63.83 ? 487 HOH A O   1 
HETATM 1423 O  O   . HOH D 4 .   ? 5.627   -3.084  17.283  1.00 77.27 ? 488 HOH A O   1 
HETATM 1424 O  O   . HOH D 4 .   ? 12.815  8.676   4.934   1.00 27.95 ? 489 HOH A O   1 
HETATM 1425 O  O   . HOH D 4 .   ? -14.729 -1.567  6.912   1.00 43.97 ? 490 HOH A O   1 
HETATM 1426 O  O   . HOH D 4 .   ? -10.409 13.667  3.344   1.00 55.65 ? 491 HOH A O   1 
HETATM 1427 O  O   . HOH D 4 .   ? 15.468  -8.533  7.165   1.00 59.64 ? 492 HOH A O   1 
HETATM 1428 O  O   . HOH D 4 .   ? -19.213 5.170   2.548   1.00 55.81 ? 493 HOH A O   1 
HETATM 1429 O  O   . HOH D 4 .   ? 1.210   -20.010 -8.913  1.00 70.24 ? 494 HOH A O   1 
HETATM 1430 O  O   . HOH D 4 .   ? 1.656   -11.734 -12.192 1.00 57.55 ? 495 HOH A O   1 
HETATM 1431 O  O   . HOH D 4 .   ? 16.138  -6.091  7.344   1.00 57.41 ? 496 HOH A O   1 
HETATM 1432 O  O   . HOH D 4 .   ? 3.429   -14.283 -12.133 1.00 65.82 ? 497 HOH A O   1 
HETATM 1433 O  O   . HOH D 4 .   ? 14.559  9.644   2.687   1.00 26.58 ? 498 HOH A O   1 
HETATM 1434 O  O   . HOH D 4 .   ? -2.127  -27.596 -3.771  1.00 34.13 ? 499 HOH A O   1 
HETATM 1435 O  O   . HOH D 4 .   ? 3.706   -4.445  18.480  1.00 54.54 ? 500 HOH A O   1 
HETATM 1436 O  O   . HOH D 4 .   ? -2.030  -27.041 -1.507  1.00 26.13 ? 501 HOH A O   1 
HETATM 1437 O  O   . HOH D 4 .   ? 13.978  12.237  3.672   1.00 23.92 ? 502 HOH A O   1 
HETATM 1438 O  O   . HOH D 4 .   ? -7.061  -8.444  -9.230  1.00 53.52 ? 503 HOH A O   1 
HETATM 1439 O  O   . HOH D 4 .   ? -9.804  19.862  -6.677  1.00 56.65 ? 504 HOH A O   1 
HETATM 1440 O  O   . HOH D 4 .   ? 12.261  7.497   7.606   1.00 68.60 ? 505 HOH A O   1 
HETATM 1441 O  O   . HOH D 4 .   ? -8.359  5.231   11.622  1.00 46.99 ? 506 HOH A O   1 
HETATM 1442 O  O   . HOH D 4 .   ? 11.688  10.421  3.142   1.00 28.97 ? 507 HOH A O   1 
HETATM 1443 O  O   . HOH D 4 .   ? 14.786  7.106   3.688   1.00 60.10 ? 508 HOH A O   1 
HETATM 1444 O  O   . HOH D 4 .   ? -2.285  -11.800 -5.491  1.00 48.90 ? 509 HOH A O   1 
HETATM 1445 O  O   . HOH D 4 .   ? -14.330 4.003   -7.866  1.00 50.30 ? 510 HOH A O   1 
HETATM 1446 O  O   . HOH D 4 .   ? -3.134  -12.706 8.526   1.00 31.39 ? 511 HOH A O   1 
HETATM 1447 O  O   . HOH D 4 .   ? 4.494   5.497   14.205  1.00 25.92 ? 512 HOH A O   1 
HETATM 1448 O  O   . HOH D 4 .   ? -13.048 10.745  1.269   1.00 32.34 ? 513 HOH A O   1 
HETATM 1449 O  O   . HOH D 4 .   ? 15.646  -12.882 0.237   1.00 42.15 ? 514 HOH A O   1 
HETATM 1450 O  O   . HOH D 4 .   ? 13.724  -16.298 2.290   1.00 48.16 ? 515 HOH A O   1 
# 
